data_2YUX
#
_entry.id   2YUX
#
_entity_poly.entity_id   1
_entity_poly.type   'polypeptide(L)'
_entity_poly.pdbx_seq_one_letter_code
;GSSGSSGASIDIQIIDRPGPPQIVKIEDVWGENVALTWTPPKDDGNAAITGYTIQKADKKSMEWFTVIEHYHRTSATITE
LVIGNEYYFRVFSENMCGLSEDATMTKESAVIARDGKIYK
;
_entity_poly.pdbx_strand_id   A
#
# COMPACT_ATOMS: atom_id res chain seq x y z
N GLY A 1 33.14 6.14 0.47
CA GLY A 1 33.30 6.97 1.66
C GLY A 1 33.04 6.16 2.93
N SER A 2 33.00 6.87 4.05
CA SER A 2 32.75 6.23 5.33
C SER A 2 32.29 7.26 6.36
N SER A 3 31.19 6.96 7.01
CA SER A 3 30.62 7.84 8.01
C SER A 3 29.57 7.11 8.83
N GLY A 4 29.21 7.72 9.95
CA GLY A 4 28.21 7.13 10.83
C GLY A 4 27.38 8.23 11.52
N SER A 5 26.63 7.81 12.53
CA SER A 5 25.79 8.72 13.27
C SER A 5 25.09 7.99 14.42
N SER A 6 25.34 8.48 15.63
CA SER A 6 24.74 7.88 16.81
C SER A 6 24.96 8.79 18.02
N GLY A 7 23.87 9.05 18.72
CA GLY A 7 23.92 9.90 19.90
C GLY A 7 22.61 10.66 20.08
N ALA A 8 21.94 10.39 21.19
CA ALA A 8 20.68 11.04 21.49
C ALA A 8 20.20 10.61 22.88
N SER A 9 19.44 11.49 23.51
CA SER A 9 18.91 11.21 24.83
C SER A 9 17.49 11.74 24.95
N ILE A 10 16.59 11.14 24.18
CA ILE A 10 15.19 11.53 24.19
C ILE A 10 14.35 10.42 23.58
N ASP A 11 13.14 10.28 24.11
CA ASP A 11 12.22 9.25 23.63
C ASP A 11 10.91 9.92 23.22
N ILE A 12 10.87 10.34 21.96
CA ILE A 12 9.68 10.99 21.42
C ILE A 12 8.59 9.94 21.21
N GLN A 13 7.89 9.64 22.29
CA GLN A 13 6.81 8.66 22.23
C GLN A 13 5.45 9.36 22.17
N ILE A 14 5.05 9.68 20.96
CA ILE A 14 3.77 10.35 20.75
C ILE A 14 2.87 9.48 19.87
N ILE A 15 2.01 8.71 20.54
CA ILE A 15 1.09 7.83 19.84
C ILE A 15 0.10 8.67 19.04
N ASP A 16 -0.30 8.14 17.89
CA ASP A 16 -1.25 8.82 17.03
C ASP A 16 -1.44 8.02 15.74
N ARG A 17 -2.56 8.28 15.08
CA ARG A 17 -2.86 7.59 13.83
C ARG A 17 -1.61 7.53 12.95
N PRO A 18 -1.40 6.32 12.34
CA PRO A 18 -0.25 6.11 11.48
C PRO A 18 -0.47 6.79 10.12
N GLY A 19 0.61 7.38 9.61
CA GLY A 19 0.55 8.07 8.33
C GLY A 19 0.57 7.06 7.18
N PRO A 20 0.45 7.62 5.94
CA PRO A 20 0.46 6.78 4.75
C PRO A 20 1.87 6.28 4.43
N PRO A 21 1.95 5.36 3.44
CA PRO A 21 3.22 4.79 3.04
C PRO A 21 4.03 5.80 2.22
N GLN A 22 5.35 5.70 2.34
CA GLN A 22 6.25 6.59 1.63
C GLN A 22 5.78 6.75 0.18
N ILE A 23 5.47 5.63 -0.45
CA ILE A 23 5.01 5.64 -1.82
C ILE A 23 4.30 4.32 -2.13
N VAL A 24 3.58 4.32 -3.24
CA VAL A 24 2.85 3.13 -3.66
C VAL A 24 2.94 2.98 -5.17
N LYS A 25 3.51 1.87 -5.59
CA LYS A 25 3.68 1.60 -7.01
C LYS A 25 3.06 0.24 -7.34
N ILE A 26 3.05 -0.07 -8.62
CA ILE A 26 2.49 -1.34 -9.09
C ILE A 26 3.59 -2.16 -9.76
N GLU A 27 4.00 -3.22 -9.07
CA GLU A 27 5.04 -4.09 -9.59
C GLU A 27 4.77 -4.42 -11.06
N ASP A 28 3.53 -4.78 -11.33
CA ASP A 28 3.13 -5.13 -12.69
C ASP A 28 1.70 -5.67 -12.67
N VAL A 29 1.22 -6.03 -13.85
CA VAL A 29 -0.12 -6.57 -13.99
C VAL A 29 -0.15 -7.59 -15.13
N TRP A 30 -0.62 -8.79 -14.79
CA TRP A 30 -0.70 -9.86 -15.76
C TRP A 30 -2.05 -10.56 -15.59
N GLY A 31 -2.46 -11.24 -16.65
CA GLY A 31 -3.73 -11.95 -16.62
C GLY A 31 -4.79 -11.16 -15.86
N GLU A 32 -5.31 -11.79 -14.82
CA GLU A 32 -6.33 -11.15 -14.00
C GLU A 32 -5.80 -10.91 -12.58
N ASN A 33 -4.55 -10.47 -12.52
CA ASN A 33 -3.92 -10.19 -11.24
C ASN A 33 -3.03 -8.96 -11.36
N VAL A 34 -2.98 -8.19 -10.28
CA VAL A 34 -2.18 -6.99 -10.26
C VAL A 34 -1.14 -7.09 -9.14
N ALA A 35 0.03 -6.51 -9.41
CA ALA A 35 1.11 -6.54 -8.44
C ALA A 35 1.34 -5.12 -7.90
N LEU A 36 1.12 -4.97 -6.60
CA LEU A 36 1.29 -3.68 -5.96
C LEU A 36 2.63 -3.67 -5.21
N THR A 37 3.16 -2.47 -5.04
CA THR A 37 4.43 -2.31 -4.34
C THR A 37 4.47 -0.98 -3.60
N TRP A 38 4.39 -1.06 -2.29
CA TRP A 38 4.41 0.13 -1.44
C TRP A 38 5.66 0.08 -0.58
N THR A 39 6.15 1.25 -0.21
CA THR A 39 7.34 1.35 0.61
C THR A 39 6.95 1.46 2.09
N PRO A 40 7.94 1.15 2.96
CA PRO A 40 7.71 1.21 4.40
C PRO A 40 7.69 2.66 4.89
N PRO A 41 7.19 2.83 6.14
CA PRO A 41 7.10 4.16 6.74
C PRO A 41 8.48 4.65 7.18
N LYS A 42 8.60 5.96 7.28
CA LYS A 42 9.85 6.57 7.70
C LYS A 42 9.82 6.81 9.21
N ASP A 43 8.64 6.60 9.78
CA ASP A 43 8.47 6.79 11.22
C ASP A 43 8.83 5.49 11.95
N ASP A 44 7.96 4.51 11.80
CA ASP A 44 8.17 3.22 12.43
C ASP A 44 8.74 3.44 13.84
N GLY A 45 7.98 4.16 14.64
CA GLY A 45 8.40 4.45 16.01
C GLY A 45 7.19 4.80 16.88
N ASN A 46 6.43 3.76 17.22
CA ASN A 46 5.25 3.95 18.05
C ASN A 46 4.56 2.60 18.26
N ALA A 47 4.06 2.06 17.17
CA ALA A 47 3.37 0.78 17.21
C ALA A 47 3.83 -0.08 16.03
N ALA A 48 4.43 -1.21 16.36
CA ALA A 48 4.92 -2.12 15.34
C ALA A 48 3.91 -2.20 14.20
N ILE A 49 4.30 -1.64 13.07
CA ILE A 49 3.44 -1.63 11.89
C ILE A 49 2.86 -3.03 11.68
N THR A 50 1.66 -3.23 12.21
CA THR A 50 0.99 -4.52 12.08
C THR A 50 1.05 -5.01 10.64
N GLY A 51 0.60 -4.15 9.74
CA GLY A 51 0.59 -4.48 8.32
C GLY A 51 0.15 -3.30 7.48
N TYR A 52 -0.56 -3.61 6.40
CA TYR A 52 -1.06 -2.58 5.51
C TYR A 52 -2.30 -3.06 4.74
N THR A 53 -3.38 -2.32 4.91
CA THR A 53 -4.63 -2.66 4.25
C THR A 53 -4.63 -2.16 2.81
N ILE A 54 -4.99 -3.04 1.90
CA ILE A 54 -5.03 -2.70 0.49
C ILE A 54 -6.49 -2.61 0.03
N GLN A 55 -6.74 -1.67 -0.86
CA GLN A 55 -8.09 -1.47 -1.38
C GLN A 55 -8.03 -1.20 -2.90
N LYS A 56 -8.83 -1.96 -3.63
CA LYS A 56 -8.89 -1.80 -5.07
C LYS A 56 -10.25 -1.22 -5.47
N ALA A 57 -10.24 -0.48 -6.57
CA ALA A 57 -11.46 0.14 -7.06
C ALA A 57 -11.34 0.34 -8.57
N ASP A 58 -12.49 0.38 -9.22
CA ASP A 58 -12.54 0.56 -10.67
C ASP A 58 -12.90 2.02 -10.98
N LYS A 59 -12.70 2.38 -12.24
CA LYS A 59 -12.99 3.74 -12.67
C LYS A 59 -14.44 3.81 -13.17
N LYS A 60 -15.27 2.94 -12.62
CA LYS A 60 -16.67 2.89 -12.99
C LYS A 60 -17.52 3.41 -11.83
N SER A 61 -17.23 2.89 -10.64
CA SER A 61 -17.96 3.29 -9.45
C SER A 61 -16.98 3.78 -8.39
N MET A 62 -15.70 3.72 -8.73
CA MET A 62 -14.66 4.16 -7.81
C MET A 62 -14.91 3.63 -6.40
N GLU A 63 -15.46 2.43 -6.34
CA GLU A 63 -15.76 1.80 -5.07
C GLU A 63 -14.51 1.09 -4.53
N TRP A 64 -14.27 1.30 -3.24
CA TRP A 64 -13.12 0.69 -2.60
C TRP A 64 -13.62 -0.51 -1.77
N PHE A 65 -13.04 -1.66 -2.07
CA PHE A 65 -13.42 -2.89 -1.37
C PHE A 65 -12.21 -3.52 -0.69
N THR A 66 -12.26 -3.58 0.63
CA THR A 66 -11.19 -4.16 1.40
C THR A 66 -10.64 -5.41 0.71
N VAL A 67 -9.39 -5.31 0.28
CA VAL A 67 -8.75 -6.42 -0.41
C VAL A 67 -8.07 -7.32 0.63
N ILE A 68 -7.35 -6.69 1.54
CA ILE A 68 -6.64 -7.42 2.58
C ILE A 68 -6.40 -6.49 3.78
N GLU A 69 -6.50 -7.07 4.97
CA GLU A 69 -6.30 -6.30 6.19
C GLU A 69 -5.25 -6.98 7.07
N HIS A 70 -4.67 -6.20 7.97
CA HIS A 70 -3.65 -6.71 8.86
C HIS A 70 -2.70 -7.63 8.10
N TYR A 71 -2.13 -7.08 7.04
CA TYR A 71 -1.19 -7.85 6.22
C TYR A 71 0.18 -7.91 6.86
N HIS A 72 1.14 -8.42 6.10
CA HIS A 72 2.50 -8.55 6.59
C HIS A 72 3.47 -7.96 5.55
N ARG A 73 3.60 -8.68 4.45
CA ARG A 73 4.48 -8.24 3.38
C ARG A 73 4.10 -6.84 2.90
N THR A 74 4.93 -6.30 2.03
CA THR A 74 4.69 -4.97 1.49
C THR A 74 4.15 -5.05 0.06
N SER A 75 3.95 -6.28 -0.39
CA SER A 75 3.43 -6.51 -1.73
C SER A 75 2.35 -7.60 -1.69
N ALA A 76 1.33 -7.37 -2.50
CA ALA A 76 0.21 -8.32 -2.57
C ALA A 76 -0.30 -8.38 -4.00
N THR A 77 -0.61 -9.58 -4.44
CA THR A 77 -1.12 -9.79 -5.79
C THR A 77 -2.65 -9.77 -5.79
N ILE A 78 -3.18 -8.78 -6.49
CA ILE A 78 -4.64 -8.64 -6.58
C ILE A 78 -5.18 -9.69 -7.55
N THR A 79 -6.49 -9.91 -7.44
CA THR A 79 -7.15 -10.89 -8.29
C THR A 79 -8.50 -10.36 -8.75
N GLU A 80 -9.26 -11.23 -9.42
CA GLU A 80 -10.57 -10.86 -9.92
C GLU A 80 -10.50 -9.52 -10.65
N LEU A 81 -9.79 -9.53 -11.76
CA LEU A 81 -9.63 -8.33 -12.57
C LEU A 81 -10.09 -8.62 -14.00
N VAL A 82 -10.86 -7.69 -14.54
CA VAL A 82 -11.37 -7.83 -15.90
C VAL A 82 -10.39 -7.17 -16.88
N ILE A 83 -10.03 -7.93 -17.90
CA ILE A 83 -9.10 -7.43 -18.91
C ILE A 83 -9.82 -6.40 -19.79
N GLY A 84 -9.11 -5.31 -20.07
CA GLY A 84 -9.67 -4.26 -20.90
C GLY A 84 -10.29 -3.15 -20.04
N ASN A 85 -9.52 -2.70 -19.07
CA ASN A 85 -9.97 -1.66 -18.17
C ASN A 85 -8.85 -1.28 -17.21
N GLU A 86 -9.11 -0.24 -16.42
CA GLU A 86 -8.12 0.23 -15.45
C GLU A 86 -8.70 0.17 -14.04
N TYR A 87 -7.80 0.26 -13.07
CA TYR A 87 -8.21 0.23 -11.68
C TYR A 87 -7.21 0.96 -10.79
N TYR A 88 -7.67 1.37 -9.62
CA TYR A 88 -6.82 2.07 -8.67
C TYR A 88 -6.51 1.20 -7.46
N PHE A 89 -5.63 1.71 -6.61
CA PHE A 89 -5.24 1.00 -5.42
C PHE A 89 -4.60 1.94 -4.39
N ARG A 90 -4.87 1.66 -3.13
CA ARG A 90 -4.32 2.47 -2.05
C ARG A 90 -3.88 1.59 -0.88
N VAL A 91 -2.74 1.93 -0.32
CA VAL A 91 -2.20 1.18 0.79
C VAL A 91 -2.37 1.98 2.09
N PHE A 92 -2.92 1.33 3.09
CA PHE A 92 -3.15 1.98 4.37
C PHE A 92 -2.10 1.55 5.39
N SER A 93 -2.17 2.16 6.56
CA SER A 93 -1.23 1.84 7.63
C SER A 93 -1.99 1.52 8.91
N GLU A 94 -1.71 0.32 9.44
CA GLU A 94 -2.35 -0.13 10.66
C GLU A 94 -1.32 -0.39 11.74
N ASN A 95 -1.80 -0.80 12.91
CA ASN A 95 -0.94 -1.09 14.03
C ASN A 95 -1.78 -1.26 15.29
N MET A 96 -2.54 -0.22 15.60
CA MET A 96 -3.40 -0.23 16.78
C MET A 96 -4.49 0.83 16.67
N CYS A 97 -4.09 2.00 16.20
CA CYS A 97 -5.01 3.11 16.06
C CYS A 97 -6.12 2.68 15.11
N GLY A 98 -5.72 2.38 13.87
CA GLY A 98 -6.66 1.95 12.86
C GLY A 98 -6.06 2.09 11.46
N LEU A 99 -6.90 2.54 10.53
CA LEU A 99 -6.46 2.71 9.16
C LEU A 99 -6.01 4.16 8.95
N SER A 100 -4.90 4.31 8.23
CA SER A 100 -4.36 5.62 7.96
C SER A 100 -5.43 6.50 7.31
N GLU A 101 -5.57 7.71 7.86
CA GLU A 101 -6.54 8.65 7.33
C GLU A 101 -6.36 8.84 5.83
N ASP A 102 -5.10 8.95 5.43
CA ASP A 102 -4.79 9.14 4.02
C ASP A 102 -4.06 7.88 3.50
N ALA A 103 -4.23 7.65 2.22
CA ALA A 103 -3.59 6.49 1.58
C ALA A 103 -2.88 6.94 0.31
N THR A 104 -1.68 6.41 0.14
CA THR A 104 -0.87 6.76 -1.03
C THR A 104 -1.37 5.99 -2.26
N MET A 105 -2.16 6.68 -3.07
CA MET A 105 -2.71 6.09 -4.27
C MET A 105 -1.67 6.09 -5.40
N THR A 106 -1.62 4.97 -6.10
CA THR A 106 -0.68 4.83 -7.21
C THR A 106 -0.76 6.04 -8.14
N LYS A 107 0.39 6.69 -8.29
CA LYS A 107 0.47 7.87 -9.14
C LYS A 107 -0.37 7.65 -10.39
N GLU A 108 -0.46 6.39 -10.79
CA GLU A 108 -1.22 6.02 -11.98
C GLU A 108 -2.03 4.76 -11.72
N SER A 109 -2.86 4.42 -12.69
CA SER A 109 -3.69 3.22 -12.58
C SER A 109 -3.03 2.06 -13.31
N ALA A 110 -3.51 0.86 -12.98
CA ALA A 110 -2.97 -0.35 -13.61
C ALA A 110 -3.93 -0.82 -14.69
N VAL A 111 -3.42 -0.90 -15.91
CA VAL A 111 -4.21 -1.33 -17.04
C VAL A 111 -4.17 -2.86 -17.13
N ILE A 112 -5.33 -3.47 -16.97
CA ILE A 112 -5.44 -4.92 -17.04
C ILE A 112 -5.30 -5.37 -18.49
N ALA A 113 -4.55 -6.45 -18.67
CA ALA A 113 -4.33 -6.99 -19.99
C ALA A 113 -3.51 -8.28 -19.89
N ARG A 114 -3.77 -9.20 -20.81
CA ARG A 114 -3.08 -10.46 -20.83
C ARG A 114 -1.69 -10.30 -21.43
N ASP A 115 -0.87 -9.50 -20.76
CA ASP A 115 0.49 -9.25 -21.21
C ASP A 115 1.33 -8.76 -20.03
N GLY A 116 2.63 -8.70 -20.27
CA GLY A 116 3.56 -8.26 -19.24
C GLY A 116 4.90 -7.86 -19.85
N LYS A 117 5.27 -6.60 -19.61
CA LYS A 117 6.53 -6.08 -20.13
C LYS A 117 7.55 -6.02 -19.00
N ILE A 118 8.64 -6.75 -19.19
CA ILE A 118 9.71 -6.79 -18.21
C ILE A 118 10.55 -5.53 -18.32
N TYR A 119 10.05 -4.46 -17.70
CA TYR A 119 10.75 -3.19 -17.73
C TYR A 119 11.75 -3.09 -16.58
N LYS A 120 12.08 -4.25 -16.03
CA LYS A 120 13.02 -4.30 -14.92
C LYS A 120 13.41 -5.76 -14.66
N GLY A 1 8.50 10.66 -7.75
CA GLY A 1 9.79 11.22 -7.40
C GLY A 1 10.87 10.14 -7.37
N SER A 2 11.45 9.95 -6.20
CA SER A 2 12.50 8.95 -6.03
C SER A 2 12.47 8.39 -4.62
N SER A 3 13.25 7.34 -4.41
CA SER A 3 13.31 6.71 -3.11
C SER A 3 14.28 7.47 -2.20
N GLY A 4 14.24 7.12 -0.92
CA GLY A 4 15.11 7.77 0.06
C GLY A 4 16.38 6.94 0.28
N SER A 5 17.10 7.31 1.33
CA SER A 5 18.34 6.62 1.66
C SER A 5 18.12 5.75 2.90
N SER A 6 19.10 4.90 3.17
CA SER A 6 19.04 4.00 4.32
C SER A 6 19.10 4.82 5.62
N GLY A 7 18.48 4.27 6.65
CA GLY A 7 18.45 4.94 7.94
C GLY A 7 17.78 4.05 8.99
N ALA A 8 18.59 3.52 9.88
CA ALA A 8 18.09 2.66 10.95
C ALA A 8 18.38 3.31 12.30
N SER A 9 17.34 3.91 12.86
CA SER A 9 17.46 4.58 14.15
C SER A 9 16.11 5.13 14.58
N ILE A 10 15.80 4.94 15.86
CA ILE A 10 14.55 5.41 16.41
C ILE A 10 14.73 6.84 16.93
N ASP A 11 14.31 7.79 16.11
CA ASP A 11 14.42 9.20 16.46
C ASP A 11 13.19 9.95 15.95
N ILE A 12 13.03 11.17 16.45
CA ILE A 12 11.91 12.00 16.04
C ILE A 12 10.66 11.13 15.88
N GLN A 13 9.99 10.89 17.00
CA GLN A 13 8.79 10.08 17.00
C GLN A 13 7.54 10.96 16.91
N ILE A 14 6.65 10.60 16.01
CA ILE A 14 5.42 11.35 15.83
C ILE A 14 4.24 10.54 16.36
N ILE A 15 3.93 10.78 17.63
CA ILE A 15 2.83 10.07 18.28
C ILE A 15 1.58 10.18 17.39
N ASP A 16 0.51 9.56 17.87
CA ASP A 16 -0.74 9.57 17.14
C ASP A 16 -0.71 8.49 16.05
N ARG A 17 -1.83 8.34 15.37
CA ARG A 17 -1.94 7.36 14.30
C ARG A 17 -0.80 7.55 13.30
N PRO A 18 -0.44 6.42 12.62
CA PRO A 18 0.62 6.44 11.64
C PRO A 18 0.16 7.13 10.35
N GLY A 19 1.13 7.43 9.50
CA GLY A 19 0.84 8.09 8.24
C GLY A 19 0.77 7.07 7.10
N PRO A 20 0.61 7.60 5.86
CA PRO A 20 0.52 6.75 4.68
C PRO A 20 1.89 6.18 4.30
N PRO A 21 1.88 5.28 3.29
CA PRO A 21 3.11 4.66 2.83
C PRO A 21 3.93 5.64 1.98
N GLN A 22 5.25 5.56 2.16
CA GLN A 22 6.15 6.44 1.44
C GLN A 22 5.67 6.59 -0.02
N ILE A 23 5.49 5.46 -0.68
CA ILE A 23 5.04 5.46 -2.06
C ILE A 23 4.32 4.14 -2.36
N VAL A 24 3.54 4.16 -3.43
CA VAL A 24 2.80 2.98 -3.83
C VAL A 24 2.90 2.82 -5.36
N LYS A 25 3.55 1.73 -5.76
CA LYS A 25 3.71 1.44 -7.17
C LYS A 25 3.13 0.07 -7.49
N ILE A 26 3.11 -0.25 -8.78
CA ILE A 26 2.58 -1.53 -9.22
C ILE A 26 3.69 -2.32 -9.91
N GLU A 27 4.24 -3.27 -9.15
CA GLU A 27 5.31 -4.11 -9.67
C GLU A 27 5.05 -4.46 -11.14
N ASP A 28 3.80 -4.79 -11.42
CA ASP A 28 3.40 -5.15 -12.78
C ASP A 28 1.98 -5.70 -12.76
N VAL A 29 1.43 -5.88 -13.96
CA VAL A 29 0.09 -6.40 -14.09
C VAL A 29 0.04 -7.42 -15.24
N TRP A 30 -0.38 -8.63 -14.91
CA TRP A 30 -0.47 -9.68 -15.89
C TRP A 30 -1.83 -10.36 -15.73
N GLY A 31 -2.35 -10.84 -16.85
CA GLY A 31 -3.64 -11.51 -16.86
C GLY A 31 -4.61 -10.84 -15.89
N GLU A 32 -5.11 -11.63 -14.95
CA GLU A 32 -6.04 -11.13 -13.96
C GLU A 32 -5.36 -11.03 -12.58
N ASN A 33 -4.08 -10.68 -12.63
CA ASN A 33 -3.30 -10.55 -11.40
C ASN A 33 -2.45 -9.28 -11.48
N VAL A 34 -2.61 -8.43 -10.49
CA VAL A 34 -1.87 -7.19 -10.43
C VAL A 34 -0.83 -7.27 -9.31
N ALA A 35 0.31 -6.64 -9.54
CA ALA A 35 1.38 -6.63 -8.57
C ALA A 35 1.54 -5.22 -8.00
N LEU A 36 1.37 -5.12 -6.69
CA LEU A 36 1.49 -3.83 -6.02
C LEU A 36 2.83 -3.79 -5.27
N THR A 37 3.33 -2.57 -5.11
CA THR A 37 4.60 -2.37 -4.42
C THR A 37 4.60 -1.00 -3.72
N TRP A 38 4.51 -1.06 -2.40
CA TRP A 38 4.51 0.15 -1.59
C TRP A 38 5.75 0.13 -0.70
N THR A 39 6.21 1.32 -0.36
CA THR A 39 7.39 1.46 0.48
C THR A 39 6.99 1.53 1.95
N PRO A 40 7.98 1.26 2.83
CA PRO A 40 7.74 1.29 4.27
C PRO A 40 7.64 2.72 4.78
N PRO A 41 7.05 2.86 6.00
CA PRO A 41 6.89 4.18 6.61
C PRO A 41 8.23 4.70 7.14
N LYS A 42 8.38 6.01 7.07
CA LYS A 42 9.59 6.65 7.54
C LYS A 42 9.58 6.70 9.07
N ASP A 43 8.45 6.30 9.63
CA ASP A 43 8.29 6.28 11.07
C ASP A 43 7.43 5.09 11.48
N ASP A 44 8.05 4.17 12.22
CA ASP A 44 7.36 2.98 12.67
C ASP A 44 7.86 2.62 14.08
N GLY A 45 7.16 3.14 15.07
CA GLY A 45 7.51 2.88 16.45
C GLY A 45 6.42 3.39 17.41
N ASN A 46 5.89 4.55 17.08
CA ASN A 46 4.85 5.15 17.88
C ASN A 46 3.75 4.12 18.14
N ALA A 47 3.28 3.52 17.06
CA ALA A 47 2.23 2.52 17.15
C ALA A 47 2.65 1.27 16.35
N ALA A 48 2.96 0.21 17.09
CA ALA A 48 3.37 -1.04 16.47
C ALA A 48 2.51 -1.29 15.22
N ILE A 49 3.15 -1.23 14.07
CA ILE A 49 2.46 -1.45 12.81
C ILE A 49 2.11 -2.94 12.68
N THR A 50 0.90 -3.26 13.11
CA THR A 50 0.43 -4.64 13.06
C THR A 50 0.54 -5.17 11.63
N GLY A 51 -0.14 -4.50 10.72
CA GLY A 51 -0.12 -4.90 9.32
C GLY A 51 -0.49 -3.73 8.41
N TYR A 52 -0.86 -4.06 7.18
CA TYR A 52 -1.25 -3.05 6.21
C TYR A 52 -2.48 -3.48 5.43
N THR A 53 -3.42 -2.56 5.31
CA THR A 53 -4.65 -2.83 4.58
C THR A 53 -4.59 -2.22 3.19
N ILE A 54 -5.03 -3.00 2.21
CA ILE A 54 -5.03 -2.55 0.83
C ILE A 54 -6.47 -2.53 0.31
N GLN A 55 -6.75 -1.54 -0.53
CA GLN A 55 -8.08 -1.39 -1.09
C GLN A 55 -7.98 -0.88 -2.54
N LYS A 56 -8.88 -1.37 -3.37
CA LYS A 56 -8.92 -0.97 -4.77
C LYS A 56 -10.30 -0.42 -5.10
N ALA A 57 -10.38 0.20 -6.27
CA ALA A 57 -11.63 0.77 -6.73
C ALA A 57 -11.61 0.90 -8.25
N ASP A 58 -12.63 0.34 -8.87
CA ASP A 58 -12.75 0.38 -10.32
C ASP A 58 -12.87 1.83 -10.78
N LYS A 59 -12.62 2.04 -12.06
CA LYS A 59 -12.70 3.37 -12.63
C LYS A 59 -14.10 3.58 -13.22
N LYS A 60 -15.05 2.87 -12.65
CA LYS A 60 -16.43 2.96 -13.11
C LYS A 60 -17.21 3.89 -12.17
N SER A 61 -16.97 3.71 -10.88
CA SER A 61 -17.64 4.52 -9.87
C SER A 61 -16.66 4.84 -8.74
N MET A 62 -15.38 4.63 -9.01
CA MET A 62 -14.35 4.89 -8.03
C MET A 62 -14.79 4.44 -6.64
N GLU A 63 -15.38 3.25 -6.59
CA GLU A 63 -15.86 2.69 -5.33
C GLU A 63 -14.79 1.76 -4.74
N TRP A 64 -14.54 1.95 -3.46
CA TRP A 64 -13.56 1.14 -2.75
C TRP A 64 -14.30 0.25 -1.76
N PHE A 65 -13.71 -0.90 -1.47
CA PHE A 65 -14.30 -1.83 -0.54
C PHE A 65 -13.23 -2.47 0.35
N THR A 66 -12.61 -3.52 -0.18
CA THR A 66 -11.57 -4.21 0.55
C THR A 66 -10.84 -5.19 -0.37
N VAL A 67 -9.54 -5.34 -0.12
CA VAL A 67 -8.72 -6.23 -0.92
C VAL A 67 -8.00 -7.21 0.01
N ILE A 68 -7.46 -6.66 1.08
CA ILE A 68 -6.74 -7.46 2.05
C ILE A 68 -6.71 -6.75 3.41
N GLU A 69 -6.68 -7.54 4.46
CA GLU A 69 -6.66 -6.99 5.81
C GLU A 69 -5.69 -7.78 6.69
N HIS A 70 -4.99 -7.06 7.56
CA HIS A 70 -4.03 -7.69 8.45
C HIS A 70 -2.90 -8.32 7.64
N TYR A 71 -2.24 -7.48 6.85
CA TYR A 71 -1.14 -7.95 6.02
C TYR A 71 0.20 -7.61 6.66
N HIS A 72 1.25 -8.19 6.09
CA HIS A 72 2.59 -7.96 6.60
C HIS A 72 3.50 -7.50 5.45
N ARG A 73 3.65 -8.38 4.48
CA ARG A 73 4.49 -8.07 3.32
C ARG A 73 4.19 -6.67 2.81
N THR A 74 5.04 -6.21 1.90
CA THR A 74 4.87 -4.89 1.32
C THR A 74 4.29 -4.99 -0.10
N SER A 75 4.06 -6.22 -0.52
CA SER A 75 3.51 -6.48 -1.84
C SER A 75 2.42 -7.55 -1.75
N ALA A 76 1.40 -7.38 -2.59
CA ALA A 76 0.29 -8.31 -2.62
C ALA A 76 -0.25 -8.41 -4.04
N THR A 77 -0.50 -9.63 -4.48
CA THR A 77 -1.02 -9.87 -5.81
C THR A 77 -2.55 -9.80 -5.80
N ILE A 78 -3.07 -8.80 -6.51
CA ILE A 78 -4.51 -8.62 -6.60
C ILE A 78 -5.10 -9.68 -7.53
N THR A 79 -6.36 -9.98 -7.28
CA THR A 79 -7.06 -10.97 -8.08
C THR A 79 -8.47 -10.49 -8.43
N GLU A 80 -9.15 -11.30 -9.22
CA GLU A 80 -10.51 -10.96 -9.64
C GLU A 80 -10.51 -9.64 -10.41
N LEU A 81 -9.77 -9.63 -11.52
CA LEU A 81 -9.69 -8.44 -12.35
C LEU A 81 -10.16 -8.76 -13.76
N VAL A 82 -10.85 -7.80 -14.36
CA VAL A 82 -11.35 -7.98 -15.70
C VAL A 82 -10.36 -7.39 -16.71
N ILE A 83 -10.09 -8.16 -17.75
CA ILE A 83 -9.16 -7.72 -18.78
C ILE A 83 -9.88 -6.76 -19.73
N GLY A 84 -9.30 -5.57 -19.86
CA GLY A 84 -9.86 -4.55 -20.73
C GLY A 84 -10.41 -3.38 -19.91
N ASN A 85 -9.73 -3.09 -18.83
CA ASN A 85 -10.14 -1.99 -17.95
C ASN A 85 -8.99 -1.62 -17.02
N GLU A 86 -9.22 -0.58 -16.24
CA GLU A 86 -8.21 -0.11 -15.31
C GLU A 86 -8.76 -0.09 -13.88
N TYR A 87 -7.86 0.02 -12.92
CA TYR A 87 -8.25 0.05 -11.52
C TYR A 87 -7.21 0.80 -10.68
N TYR A 88 -7.65 1.24 -9.52
CA TYR A 88 -6.77 1.97 -8.61
C TYR A 88 -6.44 1.12 -7.38
N PHE A 89 -5.52 1.65 -6.57
CA PHE A 89 -5.10 0.95 -5.36
C PHE A 89 -4.49 1.93 -4.36
N ARG A 90 -4.69 1.62 -3.09
CA ARG A 90 -4.16 2.45 -2.02
C ARG A 90 -3.90 1.62 -0.77
N VAL A 91 -2.71 1.79 -0.22
CA VAL A 91 -2.33 1.06 0.97
C VAL A 91 -2.54 1.95 2.21
N PHE A 92 -2.88 1.30 3.30
CA PHE A 92 -3.11 2.02 4.55
C PHE A 92 -2.19 1.51 5.66
N SER A 93 -1.73 2.44 6.48
CA SER A 93 -0.85 2.10 7.59
C SER A 93 -1.68 1.82 8.84
N GLU A 94 -1.78 0.55 9.17
CA GLU A 94 -2.54 0.13 10.34
C GLU A 94 -1.62 0.08 11.57
N ASN A 95 -2.25 -0.10 12.72
CA ASN A 95 -1.50 -0.17 13.97
C ASN A 95 -2.48 -0.34 15.13
N MET A 96 -1.97 -0.10 16.33
CA MET A 96 -2.79 -0.21 17.53
C MET A 96 -3.63 1.05 17.75
N CYS A 97 -4.40 1.39 16.74
CA CYS A 97 -5.25 2.56 16.81
C CYS A 97 -6.36 2.43 15.76
N GLY A 98 -5.97 2.61 14.51
CA GLY A 98 -6.92 2.50 13.41
C GLY A 98 -6.26 2.89 12.09
N LEU A 99 -6.95 2.55 11.00
CA LEU A 99 -6.45 2.85 9.67
C LEU A 99 -6.17 4.36 9.57
N SER A 100 -5.45 4.73 8.53
CA SER A 100 -5.11 6.12 8.30
C SER A 100 -6.31 6.87 7.72
N GLU A 101 -6.22 8.19 7.74
CA GLU A 101 -7.30 9.03 7.23
C GLU A 101 -7.38 8.89 5.70
N ASP A 102 -6.27 8.45 5.11
CA ASP A 102 -6.21 8.27 3.68
C ASP A 102 -5.13 7.23 3.34
N ALA A 103 -5.10 6.85 2.08
CA ALA A 103 -4.12 5.87 1.61
C ALA A 103 -3.45 6.39 0.34
N THR A 104 -2.13 6.27 0.32
CA THR A 104 -1.36 6.72 -0.83
C THR A 104 -1.72 5.90 -2.07
N MET A 105 -2.56 6.49 -2.91
CA MET A 105 -2.99 5.83 -4.13
C MET A 105 -1.95 6.01 -5.24
N THR A 106 -1.77 4.94 -6.01
CA THR A 106 -0.82 4.96 -7.11
C THR A 106 -1.07 6.18 -8.00
N LYS A 107 -0.03 6.98 -8.16
CA LYS A 107 -0.12 8.17 -8.99
C LYS A 107 -0.91 7.84 -10.26
N GLU A 108 -0.79 6.60 -10.69
CA GLU A 108 -1.48 6.14 -11.89
C GLU A 108 -2.29 4.87 -11.58
N SER A 109 -2.97 4.40 -12.61
CA SER A 109 -3.79 3.20 -12.47
C SER A 109 -3.12 2.02 -13.19
N ALA A 110 -3.67 0.84 -12.96
CA ALA A 110 -3.13 -0.36 -13.58
C ALA A 110 -4.11 -0.87 -14.64
N VAL A 111 -3.63 -0.91 -15.87
CA VAL A 111 -4.45 -1.37 -16.98
C VAL A 111 -4.28 -2.88 -17.15
N ILE A 112 -5.40 -3.58 -17.03
CA ILE A 112 -5.38 -5.03 -17.17
C ILE A 112 -5.18 -5.40 -18.64
N ALA A 113 -4.60 -6.56 -18.84
CA ALA A 113 -4.33 -7.05 -20.19
C ALA A 113 -3.75 -8.47 -20.12
N ARG A 114 -4.02 -9.22 -21.17
CA ARG A 114 -3.53 -10.59 -21.24
C ARG A 114 -2.19 -10.64 -21.99
N ASP A 115 -1.12 -10.46 -21.25
CA ASP A 115 0.21 -10.48 -21.82
C ASP A 115 1.25 -10.49 -20.70
N GLY A 116 2.15 -11.46 -20.78
CA GLY A 116 3.19 -11.60 -19.78
C GLY A 116 4.57 -11.74 -20.43
N LYS A 117 5.18 -10.60 -20.72
CA LYS A 117 6.49 -10.59 -21.34
C LYS A 117 7.27 -9.37 -20.85
N ILE A 118 8.53 -9.29 -21.29
CA ILE A 118 9.39 -8.18 -20.90
C ILE A 118 9.57 -8.19 -19.39
N TYR A 119 10.83 -8.10 -18.97
CA TYR A 119 11.16 -8.10 -17.57
C TYR A 119 12.35 -7.16 -17.28
N LYS A 120 12.12 -6.23 -16.38
CA LYS A 120 13.15 -5.28 -16.00
C LYS A 120 13.81 -4.73 -17.27
N GLY A 1 23.29 -9.28 17.25
CA GLY A 1 23.88 -8.08 16.70
C GLY A 1 23.24 -6.82 17.31
N SER A 2 22.03 -6.53 16.83
CA SER A 2 21.31 -5.37 17.32
C SER A 2 22.22 -4.13 17.32
N SER A 3 22.17 -3.39 16.22
CA SER A 3 22.99 -2.20 16.09
C SER A 3 22.54 -1.15 17.11
N GLY A 4 23.49 -0.33 17.53
CA GLY A 4 23.21 0.72 18.49
C GLY A 4 23.91 0.45 19.82
N SER A 5 23.96 1.48 20.65
CA SER A 5 24.60 1.36 21.95
C SER A 5 23.72 2.01 23.02
N SER A 6 23.45 3.29 22.83
CA SER A 6 22.63 4.04 23.77
C SER A 6 21.80 5.09 23.02
N GLY A 7 20.66 5.43 23.61
CA GLY A 7 19.78 6.41 23.01
C GLY A 7 18.31 6.05 23.27
N ALA A 8 17.79 6.56 24.38
CA ALA A 8 16.42 6.30 24.75
C ALA A 8 16.06 7.11 26.00
N SER A 9 15.57 8.32 25.76
CA SER A 9 15.20 9.19 26.86
C SER A 9 14.72 10.54 26.31
N ILE A 10 15.57 11.15 25.49
CA ILE A 10 15.26 12.43 24.90
C ILE A 10 14.77 12.22 23.46
N ASP A 11 13.59 11.61 23.36
CA ASP A 11 13.01 11.34 22.06
C ASP A 11 11.73 12.16 21.90
N ILE A 12 11.83 13.24 21.15
CA ILE A 12 10.69 14.11 20.92
C ILE A 12 9.68 13.39 20.03
N GLN A 13 8.86 12.58 20.67
CA GLN A 13 7.83 11.82 19.96
C GLN A 13 6.55 12.64 19.84
N ILE A 14 5.92 12.53 18.68
CA ILE A 14 4.70 13.26 18.43
C ILE A 14 3.60 12.27 18.01
N ILE A 15 2.76 11.93 18.98
CA ILE A 15 1.67 11.00 18.73
C ILE A 15 0.81 11.54 17.59
N ASP A 16 0.16 10.60 16.89
CA ASP A 16 -0.70 10.96 15.78
C ASP A 16 -1.07 9.70 14.99
N ARG A 17 -2.13 9.83 14.20
CA ARG A 17 -2.59 8.71 13.40
C ARG A 17 -1.41 8.02 12.71
N PRO A 18 -1.70 6.83 12.11
CA PRO A 18 -0.68 6.08 11.42
C PRO A 18 -0.32 6.71 10.07
N GLY A 19 0.94 7.09 9.94
CA GLY A 19 1.42 7.71 8.72
C GLY A 19 1.24 6.78 7.52
N PRO A 20 1.06 7.41 6.33
CA PRO A 20 0.87 6.65 5.10
C PRO A 20 2.19 6.04 4.63
N PRO A 21 2.08 5.20 3.56
CA PRO A 21 3.26 4.55 3.00
C PRO A 21 4.10 5.54 2.19
N GLN A 22 5.41 5.37 2.30
CA GLN A 22 6.33 6.24 1.59
C GLN A 22 5.89 6.41 0.14
N ILE A 23 5.85 5.29 -0.57
CA ILE A 23 5.45 5.30 -1.97
C ILE A 23 4.68 4.01 -2.29
N VAL A 24 3.87 4.08 -3.33
CA VAL A 24 3.08 2.94 -3.74
C VAL A 24 3.13 2.81 -5.27
N LYS A 25 3.77 1.74 -5.72
CA LYS A 25 3.90 1.49 -7.15
C LYS A 25 3.39 0.08 -7.46
N ILE A 26 3.33 -0.21 -8.75
CA ILE A 26 2.87 -1.52 -9.20
C ILE A 26 4.04 -2.27 -9.84
N GLU A 27 4.47 -3.33 -9.17
CA GLU A 27 5.56 -4.15 -9.65
C GLU A 27 5.34 -4.50 -11.12
N ASP A 28 4.11 -4.89 -11.43
CA ASP A 28 3.76 -5.25 -12.79
C ASP A 28 2.33 -5.80 -12.81
N VAL A 29 1.86 -6.09 -14.02
CA VAL A 29 0.52 -6.61 -14.20
C VAL A 29 0.51 -7.60 -15.37
N TRP A 30 0.05 -8.81 -15.07
CA TRP A 30 -0.02 -9.85 -16.09
C TRP A 30 -1.44 -10.39 -16.12
N GLY A 31 -2.02 -10.39 -17.31
CA GLY A 31 -3.37 -10.87 -17.50
C GLY A 31 -4.28 -10.39 -16.36
N GLU A 32 -4.87 -11.36 -15.66
CA GLU A 32 -5.76 -11.04 -14.56
C GLU A 32 -5.00 -11.09 -13.23
N ASN A 33 -3.78 -10.58 -13.27
CA ASN A 33 -2.94 -10.55 -12.08
C ASN A 33 -2.14 -9.24 -12.05
N VAL A 34 -2.21 -8.57 -10.92
CA VAL A 34 -1.51 -7.31 -10.75
C VAL A 34 -0.52 -7.44 -9.59
N ALA A 35 0.54 -6.64 -9.65
CA ALA A 35 1.55 -6.66 -8.62
C ALA A 35 1.71 -5.25 -8.04
N LEU A 36 1.49 -5.16 -6.73
CA LEU A 36 1.59 -3.89 -6.03
C LEU A 36 2.90 -3.85 -5.24
N THR A 37 3.41 -2.64 -5.07
CA THR A 37 4.65 -2.45 -4.34
C THR A 37 4.66 -1.10 -3.63
N TRP A 38 4.58 -1.16 -2.30
CA TRP A 38 4.58 0.06 -1.50
C TRP A 38 5.75 -0.02 -0.53
N THR A 39 6.25 1.15 -0.16
CA THR A 39 7.37 1.24 0.78
C THR A 39 6.87 1.48 2.20
N PRO A 40 7.74 1.15 3.18
CA PRO A 40 7.39 1.33 4.58
C PRO A 40 7.46 2.81 4.97
N PRO A 41 6.80 3.12 6.12
CA PRO A 41 6.79 4.49 6.62
C PRO A 41 8.14 4.87 7.24
N LYS A 42 8.49 6.13 7.08
CA LYS A 42 9.75 6.63 7.62
C LYS A 42 9.57 6.97 9.09
N ASP A 43 8.34 6.83 9.56
CA ASP A 43 8.02 7.12 10.95
C ASP A 43 7.90 5.82 11.72
N ASP A 44 8.43 5.82 12.93
CA ASP A 44 8.39 4.65 13.78
C ASP A 44 8.76 5.04 15.21
N GLY A 45 7.73 5.14 16.06
CA GLY A 45 7.93 5.51 17.44
C GLY A 45 6.60 5.62 18.18
N ASN A 46 5.72 6.43 17.62
CA ASN A 46 4.40 6.64 18.21
C ASN A 46 3.37 5.78 17.45
N ALA A 47 2.96 4.71 18.10
CA ALA A 47 1.97 3.81 17.51
C ALA A 47 2.66 2.96 16.44
N ALA A 48 3.15 1.81 16.86
CA ALA A 48 3.83 0.90 15.95
C ALA A 48 2.87 0.51 14.82
N ILE A 49 3.44 0.35 13.63
CA ILE A 49 2.65 -0.02 12.48
C ILE A 49 2.05 -1.41 12.69
N THR A 50 0.74 -1.44 12.89
CA THR A 50 0.04 -2.68 13.11
C THR A 50 -0.01 -3.50 11.82
N GLY A 51 -0.61 -2.93 10.81
CA GLY A 51 -0.72 -3.59 9.52
C GLY A 51 -0.96 -2.58 8.39
N TYR A 52 -1.44 -3.09 7.27
CA TYR A 52 -1.70 -2.25 6.11
C TYR A 52 -2.93 -2.74 5.35
N THR A 53 -3.98 -1.92 5.38
CA THR A 53 -5.21 -2.26 4.70
C THR A 53 -5.10 -1.94 3.21
N ILE A 54 -5.59 -2.87 2.40
CA ILE A 54 -5.55 -2.70 0.96
C ILE A 54 -6.97 -2.73 0.40
N GLN A 55 -7.28 -1.71 -0.39
CA GLN A 55 -8.60 -1.60 -0.99
C GLN A 55 -8.48 -1.19 -2.46
N LYS A 56 -9.41 -1.69 -3.26
CA LYS A 56 -9.43 -1.38 -4.67
C LYS A 56 -10.74 -0.67 -5.03
N ALA A 57 -10.68 0.12 -6.09
CA ALA A 57 -11.86 0.85 -6.54
C ALA A 57 -11.80 1.01 -8.06
N ASP A 58 -12.82 0.48 -8.72
CA ASP A 58 -12.91 0.56 -10.17
C ASP A 58 -13.12 2.01 -10.58
N LYS A 59 -13.14 2.23 -11.89
CA LYS A 59 -13.33 3.57 -12.43
C LYS A 59 -14.82 3.81 -12.64
N LYS A 60 -15.63 2.98 -12.00
CA LYS A 60 -17.07 3.09 -12.10
C LYS A 60 -17.55 4.30 -11.29
N SER A 61 -17.13 4.32 -10.03
CA SER A 61 -17.50 5.40 -9.14
C SER A 61 -16.42 5.61 -8.08
N MET A 62 -15.21 5.17 -8.43
CA MET A 62 -14.08 5.30 -7.52
C MET A 62 -14.45 4.84 -6.12
N GLU A 63 -15.28 3.80 -6.07
CA GLU A 63 -15.72 3.24 -4.79
C GLU A 63 -14.71 2.21 -4.30
N TRP A 64 -14.35 2.33 -3.03
CA TRP A 64 -13.40 1.41 -2.43
C TRP A 64 -14.18 0.49 -1.47
N PHE A 65 -13.63 -0.70 -1.26
CA PHE A 65 -14.25 -1.67 -0.38
C PHE A 65 -13.23 -2.26 0.59
N THR A 66 -12.53 -3.28 0.11
CA THR A 66 -11.52 -3.94 0.91
C THR A 66 -11.03 -5.21 0.21
N VAL A 67 -9.72 -5.41 0.28
CA VAL A 67 -9.12 -6.58 -0.34
C VAL A 67 -8.43 -7.44 0.74
N ILE A 68 -7.73 -6.75 1.64
CA ILE A 68 -7.03 -7.43 2.71
C ILE A 68 -6.96 -6.50 3.93
N GLU A 69 -6.80 -7.11 5.09
CA GLU A 69 -6.70 -6.35 6.33
C GLU A 69 -5.69 -7.00 7.27
N HIS A 70 -5.07 -6.16 8.10
CA HIS A 70 -4.09 -6.63 9.04
C HIS A 70 -2.89 -7.21 8.28
N TYR A 71 -2.53 -6.54 7.20
CA TYR A 71 -1.41 -6.97 6.39
C TYR A 71 -0.10 -6.36 6.88
N HIS A 72 0.93 -7.19 6.93
CA HIS A 72 2.23 -6.74 7.37
C HIS A 72 3.27 -6.99 6.27
N ARG A 73 2.83 -6.82 5.03
CA ARG A 73 3.69 -7.01 3.89
C ARG A 73 3.88 -5.70 3.13
N THR A 74 4.68 -5.77 2.07
CA THR A 74 4.95 -4.60 1.26
C THR A 74 4.58 -4.87 -0.20
N SER A 75 3.88 -5.98 -0.40
CA SER A 75 3.45 -6.36 -1.74
C SER A 75 2.33 -7.40 -1.65
N ALA A 76 1.40 -7.30 -2.59
CA ALA A 76 0.27 -8.22 -2.62
C ALA A 76 -0.20 -8.37 -4.07
N THR A 77 -0.59 -9.59 -4.40
CA THR A 77 -1.08 -9.88 -5.75
C THR A 77 -2.60 -9.77 -5.80
N ILE A 78 -3.08 -9.18 -6.89
CA ILE A 78 -4.50 -9.00 -7.08
C ILE A 78 -5.01 -10.02 -8.09
N THR A 79 -6.29 -10.35 -7.98
CA THR A 79 -6.91 -11.31 -8.87
C THR A 79 -8.28 -10.82 -9.31
N GLU A 80 -8.90 -11.60 -10.20
CA GLU A 80 -10.22 -11.26 -10.70
C GLU A 80 -10.20 -9.86 -11.32
N LEU A 81 -9.43 -9.72 -12.39
CA LEU A 81 -9.32 -8.45 -13.08
C LEU A 81 -9.60 -8.65 -14.56
N VAL A 82 -10.52 -7.84 -15.07
CA VAL A 82 -10.89 -7.92 -16.47
C VAL A 82 -9.85 -7.19 -17.32
N ILE A 83 -9.58 -7.76 -18.49
CA ILE A 83 -8.60 -7.19 -19.40
C ILE A 83 -9.28 -6.13 -20.27
N GLY A 84 -9.04 -4.87 -19.94
CA GLY A 84 -9.61 -3.77 -20.68
C GLY A 84 -10.09 -2.66 -19.74
N ASN A 85 -10.32 -3.05 -18.49
CA ASN A 85 -10.77 -2.10 -17.49
C ASN A 85 -9.59 -1.67 -16.63
N GLU A 86 -9.73 -0.49 -16.04
CA GLU A 86 -8.69 0.06 -15.20
C GLU A 86 -9.15 0.13 -13.74
N TYR A 87 -8.19 0.08 -12.84
CA TYR A 87 -8.49 0.13 -11.41
C TYR A 87 -7.46 1.00 -10.68
N TYR A 88 -7.77 1.26 -9.41
CA TYR A 88 -6.88 2.08 -8.58
C TYR A 88 -6.58 1.37 -7.26
N PHE A 89 -5.32 1.45 -6.87
CA PHE A 89 -4.89 0.83 -5.62
C PHE A 89 -4.50 1.89 -4.58
N ARG A 90 -4.90 1.63 -3.35
CA ARG A 90 -4.60 2.56 -2.26
C ARG A 90 -4.29 1.78 -0.98
N VAL A 91 -3.07 1.97 -0.49
CA VAL A 91 -2.65 1.29 0.72
C VAL A 91 -2.81 2.24 1.91
N PHE A 92 -3.39 1.72 2.98
CA PHE A 92 -3.60 2.50 4.18
C PHE A 92 -2.72 2.01 5.32
N SER A 93 -2.92 2.60 6.49
CA SER A 93 -2.15 2.23 7.67
C SER A 93 -3.09 1.95 8.84
N GLU A 94 -2.73 0.94 9.61
CA GLU A 94 -3.53 0.55 10.77
C GLU A 94 -2.77 0.86 12.07
N ASN A 95 -3.50 0.81 13.17
CA ASN A 95 -2.91 1.07 14.47
C ASN A 95 -4.03 1.25 15.50
N MET A 96 -3.62 1.40 16.75
CA MET A 96 -4.57 1.57 17.84
C MET A 96 -5.54 2.70 17.53
N CYS A 97 -5.13 3.57 16.63
CA CYS A 97 -5.95 4.71 16.25
C CYS A 97 -7.07 4.19 15.32
N GLY A 98 -6.70 3.95 14.07
CA GLY A 98 -7.64 3.46 13.10
C GLY A 98 -7.01 3.37 11.70
N LEU A 99 -7.78 3.78 10.71
CA LEU A 99 -7.30 3.76 9.34
C LEU A 99 -6.71 5.12 8.98
N SER A 100 -5.65 5.09 8.18
CA SER A 100 -4.99 6.31 7.76
C SER A 100 -6.01 7.27 7.14
N GLU A 101 -5.86 8.54 7.47
CA GLU A 101 -6.75 9.57 6.97
C GLU A 101 -6.71 9.60 5.44
N ASP A 102 -5.52 9.32 4.91
CA ASP A 102 -5.34 9.32 3.47
C ASP A 102 -4.42 8.15 3.09
N ALA A 103 -4.61 7.68 1.87
CA ALA A 103 -3.82 6.57 1.36
C ALA A 103 -3.04 7.02 0.13
N THR A 104 -1.80 6.56 0.04
CA THR A 104 -0.94 6.91 -1.07
C THR A 104 -1.35 6.13 -2.33
N MET A 105 -2.10 6.80 -3.19
CA MET A 105 -2.57 6.19 -4.42
C MET A 105 -1.48 6.21 -5.49
N THR A 106 -1.47 5.17 -6.30
CA THR A 106 -0.49 5.06 -7.38
C THR A 106 -0.59 6.27 -8.31
N LYS A 107 0.56 6.88 -8.55
CA LYS A 107 0.62 8.04 -9.43
C LYS A 107 -0.23 7.79 -10.67
N GLU A 108 -0.33 6.52 -11.03
CA GLU A 108 -1.12 6.12 -12.18
C GLU A 108 -1.99 4.91 -11.85
N SER A 109 -2.67 4.40 -12.87
CA SER A 109 -3.53 3.25 -12.70
C SER A 109 -2.94 2.04 -13.43
N ALA A 110 -3.51 0.88 -13.14
CA ALA A 110 -3.05 -0.36 -13.75
C ALA A 110 -4.04 -0.78 -14.84
N VAL A 111 -3.52 -0.84 -16.07
CA VAL A 111 -4.35 -1.22 -17.19
C VAL A 111 -4.20 -2.72 -17.43
N ILE A 112 -5.20 -3.46 -16.97
CA ILE A 112 -5.20 -4.91 -17.12
C ILE A 112 -4.86 -5.26 -18.57
N ALA A 113 -4.13 -6.35 -18.74
CA ALA A 113 -3.72 -6.80 -20.06
C ALA A 113 -2.96 -8.12 -19.93
N ARG A 114 -3.05 -8.93 -20.97
CA ARG A 114 -2.37 -10.21 -21.00
C ARG A 114 -0.98 -10.06 -21.60
N ASP A 115 -0.15 -9.26 -20.92
CA ASP A 115 1.21 -9.02 -21.37
C ASP A 115 2.05 -8.50 -20.21
N GLY A 116 3.04 -9.30 -19.84
CA GLY A 116 3.92 -8.93 -18.74
C GLY A 116 5.36 -9.38 -19.02
N LYS A 117 5.86 -8.97 -20.18
CA LYS A 117 7.20 -9.33 -20.57
C LYS A 117 7.97 -8.06 -20.96
N ILE A 118 9.13 -7.89 -20.36
CA ILE A 118 9.96 -6.73 -20.64
C ILE A 118 9.28 -5.49 -20.07
N TYR A 119 10.08 -4.70 -19.35
CA TYR A 119 9.57 -3.48 -18.75
C TYR A 119 10.66 -2.39 -18.72
N LYS A 120 10.22 -1.16 -18.88
CA LYS A 120 11.13 -0.02 -18.87
C LYS A 120 10.55 1.09 -18.01
N GLY A 1 25.05 -3.44 -1.66
CA GLY A 1 23.69 -2.92 -1.53
C GLY A 1 23.19 -3.05 -0.10
N SER A 2 22.00 -3.63 0.03
CA SER A 2 21.41 -3.82 1.34
C SER A 2 21.31 -2.48 2.08
N SER A 3 20.58 -2.50 3.18
CA SER A 3 20.41 -1.30 3.98
C SER A 3 20.48 -1.66 5.47
N GLY A 4 19.57 -2.52 5.89
CA GLY A 4 19.51 -2.95 7.28
C GLY A 4 18.92 -1.85 8.16
N SER A 5 17.98 -2.25 8.99
CA SER A 5 17.32 -1.32 9.90
C SER A 5 16.50 -2.08 10.93
N SER A 6 16.43 -1.51 12.13
CA SER A 6 15.69 -2.12 13.21
C SER A 6 14.50 -1.24 13.59
N GLY A 7 14.78 0.03 13.84
CA GLY A 7 13.74 0.98 14.21
C GLY A 7 13.19 0.67 15.60
N ALA A 8 13.93 1.11 16.61
CA ALA A 8 13.52 0.89 17.98
C ALA A 8 13.12 2.22 18.61
N SER A 9 12.32 2.13 19.66
CA SER A 9 11.86 3.31 20.36
C SER A 9 11.78 3.03 21.86
N ILE A 10 12.69 3.67 22.60
CA ILE A 10 12.73 3.50 24.03
C ILE A 10 12.77 4.88 24.70
N ASP A 11 12.20 4.94 25.89
CA ASP A 11 12.16 6.18 26.65
C ASP A 11 11.37 7.23 25.85
N ILE A 12 10.82 8.19 26.58
CA ILE A 12 10.04 9.25 25.97
C ILE A 12 9.22 8.67 24.81
N GLN A 13 8.05 8.15 25.17
CA GLN A 13 7.16 7.56 24.18
C GLN A 13 5.91 8.42 24.00
N ILE A 14 5.69 8.85 22.76
CA ILE A 14 4.55 9.68 22.44
C ILE A 14 3.69 8.97 21.40
N ILE A 15 2.64 8.32 21.90
CA ILE A 15 1.72 7.59 21.03
C ILE A 15 1.28 8.52 19.89
N ASP A 16 0.80 7.90 18.82
CA ASP A 16 0.33 8.65 17.67
C ASP A 16 0.01 7.69 16.53
N ARG A 17 -0.72 8.19 15.55
CA ARG A 17 -1.10 7.38 14.40
C ARG A 17 -0.17 7.67 13.22
N PRO A 18 0.25 6.56 12.54
CA PRO A 18 1.14 6.68 11.40
C PRO A 18 0.38 7.20 10.17
N GLY A 19 1.13 7.82 9.27
CA GLY A 19 0.56 8.37 8.06
C GLY A 19 0.53 7.32 6.94
N PRO A 20 0.48 7.83 5.69
CA PRO A 20 0.44 6.94 4.53
C PRO A 20 1.82 6.32 4.27
N PRO A 21 1.84 5.38 3.29
CA PRO A 21 3.09 4.71 2.94
C PRO A 21 4.00 5.63 2.12
N GLN A 22 5.29 5.46 2.33
CA GLN A 22 6.27 6.27 1.62
C GLN A 22 5.85 6.45 0.16
N ILE A 23 5.67 5.34 -0.52
CA ILE A 23 5.28 5.36 -1.92
C ILE A 23 4.50 4.09 -2.25
N VAL A 24 3.79 4.13 -3.36
CA VAL A 24 3.00 3.00 -3.80
C VAL A 24 3.10 2.86 -5.32
N LYS A 25 3.71 1.77 -5.74
CA LYS A 25 3.88 1.50 -7.17
C LYS A 25 3.28 0.14 -7.50
N ILE A 26 3.13 -0.11 -8.79
CA ILE A 26 2.57 -1.36 -9.27
C ILE A 26 3.67 -2.18 -9.93
N GLU A 27 4.19 -3.14 -9.18
CA GLU A 27 5.23 -4.01 -9.69
C GLU A 27 4.98 -4.34 -11.17
N ASP A 28 3.73 -4.69 -11.45
CA ASP A 28 3.35 -5.04 -12.80
C ASP A 28 1.90 -5.56 -12.80
N VAL A 29 1.40 -5.84 -13.99
CA VAL A 29 0.06 -6.34 -14.15
C VAL A 29 -0.01 -7.31 -15.33
N TRP A 30 -0.47 -8.52 -15.04
CA TRP A 30 -0.58 -9.53 -16.07
C TRP A 30 -1.93 -10.24 -15.89
N GLY A 31 -2.40 -10.82 -16.98
CA GLY A 31 -3.67 -11.53 -16.95
C GLY A 31 -4.71 -10.77 -16.15
N GLU A 32 -5.22 -11.43 -15.11
CA GLU A 32 -6.21 -10.83 -14.25
C GLU A 32 -5.65 -10.62 -12.84
N ASN A 33 -4.33 -10.53 -12.77
CA ASN A 33 -3.66 -10.34 -11.49
C ASN A 33 -2.73 -9.12 -11.59
N VAL A 34 -2.81 -8.28 -10.58
CA VAL A 34 -2.00 -7.08 -10.53
C VAL A 34 -0.96 -7.22 -9.41
N ALA A 35 0.14 -6.50 -9.58
CA ALA A 35 1.22 -6.54 -8.59
C ALA A 35 1.41 -5.14 -8.01
N LEU A 36 1.22 -5.05 -6.70
CA LEU A 36 1.36 -3.78 -6.01
C LEU A 36 2.69 -3.77 -5.24
N THR A 37 3.23 -2.58 -5.07
CA THR A 37 4.48 -2.42 -4.36
C THR A 37 4.54 -1.06 -3.65
N TRP A 38 4.41 -1.12 -2.33
CA TRP A 38 4.44 0.09 -1.53
C TRP A 38 5.62 0.00 -0.57
N THR A 39 6.11 1.16 -0.17
CA THR A 39 7.25 1.22 0.74
C THR A 39 6.76 1.39 2.19
N PRO A 40 7.66 1.03 3.15
CA PRO A 40 7.34 1.14 4.55
C PRO A 40 7.37 2.60 5.01
N PRO A 41 6.76 2.84 6.20
CA PRO A 41 6.73 4.18 6.77
C PRO A 41 8.09 4.57 7.34
N LYS A 42 8.40 5.85 7.20
CA LYS A 42 9.67 6.37 7.70
C LYS A 42 9.59 6.52 9.22
N ASP A 43 8.40 6.28 9.75
CA ASP A 43 8.18 6.39 11.17
C ASP A 43 7.53 5.10 11.68
N ASP A 44 8.18 4.49 12.66
CA ASP A 44 7.67 3.26 13.24
C ASP A 44 8.38 3.01 14.58
N GLY A 45 7.84 3.62 15.63
CA GLY A 45 8.40 3.46 16.96
C GLY A 45 7.35 2.95 17.94
N ASN A 46 6.40 3.82 18.25
CA ASN A 46 5.33 3.46 19.17
C ASN A 46 4.65 2.17 18.68
N ALA A 47 4.08 2.26 17.50
CA ALA A 47 3.40 1.11 16.91
C ALA A 47 4.33 0.43 15.91
N ALA A 48 4.31 -0.89 15.94
CA ALA A 48 5.14 -1.68 15.04
C ALA A 48 4.36 -1.98 13.76
N ILE A 49 3.28 -1.25 13.58
CA ILE A 49 2.43 -1.44 12.42
C ILE A 49 2.15 -2.93 12.22
N THR A 50 1.03 -3.37 12.79
CA THR A 50 0.64 -4.75 12.69
C THR A 50 0.69 -5.23 11.23
N GLY A 51 0.19 -4.36 10.35
CA GLY A 51 0.17 -4.68 8.94
C GLY A 51 -0.27 -3.46 8.12
N TYR A 52 -0.82 -3.74 6.94
CA TYR A 52 -1.28 -2.69 6.06
C TYR A 52 -2.53 -3.12 5.29
N THR A 53 -3.52 -2.24 5.26
CA THR A 53 -4.76 -2.52 4.57
C THR A 53 -4.63 -2.19 3.08
N ILE A 54 -5.37 -2.93 2.28
CA ILE A 54 -5.35 -2.74 0.83
C ILE A 54 -6.78 -2.66 0.32
N GLN A 55 -6.95 -1.89 -0.75
CA GLN A 55 -8.26 -1.72 -1.36
C GLN A 55 -8.11 -1.45 -2.85
N LYS A 56 -9.03 -2.01 -3.62
CA LYS A 56 -9.02 -1.85 -5.06
C LYS A 56 -10.33 -1.15 -5.49
N ALA A 57 -10.26 -0.51 -6.65
CA ALA A 57 -11.41 0.19 -7.19
C ALA A 57 -11.25 0.35 -8.69
N ASP A 58 -12.38 0.33 -9.39
CA ASP A 58 -12.38 0.47 -10.84
C ASP A 58 -12.76 1.91 -11.21
N LYS A 59 -12.63 2.20 -12.50
CA LYS A 59 -12.95 3.53 -12.98
C LYS A 59 -14.42 3.56 -13.42
N LYS A 60 -15.20 2.65 -12.87
CA LYS A 60 -16.61 2.56 -13.19
C LYS A 60 -17.43 3.00 -11.97
N SER A 61 -17.02 2.49 -10.82
CA SER A 61 -17.71 2.81 -9.58
C SER A 61 -16.76 3.53 -8.63
N MET A 62 -15.48 3.27 -8.81
CA MET A 62 -14.46 3.87 -7.97
C MET A 62 -14.65 3.49 -6.50
N GLU A 63 -15.41 2.42 -6.30
CA GLU A 63 -15.68 1.94 -4.95
C GLU A 63 -14.46 1.19 -4.41
N TRP A 64 -14.11 1.51 -3.18
CA TRP A 64 -12.97 0.88 -2.53
C TRP A 64 -13.48 -0.32 -1.73
N PHE A 65 -12.97 -1.49 -2.08
CA PHE A 65 -13.37 -2.71 -1.40
C PHE A 65 -12.18 -3.33 -0.65
N THR A 66 -12.28 -3.29 0.67
CA THR A 66 -11.23 -3.84 1.51
C THR A 66 -10.69 -5.13 0.90
N VAL A 67 -9.38 -5.14 0.66
CA VAL A 67 -8.74 -6.30 0.09
C VAL A 67 -8.19 -7.19 1.22
N ILE A 68 -7.49 -6.55 2.15
CA ILE A 68 -6.92 -7.26 3.27
C ILE A 68 -6.64 -6.27 4.41
N GLU A 69 -6.58 -6.81 5.61
CA GLU A 69 -6.32 -5.99 6.79
C GLU A 69 -5.18 -6.60 7.62
N HIS A 70 -4.34 -5.71 8.13
CA HIS A 70 -3.21 -6.12 8.94
C HIS A 70 -2.38 -7.15 8.17
N TYR A 71 -2.08 -6.80 6.92
CA TYR A 71 -1.30 -7.68 6.07
C TYR A 71 0.10 -7.89 6.64
N HIS A 72 0.92 -8.62 5.88
CA HIS A 72 2.28 -8.90 6.30
C HIS A 72 3.26 -8.27 5.32
N ARG A 73 3.41 -8.92 4.17
CA ARG A 73 4.32 -8.42 3.15
C ARG A 73 3.90 -7.02 2.69
N THR A 74 4.76 -6.41 1.90
CA THR A 74 4.50 -5.07 1.40
C THR A 74 3.92 -5.14 -0.01
N SER A 75 3.92 -6.34 -0.57
CA SER A 75 3.40 -6.55 -1.90
C SER A 75 2.27 -7.59 -1.87
N ALA A 76 1.20 -7.29 -2.60
CA ALA A 76 0.05 -8.18 -2.66
C ALA A 76 -0.39 -8.31 -4.12
N THR A 77 -0.99 -9.46 -4.41
CA THR A 77 -1.47 -9.74 -5.75
C THR A 77 -3.00 -9.66 -5.80
N ILE A 78 -3.49 -8.85 -6.71
CA ILE A 78 -4.93 -8.68 -6.87
C ILE A 78 -5.47 -9.73 -7.83
N THR A 79 -6.78 -9.92 -7.79
CA THR A 79 -7.42 -10.89 -8.65
C THR A 79 -8.77 -10.35 -9.14
N GLU A 80 -9.50 -11.23 -9.82
CA GLU A 80 -10.81 -10.86 -10.35
C GLU A 80 -10.74 -9.48 -11.00
N LEU A 81 -10.14 -9.43 -12.18
CA LEU A 81 -10.01 -8.18 -12.90
C LEU A 81 -10.45 -8.39 -14.36
N VAL A 82 -10.68 -7.28 -15.05
CA VAL A 82 -11.10 -7.33 -16.43
C VAL A 82 -9.96 -6.82 -17.33
N ILE A 83 -9.75 -7.53 -18.42
CA ILE A 83 -8.70 -7.16 -19.36
C ILE A 83 -9.22 -6.06 -20.30
N GLY A 84 -8.63 -4.89 -20.17
CA GLY A 84 -9.03 -3.76 -20.99
C GLY A 84 -9.51 -2.59 -20.12
N ASN A 85 -9.83 -2.91 -18.88
CA ASN A 85 -10.29 -1.90 -17.95
C ASN A 85 -9.15 -1.50 -17.01
N GLU A 86 -9.35 -0.40 -16.31
CA GLU A 86 -8.34 0.10 -15.39
C GLU A 86 -8.82 -0.09 -13.94
N TYR A 87 -7.89 0.09 -13.02
CA TYR A 87 -8.20 -0.05 -11.60
C TYR A 87 -7.34 0.89 -10.76
N TYR A 88 -7.69 0.98 -9.49
CA TYR A 88 -6.97 1.84 -8.57
C TYR A 88 -6.73 1.13 -7.23
N PHE A 89 -5.58 1.44 -6.64
CA PHE A 89 -5.23 0.84 -5.36
C PHE A 89 -4.79 1.90 -4.35
N ARG A 90 -4.87 1.54 -3.08
CA ARG A 90 -4.49 2.46 -2.02
C ARG A 90 -4.15 1.68 -0.75
N VAL A 91 -2.91 1.84 -0.31
CA VAL A 91 -2.44 1.17 0.88
C VAL A 91 -2.54 2.11 2.08
N PHE A 92 -3.07 1.58 3.18
CA PHE A 92 -3.24 2.37 4.38
C PHE A 92 -2.39 1.80 5.53
N SER A 93 -1.77 2.70 6.26
CA SER A 93 -0.92 2.31 7.37
C SER A 93 -1.80 1.85 8.55
N GLU A 94 -1.87 0.54 8.71
CA GLU A 94 -2.66 -0.05 9.78
C GLU A 94 -1.86 -0.09 11.08
N ASN A 95 -2.57 -0.03 12.19
CA ASN A 95 -1.94 -0.06 13.49
C ASN A 95 -3.00 -0.26 14.57
N MET A 96 -2.56 -0.23 15.81
CA MET A 96 -3.46 -0.41 16.94
C MET A 96 -4.01 0.93 17.42
N CYS A 97 -4.12 1.86 16.48
CA CYS A 97 -4.63 3.18 16.78
C CYS A 97 -5.74 3.51 15.78
N GLY A 98 -5.39 3.43 14.50
CA GLY A 98 -6.34 3.71 13.45
C GLY A 98 -5.63 4.00 12.13
N LEU A 99 -6.11 3.35 11.07
CA LEU A 99 -5.52 3.53 9.75
C LEU A 99 -5.24 5.02 9.52
N SER A 100 -4.44 5.28 8.51
CA SER A 100 -4.09 6.65 8.16
C SER A 100 -5.30 7.37 7.57
N GLU A 101 -5.42 8.64 7.92
CA GLU A 101 -6.53 9.45 7.44
C GLU A 101 -6.57 9.43 5.91
N ASP A 102 -5.38 9.32 5.32
CA ASP A 102 -5.26 9.29 3.87
C ASP A 102 -4.35 8.12 3.46
N ALA A 103 -4.40 7.80 2.18
CA ALA A 103 -3.60 6.72 1.65
C ALA A 103 -2.87 7.19 0.39
N THR A 104 -1.70 6.61 0.15
CA THR A 104 -0.91 6.97 -1.01
C THR A 104 -1.28 6.08 -2.21
N MET A 105 -2.10 6.65 -3.08
CA MET A 105 -2.54 5.93 -4.26
C MET A 105 -1.42 5.83 -5.29
N THR A 106 -1.40 4.71 -6.00
CA THR A 106 -0.38 4.47 -7.01
C THR A 106 -0.24 5.72 -7.90
N LYS A 107 0.98 6.26 -7.90
CA LYS A 107 1.26 7.44 -8.70
C LYS A 107 0.58 7.31 -10.06
N GLU A 108 0.52 6.07 -10.54
CA GLU A 108 -0.11 5.79 -11.82
C GLU A 108 -1.14 4.66 -11.68
N SER A 109 -2.07 4.64 -12.62
CA SER A 109 -3.11 3.63 -12.61
C SER A 109 -2.56 2.31 -13.15
N ALA A 110 -3.41 1.28 -13.10
CA ALA A 110 -3.02 -0.03 -13.58
C ALA A 110 -3.99 -0.47 -14.69
N VAL A 111 -3.41 -0.82 -15.83
CA VAL A 111 -4.20 -1.26 -16.96
C VAL A 111 -4.03 -2.77 -17.14
N ILE A 112 -5.10 -3.50 -16.82
CA ILE A 112 -5.07 -4.94 -16.94
C ILE A 112 -4.73 -5.33 -18.39
N ALA A 113 -4.01 -6.42 -18.52
CA ALA A 113 -3.62 -6.91 -19.83
C ALA A 113 -3.05 -8.32 -19.70
N ARG A 114 -3.20 -9.09 -20.77
CA ARG A 114 -2.71 -10.46 -20.78
C ARG A 114 -1.25 -10.50 -21.25
N ASP A 115 -0.47 -9.55 -20.74
CA ASP A 115 0.93 -9.46 -21.09
C ASP A 115 1.65 -8.57 -20.07
N GLY A 116 2.62 -9.16 -19.39
CA GLY A 116 3.39 -8.44 -18.41
C GLY A 116 4.89 -8.67 -18.60
N LYS A 117 5.67 -7.84 -17.93
CA LYS A 117 7.12 -7.94 -18.02
C LYS A 117 7.62 -9.01 -17.06
N ILE A 118 8.79 -9.54 -17.36
CA ILE A 118 9.39 -10.57 -16.53
C ILE A 118 10.29 -9.92 -15.48
N TYR A 119 11.49 -10.48 -15.35
CA TYR A 119 12.44 -9.97 -14.38
C TYR A 119 13.80 -9.69 -15.06
N LYS A 120 13.75 -9.57 -16.38
CA LYS A 120 14.95 -9.32 -17.15
C LYS A 120 15.76 -10.60 -17.29
N GLY A 1 11.86 -0.72 -0.71
CA GLY A 1 13.25 -0.31 -0.62
C GLY A 1 13.50 0.96 -1.44
N SER A 2 14.45 1.76 -0.96
CA SER A 2 14.80 3.00 -1.63
C SER A 2 16.15 3.51 -1.13
N SER A 3 16.18 3.82 0.16
CA SER A 3 17.40 4.32 0.78
C SER A 3 17.20 4.45 2.28
N GLY A 4 18.31 4.66 2.99
CA GLY A 4 18.27 4.80 4.43
C GLY A 4 19.61 5.31 4.97
N SER A 5 20.45 4.37 5.39
CA SER A 5 21.75 4.71 5.92
C SER A 5 21.60 5.55 7.20
N SER A 6 22.54 5.37 8.11
CA SER A 6 22.52 6.10 9.36
C SER A 6 23.69 7.07 9.42
N GLY A 7 23.61 8.00 10.36
CA GLY A 7 24.65 8.99 10.53
C GLY A 7 24.63 9.57 11.96
N ALA A 8 23.51 10.21 12.29
CA ALA A 8 23.35 10.81 13.60
C ALA A 8 22.49 9.90 14.47
N SER A 9 22.40 10.25 15.74
CA SER A 9 21.62 9.47 16.68
C SER A 9 20.25 10.13 16.89
N ILE A 10 19.97 11.11 16.03
CA ILE A 10 18.70 11.82 16.11
C ILE A 10 17.58 10.93 15.55
N ASP A 11 16.70 10.51 16.43
CA ASP A 11 15.58 9.67 16.04
C ASP A 11 14.40 10.54 15.65
N ILE A 12 14.24 10.73 14.35
CA ILE A 12 13.16 11.54 13.84
C ILE A 12 11.83 10.80 14.04
N GLN A 13 11.30 10.95 15.25
CA GLN A 13 10.04 10.31 15.60
C GLN A 13 8.87 11.23 15.25
N ILE A 14 7.75 10.59 14.90
CA ILE A 14 6.55 11.34 14.54
C ILE A 14 5.38 10.84 15.39
N ILE A 15 5.07 11.61 16.42
CA ILE A 15 3.97 11.26 17.31
C ILE A 15 2.70 11.08 16.48
N ASP A 16 1.78 10.30 17.05
CA ASP A 16 0.52 10.03 16.38
C ASP A 16 0.74 8.98 15.28
N ARG A 17 -0.36 8.61 14.64
CA ARG A 17 -0.30 7.61 13.57
C ARG A 17 0.95 7.84 12.72
N PRO A 18 1.39 6.73 12.06
CA PRO A 18 2.57 6.79 11.21
C PRO A 18 2.26 7.49 9.89
N GLY A 19 0.97 7.59 9.60
CA GLY A 19 0.52 8.23 8.37
C GLY A 19 0.52 7.24 7.20
N PRO A 20 0.49 7.81 5.97
CA PRO A 20 0.49 6.99 4.76
C PRO A 20 1.88 6.42 4.50
N PRO A 21 1.94 5.54 3.46
CA PRO A 21 3.21 4.91 3.10
C PRO A 21 4.11 5.89 2.35
N GLN A 22 5.37 5.51 2.21
CA GLN A 22 6.33 6.36 1.53
C GLN A 22 5.93 6.55 0.07
N ILE A 23 5.66 5.43 -0.59
CA ILE A 23 5.26 5.46 -1.99
C ILE A 23 4.51 4.17 -2.32
N VAL A 24 3.74 4.23 -3.40
CA VAL A 24 2.96 3.09 -3.84
C VAL A 24 3.10 2.93 -5.36
N LYS A 25 3.74 1.84 -5.75
CA LYS A 25 3.95 1.56 -7.17
C LYS A 25 3.29 0.23 -7.52
N ILE A 26 3.28 -0.05 -8.81
CA ILE A 26 2.68 -1.29 -9.30
C ILE A 26 3.74 -2.09 -10.07
N GLU A 27 4.31 -3.06 -9.37
CA GLU A 27 5.34 -3.90 -9.96
C GLU A 27 4.99 -4.22 -11.42
N ASP A 28 3.73 -4.62 -11.62
CA ASP A 28 3.25 -4.96 -12.95
C ASP A 28 1.83 -5.51 -12.85
N VAL A 29 1.28 -5.85 -14.00
CA VAL A 29 -0.06 -6.40 -14.06
C VAL A 29 -0.16 -7.39 -15.23
N TRP A 30 -0.55 -8.60 -14.89
CA TRP A 30 -0.69 -9.65 -15.89
C TRP A 30 -2.05 -10.31 -15.72
N GLY A 31 -2.61 -10.75 -16.84
CA GLY A 31 -3.92 -11.39 -16.81
C GLY A 31 -4.85 -10.71 -15.80
N GLU A 32 -5.30 -11.51 -14.84
CA GLU A 32 -6.19 -11.00 -13.81
C GLU A 32 -5.45 -10.90 -12.48
N ASN A 33 -4.18 -10.55 -12.56
CA ASN A 33 -3.35 -10.42 -11.37
C ASN A 33 -2.53 -9.13 -11.47
N VAL A 34 -2.61 -8.33 -10.41
CA VAL A 34 -1.88 -7.08 -10.37
C VAL A 34 -0.79 -7.17 -9.30
N ALA A 35 0.30 -6.47 -9.55
CA ALA A 35 1.42 -6.45 -8.63
C ALA A 35 1.59 -5.05 -8.04
N LEU A 36 1.44 -4.96 -6.73
CA LEU A 36 1.57 -3.69 -6.05
C LEU A 36 2.89 -3.66 -5.28
N THR A 37 3.43 -2.46 -5.13
CA THR A 37 4.69 -2.28 -4.43
C THR A 37 4.72 -0.93 -3.71
N TRP A 38 4.58 -1.00 -2.40
CA TRP A 38 4.59 0.22 -1.58
C TRP A 38 5.80 0.16 -0.66
N THR A 39 6.29 1.34 -0.29
CA THR A 39 7.44 1.44 0.59
C THR A 39 6.99 1.54 2.04
N PRO A 40 7.92 1.17 2.97
CA PRO A 40 7.63 1.22 4.38
C PRO A 40 7.65 2.66 4.90
N PRO A 41 7.05 2.85 6.10
CA PRO A 41 7.00 4.17 6.71
C PRO A 41 8.36 4.56 7.30
N LYS A 42 8.61 5.86 7.31
CA LYS A 42 9.86 6.38 7.83
C LYS A 42 9.76 6.51 9.35
N ASP A 43 8.55 6.28 9.85
CA ASP A 43 8.30 6.36 11.28
C ASP A 43 8.07 4.95 11.84
N ASP A 44 8.37 4.81 13.12
CA ASP A 44 8.19 3.53 13.79
C ASP A 44 8.65 3.64 15.24
N GLY A 45 7.71 4.00 16.10
CA GLY A 45 8.01 4.14 17.52
C GLY A 45 6.72 4.33 18.33
N ASN A 46 6.26 5.57 18.37
CA ASN A 46 5.04 5.89 19.09
C ASN A 46 4.00 4.81 18.85
N ALA A 47 3.71 4.57 17.58
CA ALA A 47 2.74 3.57 17.20
C ALA A 47 3.38 2.59 16.21
N ALA A 48 4.13 1.65 16.76
CA ALA A 48 4.80 0.66 15.95
C ALA A 48 3.80 0.02 14.99
N ILE A 49 4.10 0.14 13.71
CA ILE A 49 3.24 -0.42 12.68
C ILE A 49 3.09 -1.93 12.90
N THR A 50 1.95 -2.45 12.48
CA THR A 50 1.68 -3.87 12.61
C THR A 50 1.51 -4.52 11.25
N GLY A 51 0.73 -3.86 10.40
CA GLY A 51 0.48 -4.36 9.05
C GLY A 51 0.06 -3.23 8.11
N TYR A 52 -0.44 -3.63 6.95
CA TYR A 52 -0.89 -2.66 5.96
C TYR A 52 -2.10 -3.18 5.20
N THR A 53 -3.13 -2.36 5.15
CA THR A 53 -4.36 -2.71 4.46
C THR A 53 -4.30 -2.26 3.00
N ILE A 54 -4.94 -3.04 2.15
CA ILE A 54 -4.98 -2.73 0.73
C ILE A 54 -6.42 -2.77 0.23
N GLN A 55 -6.69 -1.94 -0.78
CA GLN A 55 -8.03 -1.88 -1.35
C GLN A 55 -7.94 -1.59 -2.85
N LYS A 56 -8.99 -1.98 -3.55
CA LYS A 56 -9.06 -1.76 -4.99
C LYS A 56 -10.33 -0.99 -5.33
N ALA A 57 -10.26 -0.27 -6.45
CA ALA A 57 -11.41 0.51 -6.89
C ALA A 57 -11.31 0.72 -8.42
N ASP A 58 -12.24 0.09 -9.11
CA ASP A 58 -12.27 0.20 -10.57
C ASP A 58 -12.29 1.67 -10.96
N LYS A 59 -12.06 1.90 -12.25
CA LYS A 59 -12.06 3.26 -12.78
C LYS A 59 -13.46 3.63 -13.25
N LYS A 60 -14.44 2.95 -12.69
CA LYS A 60 -15.83 3.20 -13.05
C LYS A 60 -16.53 3.91 -11.90
N SER A 61 -16.37 3.37 -10.70
CA SER A 61 -16.99 3.94 -9.52
C SER A 61 -15.90 4.31 -8.50
N MET A 62 -14.70 3.82 -8.75
CA MET A 62 -13.58 4.08 -7.88
C MET A 62 -13.98 3.90 -6.41
N GLU A 63 -14.96 3.03 -6.21
CA GLU A 63 -15.45 2.75 -4.87
C GLU A 63 -14.46 1.86 -4.11
N TRP A 64 -14.12 2.29 -2.91
CA TRP A 64 -13.19 1.54 -2.08
C TRP A 64 -14.00 0.60 -1.18
N PHE A 65 -13.73 -0.69 -1.35
CA PHE A 65 -14.42 -1.70 -0.55
C PHE A 65 -13.47 -2.40 0.40
N THR A 66 -12.57 -3.19 -0.18
CA THR A 66 -11.60 -3.92 0.61
C THR A 66 -10.92 -5.00 -0.24
N VAL A 67 -9.64 -5.19 0.01
CA VAL A 67 -8.86 -6.17 -0.73
C VAL A 67 -8.19 -7.13 0.26
N ILE A 68 -7.62 -6.54 1.31
CA ILE A 68 -6.94 -7.32 2.32
C ILE A 68 -6.92 -6.52 3.63
N GLU A 69 -6.60 -7.23 4.71
CA GLU A 69 -6.54 -6.62 6.02
C GLU A 69 -5.38 -7.20 6.83
N HIS A 70 -4.86 -6.37 7.73
CA HIS A 70 -3.75 -6.80 8.57
C HIS A 70 -2.78 -7.63 7.75
N TYR A 71 -1.85 -6.94 7.08
CA TYR A 71 -0.87 -7.61 6.26
C TYR A 71 0.54 -7.46 6.87
N HIS A 72 1.52 -7.90 6.11
CA HIS A 72 2.90 -7.82 6.55
C HIS A 72 3.78 -7.27 5.43
N ARG A 73 4.00 -8.10 4.43
CA ARG A 73 4.82 -7.72 3.29
C ARG A 73 4.37 -6.35 2.77
N THR A 74 5.11 -5.86 1.78
CA THR A 74 4.80 -4.56 1.19
C THR A 74 4.27 -4.74 -0.24
N SER A 75 3.96 -5.99 -0.56
CA SER A 75 3.43 -6.30 -1.88
C SER A 75 2.34 -7.37 -1.77
N ALA A 76 1.33 -7.22 -2.61
CA ALA A 76 0.21 -8.17 -2.61
C ALA A 76 -0.36 -8.25 -4.02
N THR A 77 -0.78 -9.46 -4.38
CA THR A 77 -1.35 -9.69 -5.70
C THR A 77 -2.88 -9.56 -5.64
N ILE A 78 -3.39 -8.69 -6.50
CA ILE A 78 -4.83 -8.46 -6.55
C ILE A 78 -5.45 -9.42 -7.57
N THR A 79 -6.60 -9.97 -7.20
CA THR A 79 -7.30 -10.89 -8.07
C THR A 79 -8.68 -10.35 -8.43
N GLU A 80 -9.39 -11.10 -9.26
CA GLU A 80 -10.72 -10.70 -9.69
C GLU A 80 -10.65 -9.39 -10.47
N LEU A 81 -9.90 -9.42 -11.56
CA LEU A 81 -9.75 -8.24 -12.40
C LEU A 81 -10.23 -8.56 -13.81
N VAL A 82 -10.98 -7.62 -14.37
CA VAL A 82 -11.51 -7.79 -15.71
C VAL A 82 -10.53 -7.19 -16.72
N ILE A 83 -10.25 -7.95 -17.76
CA ILE A 83 -9.33 -7.51 -18.80
C ILE A 83 -10.03 -6.48 -19.69
N GLY A 84 -9.29 -5.44 -20.04
CA GLY A 84 -9.82 -4.38 -20.88
C GLY A 84 -10.33 -3.21 -20.03
N ASN A 85 -9.68 -3.02 -18.90
CA ASN A 85 -10.04 -1.94 -18.00
C ASN A 85 -8.91 -1.73 -16.98
N GLU A 86 -8.94 -0.57 -16.34
CA GLU A 86 -7.94 -0.23 -15.35
C GLU A 86 -8.59 -0.08 -13.98
N TYR A 87 -7.74 -0.10 -12.96
CA TYR A 87 -8.22 0.04 -11.59
C TYR A 87 -7.17 0.74 -10.71
N TYR A 88 -7.61 1.12 -9.52
CA TYR A 88 -6.73 1.80 -8.59
C TYR A 88 -6.36 0.90 -7.42
N PHE A 89 -5.64 1.47 -6.46
CA PHE A 89 -5.23 0.73 -5.29
C PHE A 89 -4.82 1.67 -4.16
N ARG A 90 -5.02 1.20 -2.93
CA ARG A 90 -4.68 1.99 -1.76
C ARG A 90 -3.86 1.16 -0.78
N VAL A 91 -3.12 1.86 0.08
CA VAL A 91 -2.29 1.20 1.07
C VAL A 91 -2.28 2.02 2.35
N PHE A 92 -3.05 1.57 3.33
CA PHE A 92 -3.14 2.26 4.60
C PHE A 92 -1.94 1.91 5.50
N SER A 93 -2.02 2.37 6.73
CA SER A 93 -0.96 2.11 7.69
C SER A 93 -1.55 1.63 9.01
N GLU A 94 -1.65 0.32 9.13
CA GLU A 94 -2.20 -0.28 10.33
C GLU A 94 -1.35 0.08 11.55
N ASN A 95 -2.02 0.28 12.67
CA ASN A 95 -1.34 0.64 13.90
C ASN A 95 -2.35 0.62 15.06
N MET A 96 -1.83 0.29 16.23
CA MET A 96 -2.67 0.23 17.42
C MET A 96 -3.67 1.39 17.44
N CYS A 97 -3.22 2.53 16.96
CA CYS A 97 -4.05 3.71 16.92
C CYS A 97 -5.22 3.44 15.95
N GLY A 98 -4.88 3.46 14.67
CA GLY A 98 -5.89 3.23 13.63
C GLY A 98 -5.33 3.56 12.25
N LEU A 99 -5.75 2.76 11.28
CA LEU A 99 -5.31 2.96 9.91
C LEU A 99 -5.32 4.46 9.57
N SER A 100 -4.62 4.79 8.50
CA SER A 100 -4.55 6.18 8.07
C SER A 100 -5.80 6.56 7.28
N GLU A 101 -6.37 7.70 7.65
CA GLU A 101 -7.56 8.18 6.97
C GLU A 101 -7.38 8.15 5.46
N ASP A 102 -6.20 8.56 5.03
CA ASP A 102 -5.89 8.57 3.61
C ASP A 102 -4.73 7.62 3.34
N ALA A 103 -4.68 7.12 2.11
CA ALA A 103 -3.63 6.20 1.71
C ALA A 103 -3.03 6.66 0.39
N THR A 104 -1.73 6.43 0.25
CA THR A 104 -1.03 6.83 -0.96
C THR A 104 -1.42 5.91 -2.13
N MET A 105 -2.36 6.39 -2.93
CA MET A 105 -2.83 5.62 -4.07
C MET A 105 -1.89 5.80 -5.27
N THR A 106 -1.68 4.71 -5.98
CA THR A 106 -0.81 4.72 -7.14
C THR A 106 -1.02 6.01 -7.95
N LYS A 107 0.06 6.77 -8.07
CA LYS A 107 0.00 8.02 -8.81
C LYS A 107 -0.87 7.83 -10.06
N GLU A 108 -0.86 6.61 -10.57
CA GLU A 108 -1.64 6.29 -11.75
C GLU A 108 -2.47 5.03 -11.51
N SER A 109 -3.13 4.58 -12.57
CA SER A 109 -3.97 3.40 -12.49
C SER A 109 -3.27 2.21 -13.18
N ALA A 110 -3.78 1.03 -12.87
CA ALA A 110 -3.21 -0.18 -13.46
C ALA A 110 -4.18 -0.73 -14.51
N VAL A 111 -3.65 -0.90 -15.71
CA VAL A 111 -4.45 -1.40 -16.81
C VAL A 111 -4.33 -2.93 -16.87
N ILE A 112 -5.48 -3.59 -16.88
CA ILE A 112 -5.51 -5.03 -16.93
C ILE A 112 -5.37 -5.50 -18.38
N ALA A 113 -4.76 -6.66 -18.54
CA ALA A 113 -4.55 -7.23 -19.86
C ALA A 113 -3.86 -8.60 -19.73
N ARG A 114 -4.10 -9.43 -20.72
CA ARG A 114 -3.52 -10.77 -20.73
C ARG A 114 -2.13 -10.73 -21.36
N ASP A 115 -1.37 -9.72 -20.98
CA ASP A 115 -0.01 -9.57 -21.50
C ASP A 115 0.83 -8.81 -20.49
N GLY A 116 2.12 -9.16 -20.46
CA GLY A 116 3.05 -8.52 -19.54
C GLY A 116 4.32 -8.08 -20.26
N LYS A 117 5.44 -8.52 -19.74
CA LYS A 117 6.73 -8.18 -20.32
C LYS A 117 7.05 -6.71 -20.03
N ILE A 118 8.34 -6.40 -20.05
CA ILE A 118 8.78 -5.04 -19.79
C ILE A 118 9.00 -4.32 -21.12
N TYR A 119 10.05 -3.50 -21.14
CA TYR A 119 10.38 -2.75 -22.35
C TYR A 119 11.86 -2.86 -22.66
N LYS A 120 12.50 -3.86 -22.08
CA LYS A 120 13.92 -4.09 -22.28
C LYS A 120 14.22 -5.58 -22.18
N GLY A 1 8.42 -21.24 15.38
CA GLY A 1 9.23 -20.20 14.76
C GLY A 1 8.62 -18.81 15.02
N SER A 2 8.97 -18.26 16.17
CA SER A 2 8.47 -16.95 16.55
C SER A 2 9.28 -16.40 17.72
N SER A 3 9.10 -15.11 17.97
CA SER A 3 9.80 -14.45 19.05
C SER A 3 9.26 -13.03 19.25
N GLY A 4 9.54 -12.48 20.42
CA GLY A 4 9.08 -11.14 20.76
C GLY A 4 9.04 -10.93 22.27
N SER A 5 8.22 -9.97 22.67
CA SER A 5 8.08 -9.66 24.09
C SER A 5 6.67 -9.13 24.36
N SER A 6 6.27 -9.23 25.61
CA SER A 6 4.95 -8.77 26.03
C SER A 6 5.07 -7.88 27.27
N GLY A 7 3.96 -7.23 27.60
CA GLY A 7 3.93 -6.36 28.77
C GLY A 7 3.91 -4.88 28.34
N ALA A 8 5.04 -4.43 27.84
CA ALA A 8 5.16 -3.05 27.40
C ALA A 8 4.70 -2.11 28.52
N SER A 9 5.62 -1.84 29.43
CA SER A 9 5.32 -0.96 30.55
C SER A 9 4.53 0.25 30.08
N ILE A 10 3.55 0.63 30.88
CA ILE A 10 2.71 1.78 30.56
C ILE A 10 3.53 3.07 30.72
N ASP A 11 3.49 3.90 29.70
CA ASP A 11 4.20 5.16 29.72
C ASP A 11 3.51 6.15 28.79
N ILE A 12 3.78 7.43 29.03
CA ILE A 12 3.20 8.48 28.23
C ILE A 12 3.92 8.56 26.89
N GLN A 13 3.50 7.70 25.97
CA GLN A 13 4.10 7.66 24.65
C GLN A 13 3.35 8.60 23.70
N ILE A 14 4.10 9.18 22.78
CA ILE A 14 3.52 10.10 21.81
C ILE A 14 3.96 9.68 20.40
N ILE A 15 4.06 10.67 19.52
CA ILE A 15 4.47 10.42 18.16
C ILE A 15 3.86 9.10 17.69
N ASP A 16 2.56 9.13 17.44
CA ASP A 16 1.85 7.95 16.99
C ASP A 16 1.37 8.16 15.55
N ARG A 17 0.75 7.13 15.00
CA ARG A 17 0.24 7.19 13.65
C ARG A 17 1.37 7.50 12.67
N PRO A 18 1.85 6.43 11.99
CA PRO A 18 2.93 6.58 11.03
C PRO A 18 2.44 7.22 9.73
N GLY A 19 1.12 7.20 9.57
CA GLY A 19 0.50 7.78 8.39
C GLY A 19 0.51 6.78 7.23
N PRO A 20 0.36 7.34 5.99
CA PRO A 20 0.36 6.52 4.80
C PRO A 20 1.77 6.05 4.45
N PRO A 21 1.84 5.17 3.42
CA PRO A 21 3.12 4.63 2.97
C PRO A 21 3.90 5.67 2.17
N GLN A 22 5.21 5.51 2.16
CA GLN A 22 6.08 6.43 1.44
C GLN A 22 5.59 6.59 0.01
N ILE A 23 5.55 5.47 -0.71
CA ILE A 23 5.11 5.48 -2.10
C ILE A 23 4.36 4.18 -2.39
N VAL A 24 3.58 4.22 -3.46
CA VAL A 24 2.81 3.05 -3.87
C VAL A 24 2.91 2.88 -5.38
N LYS A 25 3.53 1.79 -5.79
CA LYS A 25 3.71 1.50 -7.20
C LYS A 25 3.12 0.13 -7.51
N ILE A 26 3.12 -0.22 -8.80
CA ILE A 26 2.60 -1.50 -9.23
C ILE A 26 3.71 -2.30 -9.91
N GLU A 27 4.26 -3.25 -9.16
CA GLU A 27 5.32 -4.08 -9.67
C GLU A 27 5.08 -4.43 -11.14
N ASP A 28 3.84 -4.79 -11.42
CA ASP A 28 3.45 -5.15 -12.78
C ASP A 28 2.01 -5.64 -12.79
N VAL A 29 1.53 -5.96 -13.99
CA VAL A 29 0.17 -6.46 -14.14
C VAL A 29 0.13 -7.46 -15.29
N TRP A 30 -0.32 -8.66 -14.98
CA TRP A 30 -0.42 -9.71 -15.98
C TRP A 30 -1.81 -10.33 -15.88
N GLY A 31 -2.30 -10.80 -17.02
CA GLY A 31 -3.62 -11.42 -17.07
C GLY A 31 -4.60 -10.69 -16.14
N GLU A 32 -5.12 -11.44 -15.18
CA GLU A 32 -6.08 -10.89 -14.24
C GLU A 32 -5.43 -10.77 -12.85
N ASN A 33 -4.11 -10.67 -12.85
CA ASN A 33 -3.36 -10.55 -11.61
C ASN A 33 -2.47 -9.31 -11.68
N VAL A 34 -2.63 -8.45 -10.69
CA VAL A 34 -1.84 -7.23 -10.62
C VAL A 34 -0.81 -7.35 -9.50
N ALA A 35 0.23 -6.54 -9.60
CA ALA A 35 1.29 -6.54 -8.61
C ALA A 35 1.46 -5.13 -8.03
N LEU A 36 1.28 -5.04 -6.72
CA LEU A 36 1.41 -3.75 -6.05
C LEU A 36 2.74 -3.72 -5.29
N THR A 37 3.26 -2.51 -5.13
CA THR A 37 4.51 -2.33 -4.43
C THR A 37 4.54 -0.96 -3.73
N TRP A 38 4.44 -1.01 -2.41
CA TRP A 38 4.45 0.21 -1.62
C TRP A 38 5.69 0.17 -0.72
N THR A 39 6.16 1.37 -0.37
CA THR A 39 7.33 1.49 0.48
C THR A 39 6.92 1.68 1.93
N PRO A 40 7.88 1.38 2.86
CA PRO A 40 7.61 1.52 4.28
C PRO A 40 7.63 2.99 4.70
N PRO A 41 7.08 3.25 5.91
CA PRO A 41 7.03 4.61 6.44
C PRO A 41 8.40 5.06 6.93
N LYS A 42 8.63 6.36 6.83
CA LYS A 42 9.89 6.93 7.26
C LYS A 42 9.81 7.29 8.74
N ASP A 43 8.62 7.14 9.29
CA ASP A 43 8.38 7.44 10.70
C ASP A 43 8.12 6.13 11.45
N ASP A 44 9.19 5.59 12.04
CA ASP A 44 9.09 4.36 12.79
C ASP A 44 10.00 4.44 14.02
N GLY A 45 9.46 5.00 15.08
CA GLY A 45 10.21 5.15 16.32
C GLY A 45 9.28 5.09 17.53
N ASN A 46 8.19 5.84 17.44
CA ASN A 46 7.22 5.89 18.51
C ASN A 46 5.99 5.07 18.12
N ALA A 47 6.24 3.85 17.66
CA ALA A 47 5.17 2.96 17.25
C ALA A 47 5.77 1.65 16.73
N ALA A 48 4.89 0.69 16.47
CA ALA A 48 5.32 -0.60 15.97
C ALA A 48 4.40 -1.03 14.83
N ILE A 49 4.90 -0.89 13.62
CA ILE A 49 4.13 -1.26 12.44
C ILE A 49 3.52 -2.64 12.64
N THR A 50 2.20 -2.68 12.71
CA THR A 50 1.50 -3.93 12.92
C THR A 50 1.29 -4.65 11.57
N GLY A 51 1.03 -3.84 10.55
CA GLY A 51 0.81 -4.38 9.21
C GLY A 51 0.42 -3.27 8.24
N TYR A 52 -0.51 -3.61 7.35
CA TYR A 52 -0.98 -2.65 6.36
C TYR A 52 -2.32 -3.09 5.78
N THR A 53 -2.98 -2.14 5.12
CA THR A 53 -4.28 -2.41 4.52
C THR A 53 -4.23 -2.15 3.01
N ILE A 54 -5.05 -2.89 2.28
CA ILE A 54 -5.12 -2.74 0.84
C ILE A 54 -6.58 -2.57 0.41
N GLN A 55 -6.78 -1.65 -0.52
CA GLN A 55 -8.11 -1.38 -1.02
C GLN A 55 -8.06 -0.99 -2.51
N LYS A 56 -8.81 -1.73 -3.31
CA LYS A 56 -8.85 -1.47 -4.74
C LYS A 56 -10.23 -0.92 -5.11
N ALA A 57 -10.29 -0.29 -6.27
CA ALA A 57 -11.53 0.28 -6.75
C ALA A 57 -11.53 0.27 -8.28
N ASP A 58 -12.73 0.38 -8.85
CA ASP A 58 -12.88 0.38 -10.29
C ASP A 58 -13.04 1.83 -10.78
N LYS A 59 -12.84 2.00 -12.08
CA LYS A 59 -12.95 3.31 -12.69
C LYS A 59 -14.38 3.51 -13.21
N LYS A 60 -15.31 2.80 -12.57
CA LYS A 60 -16.70 2.89 -12.96
C LYS A 60 -17.48 3.70 -11.91
N SER A 61 -17.16 3.41 -10.65
CA SER A 61 -17.82 4.09 -9.54
C SER A 61 -16.82 4.33 -8.41
N MET A 62 -15.54 4.26 -8.76
CA MET A 62 -14.48 4.47 -7.79
C MET A 62 -14.85 3.86 -6.44
N GLU A 63 -15.50 2.70 -6.50
CA GLU A 63 -15.91 2.01 -5.30
C GLU A 63 -14.73 1.27 -4.67
N TRP A 64 -14.46 1.61 -3.42
CA TRP A 64 -13.35 1.00 -2.70
C TRP A 64 -13.91 -0.19 -1.90
N PHE A 65 -13.31 -1.35 -2.14
CA PHE A 65 -13.74 -2.55 -1.45
C PHE A 65 -12.56 -3.22 -0.74
N THR A 66 -12.67 -3.26 0.58
CA THR A 66 -11.62 -3.88 1.39
C THR A 66 -11.11 -5.16 0.72
N VAL A 67 -9.82 -5.13 0.40
CA VAL A 67 -9.20 -6.29 -0.23
C VAL A 67 -8.60 -7.19 0.84
N ILE A 68 -7.83 -6.59 1.73
CA ILE A 68 -7.19 -7.33 2.81
C ILE A 68 -7.03 -6.41 4.02
N GLU A 69 -6.76 -7.03 5.16
CA GLU A 69 -6.58 -6.29 6.40
C GLU A 69 -5.61 -7.03 7.32
N HIS A 70 -4.84 -6.24 8.05
CA HIS A 70 -3.86 -6.80 8.98
C HIS A 70 -2.89 -7.71 8.21
N TYR A 71 -2.23 -7.12 7.23
CA TYR A 71 -1.29 -7.86 6.42
C TYR A 71 0.12 -7.82 7.05
N HIS A 72 1.10 -8.19 6.24
CA HIS A 72 2.48 -8.20 6.70
C HIS A 72 3.40 -7.70 5.58
N ARG A 73 3.47 -8.50 4.53
CA ARG A 73 4.31 -8.15 3.39
C ARG A 73 3.99 -6.74 2.91
N THR A 74 4.82 -6.26 1.99
CA THR A 74 4.63 -4.93 1.45
C THR A 74 4.08 -5.01 0.02
N SER A 75 3.96 -6.23 -0.46
CA SER A 75 3.44 -6.47 -1.81
C SER A 75 2.33 -7.52 -1.76
N ALA A 76 1.30 -7.28 -2.55
CA ALA A 76 0.17 -8.20 -2.62
C ALA A 76 -0.33 -8.27 -4.06
N THR A 77 -0.65 -9.49 -4.47
CA THR A 77 -1.14 -9.72 -5.82
C THR A 77 -2.67 -9.65 -5.84
N ILE A 78 -3.17 -8.75 -6.67
CA ILE A 78 -4.60 -8.57 -6.80
C ILE A 78 -5.16 -9.61 -7.79
N THR A 79 -6.40 -10.00 -7.54
CA THR A 79 -7.05 -10.97 -8.40
C THR A 79 -8.46 -10.51 -8.77
N GLU A 80 -9.13 -11.31 -9.59
CA GLU A 80 -10.47 -11.00 -10.03
C GLU A 80 -10.48 -9.64 -10.74
N LEU A 81 -9.81 -9.59 -11.87
CA LEU A 81 -9.74 -8.36 -12.65
C LEU A 81 -10.12 -8.66 -14.10
N VAL A 82 -10.99 -7.83 -14.64
CA VAL A 82 -11.44 -7.98 -16.01
C VAL A 82 -10.48 -7.26 -16.95
N ILE A 83 -10.04 -7.99 -17.96
CA ILE A 83 -9.11 -7.42 -18.94
C ILE A 83 -9.85 -6.40 -19.81
N GLY A 84 -9.30 -5.20 -19.86
CA GLY A 84 -9.90 -4.14 -20.65
C GLY A 84 -10.51 -3.07 -19.75
N ASN A 85 -9.75 -2.67 -18.74
CA ASN A 85 -10.20 -1.66 -17.81
C ASN A 85 -9.06 -1.30 -16.86
N GLU A 86 -9.22 -0.15 -16.21
CA GLU A 86 -8.21 0.33 -15.28
C GLU A 86 -8.73 0.25 -13.84
N TYR A 87 -7.80 0.02 -12.92
CA TYR A 87 -8.17 -0.09 -11.51
C TYR A 87 -7.18 0.70 -10.64
N TYR A 88 -7.67 1.15 -9.50
CA TYR A 88 -6.85 1.91 -8.57
C TYR A 88 -6.54 1.09 -7.32
N PHE A 89 -5.62 1.62 -6.52
CA PHE A 89 -5.23 0.95 -5.29
C PHE A 89 -4.75 1.96 -4.25
N ARG A 90 -4.89 1.59 -2.99
CA ARG A 90 -4.48 2.44 -1.90
C ARG A 90 -4.05 1.61 -0.69
N VAL A 91 -2.82 1.83 -0.26
CA VAL A 91 -2.27 1.10 0.87
C VAL A 91 -2.12 2.05 2.05
N PHE A 92 -2.37 1.53 3.24
CA PHE A 92 -2.27 2.31 4.46
C PHE A 92 -1.18 1.76 5.38
N SER A 93 -1.26 2.15 6.64
CA SER A 93 -0.30 1.70 7.63
C SER A 93 -1.01 1.29 8.91
N GLU A 94 -0.79 0.05 9.31
CA GLU A 94 -1.40 -0.48 10.52
C GLU A 94 -0.41 -0.42 11.68
N ASN A 95 -0.96 -0.31 12.88
CA ASN A 95 -0.14 -0.25 14.08
C ASN A 95 -1.04 -0.22 15.31
N MET A 96 -0.45 0.17 16.43
CA MET A 96 -1.20 0.26 17.67
C MET A 96 -2.21 1.40 17.65
N CYS A 97 -1.82 2.47 16.97
CA CYS A 97 -2.68 3.64 16.86
C CYS A 97 -3.87 3.27 15.97
N GLY A 98 -3.60 3.18 14.67
CA GLY A 98 -4.62 2.84 13.71
C GLY A 98 -4.12 3.02 12.27
N LEU A 99 -5.06 3.29 11.38
CA LEU A 99 -4.73 3.49 9.98
C LEU A 99 -4.39 4.97 9.75
N SER A 100 -4.48 5.36 8.49
CA SER A 100 -4.19 6.74 8.12
C SER A 100 -5.45 7.40 7.54
N GLU A 101 -5.55 8.70 7.77
CA GLU A 101 -6.68 9.46 7.28
C GLU A 101 -6.80 9.32 5.75
N ASP A 102 -5.65 9.16 5.12
CA ASP A 102 -5.61 9.02 3.67
C ASP A 102 -4.64 7.88 3.31
N ALA A 103 -4.64 7.54 2.04
CA ALA A 103 -3.77 6.48 1.55
C ALA A 103 -3.04 6.97 0.29
N THR A 104 -1.86 6.39 0.08
CA THR A 104 -1.05 6.76 -1.07
C THR A 104 -1.44 5.91 -2.28
N MET A 105 -2.22 6.52 -3.16
CA MET A 105 -2.67 5.83 -4.37
C MET A 105 -1.60 5.91 -5.46
N THR A 106 -1.50 4.82 -6.23
CA THR A 106 -0.53 4.76 -7.31
C THR A 106 -0.65 5.99 -8.21
N LYS A 107 0.47 6.67 -8.39
CA LYS A 107 0.50 7.86 -9.21
C LYS A 107 -0.35 7.63 -10.47
N GLU A 108 -0.42 6.37 -10.87
CA GLU A 108 -1.19 6.01 -12.05
C GLU A 108 -1.95 4.69 -11.80
N SER A 109 -2.85 4.39 -12.71
CA SER A 109 -3.64 3.18 -12.60
C SER A 109 -2.94 2.04 -13.34
N ALA A 110 -3.49 0.83 -13.16
CA ALA A 110 -2.93 -0.35 -13.80
C ALA A 110 -3.90 -0.84 -14.87
N VAL A 111 -3.40 -0.90 -16.09
CA VAL A 111 -4.20 -1.35 -17.22
C VAL A 111 -4.10 -2.88 -17.32
N ILE A 112 -5.23 -3.52 -17.04
CA ILE A 112 -5.29 -4.97 -17.10
C ILE A 112 -5.16 -5.43 -18.56
N ALA A 113 -4.44 -6.53 -18.74
CA ALA A 113 -4.24 -7.07 -20.07
C ALA A 113 -3.76 -8.52 -19.96
N ARG A 114 -3.94 -9.26 -21.03
CA ARG A 114 -3.53 -10.65 -21.07
C ARG A 114 -2.09 -10.78 -21.56
N ASP A 115 -1.25 -9.88 -21.06
CA ASP A 115 0.16 -9.88 -21.43
C ASP A 115 0.97 -9.22 -20.32
N GLY A 116 2.24 -9.61 -20.25
CA GLY A 116 3.14 -9.07 -19.24
C GLY A 116 4.58 -9.04 -19.75
N LYS A 117 5.19 -10.21 -19.77
CA LYS A 117 6.57 -10.32 -20.23
C LYS A 117 7.51 -9.77 -19.16
N ILE A 118 8.78 -9.69 -19.53
CA ILE A 118 9.79 -9.18 -18.61
C ILE A 118 10.23 -7.80 -19.08
N TYR A 119 9.61 -6.78 -18.51
CA TYR A 119 9.93 -5.40 -18.86
C TYR A 119 10.80 -4.76 -17.78
N LYS A 120 11.40 -5.60 -16.96
CA LYS A 120 12.25 -5.12 -15.88
C LYS A 120 13.31 -4.18 -16.46
N GLY A 1 16.06 24.23 -2.10
CA GLY A 1 16.43 23.14 -1.22
C GLY A 1 15.60 23.15 0.07
N SER A 2 14.52 22.38 0.03
CA SER A 2 13.63 22.29 1.18
C SER A 2 13.44 20.83 1.58
N SER A 3 14.31 20.37 2.47
CA SER A 3 14.24 19.00 2.95
C SER A 3 14.09 18.98 4.47
N GLY A 4 13.30 18.02 4.94
CA GLY A 4 13.06 17.88 6.36
C GLY A 4 14.12 16.97 7.01
N SER A 5 15.33 17.49 7.07
CA SER A 5 16.44 16.75 7.66
C SER A 5 16.90 17.44 8.94
N SER A 6 16.40 16.93 10.06
CA SER A 6 16.76 17.48 11.36
C SER A 6 17.17 16.36 12.31
N GLY A 7 18.15 16.66 13.15
CA GLY A 7 18.65 15.69 14.10
C GLY A 7 17.67 15.51 15.26
N ALA A 8 18.14 14.87 16.31
CA ALA A 8 17.33 14.62 17.48
C ALA A 8 17.94 15.34 18.68
N SER A 9 17.09 16.04 19.42
CA SER A 9 17.53 16.78 20.59
C SER A 9 17.07 16.06 21.86
N ILE A 10 15.76 15.92 21.98
CA ILE A 10 15.18 15.26 23.13
C ILE A 10 14.19 14.20 22.67
N ASP A 11 14.69 13.29 21.85
CA ASP A 11 13.86 12.22 21.32
C ASP A 11 12.62 12.81 20.66
N ILE A 12 12.73 13.02 19.36
CA ILE A 12 11.62 13.58 18.59
C ILE A 12 10.54 12.51 18.40
N GLN A 13 9.71 12.38 19.41
CA GLN A 13 8.64 11.40 19.38
C GLN A 13 7.27 12.10 19.53
N ILE A 14 6.41 11.85 18.56
CA ILE A 14 5.08 12.45 18.59
C ILE A 14 4.03 11.35 18.41
N ILE A 15 3.43 10.98 19.54
CA ILE A 15 2.41 9.94 19.53
C ILE A 15 1.16 10.47 18.81
N ASP A 16 0.90 9.90 17.64
CA ASP A 16 -0.25 10.30 16.85
C ASP A 16 -0.48 9.27 15.74
N ARG A 17 -1.71 9.23 15.26
CA ARG A 17 -2.08 8.31 14.20
C ARG A 17 -1.01 8.30 13.11
N PRO A 18 -0.75 7.08 12.56
CA PRO A 18 0.25 6.92 11.52
C PRO A 18 -0.27 7.45 10.18
N GLY A 19 0.64 8.03 9.42
CA GLY A 19 0.29 8.58 8.12
C GLY A 19 0.29 7.49 7.04
N PRO A 20 0.23 7.95 5.76
CA PRO A 20 0.23 7.02 4.64
C PRO A 20 1.62 6.44 4.41
N PRO A 21 1.68 5.46 3.46
CA PRO A 21 2.94 4.82 3.13
C PRO A 21 3.82 5.73 2.29
N GLN A 22 5.13 5.58 2.49
CA GLN A 22 6.09 6.39 1.77
C GLN A 22 5.65 6.57 0.31
N ILE A 23 5.45 5.43 -0.35
CA ILE A 23 5.03 5.45 -1.75
C ILE A 23 4.28 4.15 -2.06
N VAL A 24 3.54 4.18 -3.16
CA VAL A 24 2.78 3.02 -3.57
C VAL A 24 2.83 2.90 -5.10
N LYS A 25 3.49 1.84 -5.56
CA LYS A 25 3.63 1.60 -6.98
C LYS A 25 3.12 0.20 -7.30
N ILE A 26 3.01 -0.08 -8.60
CA ILE A 26 2.54 -1.38 -9.05
C ILE A 26 3.68 -2.09 -9.80
N GLU A 27 4.20 -3.13 -9.15
CA GLU A 27 5.27 -3.90 -9.74
C GLU A 27 4.97 -4.22 -11.21
N ASP A 28 3.73 -4.62 -11.44
CA ASP A 28 3.31 -4.96 -12.79
C ASP A 28 1.89 -5.53 -12.74
N VAL A 29 1.37 -5.84 -13.92
CA VAL A 29 0.03 -6.41 -14.02
C VAL A 29 -0.02 -7.37 -15.21
N TRP A 30 -0.42 -8.60 -14.91
CA TRP A 30 -0.52 -9.63 -15.94
C TRP A 30 -1.91 -10.26 -15.84
N GLY A 31 -2.48 -10.54 -17.01
CA GLY A 31 -3.79 -11.14 -17.07
C GLY A 31 -4.71 -10.57 -15.98
N GLU A 32 -5.20 -11.46 -15.13
CA GLU A 32 -6.08 -11.06 -14.05
C GLU A 32 -5.31 -11.01 -12.73
N ASN A 33 -4.02 -10.74 -12.84
CA ASN A 33 -3.16 -10.66 -11.67
C ASN A 33 -2.39 -9.34 -11.69
N VAL A 34 -2.46 -8.63 -10.58
CA VAL A 34 -1.77 -7.36 -10.46
C VAL A 34 -0.69 -7.46 -9.38
N ALA A 35 0.28 -6.58 -9.48
CA ALA A 35 1.38 -6.57 -8.52
C ALA A 35 1.47 -5.18 -7.89
N LEU A 36 1.31 -5.15 -6.57
CA LEU A 36 1.37 -3.89 -5.83
C LEU A 36 2.70 -3.82 -5.09
N THR A 37 3.18 -2.59 -4.91
CA THR A 37 4.43 -2.35 -4.22
C THR A 37 4.40 -1.01 -3.49
N TRP A 38 4.36 -1.09 -2.18
CA TRP A 38 4.32 0.12 -1.36
C TRP A 38 5.51 0.06 -0.39
N THR A 39 5.98 1.25 -0.01
CA THR A 39 7.11 1.34 0.90
C THR A 39 6.62 1.52 2.33
N PRO A 40 7.52 1.19 3.29
CA PRO A 40 7.20 1.31 4.70
C PRO A 40 7.19 2.77 5.15
N PRO A 41 6.54 3.02 6.31
CA PRO A 41 6.46 4.37 6.86
C PRO A 41 7.80 4.78 7.48
N LYS A 42 8.38 5.81 6.90
CA LYS A 42 9.66 6.32 7.39
C LYS A 42 9.41 7.26 8.57
N ASP A 43 8.14 7.53 8.81
CA ASP A 43 7.75 8.41 9.90
C ASP A 43 7.43 7.57 11.14
N ASP A 44 6.59 6.56 10.93
CA ASP A 44 6.19 5.68 12.00
C ASP A 44 5.47 6.48 13.08
N GLY A 45 4.18 6.21 13.21
CA GLY A 45 3.36 6.90 14.19
C GLY A 45 3.92 6.71 15.61
N ASN A 46 3.40 5.70 16.29
CA ASN A 46 3.83 5.41 17.64
C ASN A 46 2.92 4.34 18.24
N ALA A 47 2.65 3.31 17.44
CA ALA A 47 1.80 2.22 17.89
C ALA A 47 2.21 0.94 17.17
N ALA A 48 3.49 0.87 16.82
CA ALA A 48 4.02 -0.29 16.14
C ALA A 48 3.17 -0.59 14.90
N ILE A 49 3.69 -0.18 13.75
CA ILE A 49 2.98 -0.39 12.50
C ILE A 49 2.51 -1.84 12.43
N THR A 50 1.25 -2.03 12.82
CA THR A 50 0.66 -3.37 12.80
C THR A 50 0.85 -4.02 11.43
N GLY A 51 0.30 -3.36 10.41
CA GLY A 51 0.40 -3.86 9.05
C GLY A 51 -0.02 -2.79 8.04
N TYR A 52 -0.75 -3.23 7.03
CA TYR A 52 -1.23 -2.33 6.00
C TYR A 52 -2.50 -2.87 5.33
N THR A 53 -3.34 -1.94 4.90
CA THR A 53 -4.59 -2.31 4.26
C THR A 53 -4.52 -2.01 2.75
N ILE A 54 -5.03 -2.95 1.97
CA ILE A 54 -5.04 -2.79 0.53
C ILE A 54 -6.48 -2.71 0.03
N GLN A 55 -6.69 -1.85 -0.96
CA GLN A 55 -8.01 -1.67 -1.53
C GLN A 55 -7.91 -1.37 -3.02
N LYS A 56 -8.83 -1.95 -3.77
CA LYS A 56 -8.86 -1.76 -5.21
C LYS A 56 -10.19 -1.14 -5.62
N ALA A 57 -10.10 -0.16 -6.51
CA ALA A 57 -11.29 0.52 -6.99
C ALA A 57 -11.37 0.40 -8.51
N ASP A 58 -12.56 0.64 -9.03
CA ASP A 58 -12.79 0.56 -10.47
C ASP A 58 -12.81 1.98 -11.06
N LYS A 59 -12.66 2.04 -12.37
CA LYS A 59 -12.67 3.31 -13.06
C LYS A 59 -14.07 3.59 -13.58
N LYS A 60 -15.04 2.86 -13.04
CA LYS A 60 -16.42 3.02 -13.45
C LYS A 60 -17.25 3.51 -12.25
N SER A 61 -16.83 3.08 -11.07
CA SER A 61 -17.51 3.46 -9.85
C SER A 61 -16.50 3.98 -8.83
N MET A 62 -15.37 3.30 -8.75
CA MET A 62 -14.33 3.68 -7.82
C MET A 62 -14.80 3.56 -6.38
N GLU A 63 -15.62 2.55 -6.14
CA GLU A 63 -16.16 2.31 -4.81
C GLU A 63 -15.15 1.50 -3.97
N TRP A 64 -13.95 1.35 -4.52
CA TRP A 64 -12.91 0.61 -3.84
C TRP A 64 -13.52 -0.68 -3.30
N PHE A 65 -12.76 -1.34 -2.44
CA PHE A 65 -13.21 -2.59 -1.85
C PHE A 65 -12.11 -3.23 -1.01
N THR A 66 -12.40 -3.39 0.27
CA THR A 66 -11.44 -3.98 1.19
C THR A 66 -10.91 -5.31 0.63
N VAL A 67 -9.64 -5.28 0.24
CA VAL A 67 -9.00 -6.46 -0.31
C VAL A 67 -8.45 -7.32 0.83
N ILE A 68 -7.85 -6.65 1.79
CA ILE A 68 -7.27 -7.33 2.94
C ILE A 68 -7.07 -6.33 4.08
N GLU A 69 -6.83 -6.87 5.27
CA GLU A 69 -6.61 -6.04 6.43
C GLU A 69 -5.48 -6.62 7.30
N HIS A 70 -4.91 -5.75 8.11
CA HIS A 70 -3.82 -6.16 8.98
C HIS A 70 -2.91 -7.13 8.25
N TYR A 71 -2.32 -6.65 7.17
CA TYR A 71 -1.42 -7.46 6.37
C TYR A 71 -0.03 -7.53 7.01
N HIS A 72 0.92 -8.00 6.22
CA HIS A 72 2.29 -8.14 6.69
C HIS A 72 3.25 -7.62 5.61
N ARG A 73 3.36 -8.39 4.55
CA ARG A 73 4.23 -8.04 3.44
C ARG A 73 3.89 -6.64 2.92
N THR A 74 4.81 -6.10 2.12
CA THR A 74 4.61 -4.78 1.56
C THR A 74 4.07 -4.88 0.13
N SER A 75 3.84 -6.12 -0.30
CA SER A 75 3.32 -6.38 -1.63
C SER A 75 2.25 -7.45 -1.58
N ALA A 76 1.32 -7.38 -2.53
CA ALA A 76 0.24 -8.35 -2.60
C ALA A 76 -0.27 -8.41 -4.04
N THR A 77 -0.68 -9.61 -4.44
CA THR A 77 -1.20 -9.83 -5.78
C THR A 77 -2.73 -9.77 -5.77
N ILE A 78 -3.26 -8.87 -6.60
CA ILE A 78 -4.70 -8.72 -6.70
C ILE A 78 -5.25 -9.73 -7.70
N THR A 79 -6.44 -10.25 -7.38
CA THR A 79 -7.08 -11.23 -8.25
C THR A 79 -8.50 -10.77 -8.60
N GLU A 80 -9.16 -11.57 -9.43
CA GLU A 80 -10.52 -11.27 -9.85
C GLU A 80 -10.56 -9.89 -10.52
N LEU A 81 -9.88 -9.79 -11.64
CA LEU A 81 -9.84 -8.54 -12.39
C LEU A 81 -10.33 -8.79 -13.82
N VAL A 82 -11.16 -7.88 -14.29
CA VAL A 82 -11.70 -7.98 -15.64
C VAL A 82 -10.73 -7.34 -16.63
N ILE A 83 -10.44 -8.10 -17.68
CA ILE A 83 -9.53 -7.62 -18.71
C ILE A 83 -10.24 -6.59 -19.59
N GLY A 84 -9.57 -5.46 -19.76
CA GLY A 84 -10.13 -4.38 -20.57
C GLY A 84 -10.67 -3.25 -19.69
N ASN A 85 -9.91 -2.92 -18.66
CA ASN A 85 -10.30 -1.88 -17.74
C ASN A 85 -9.14 -1.57 -16.79
N GLU A 86 -9.24 -0.43 -16.13
CA GLU A 86 -8.22 -0.01 -15.20
C GLU A 86 -8.81 0.12 -13.78
N TYR A 87 -7.91 0.05 -12.81
CA TYR A 87 -8.33 0.15 -11.41
C TYR A 87 -7.33 0.99 -10.61
N TYR A 88 -7.75 1.35 -9.40
CA TYR A 88 -6.91 2.15 -8.53
C TYR A 88 -6.62 1.41 -7.22
N PHE A 89 -5.39 1.55 -6.75
CA PHE A 89 -4.98 0.90 -5.52
C PHE A 89 -4.43 1.92 -4.53
N ARG A 90 -4.67 1.65 -3.25
CA ARG A 90 -4.21 2.53 -2.19
C ARG A 90 -3.91 1.73 -0.93
N VAL A 91 -2.68 1.90 -0.45
CA VAL A 91 -2.25 1.20 0.75
C VAL A 91 -2.31 2.16 1.94
N PHE A 92 -2.92 1.68 3.02
CA PHE A 92 -3.05 2.48 4.23
C PHE A 92 -2.12 1.96 5.32
N SER A 93 -2.14 2.66 6.45
CA SER A 93 -1.31 2.29 7.57
C SER A 93 -2.17 1.79 8.73
N GLU A 94 -2.03 0.50 9.02
CA GLU A 94 -2.79 -0.12 10.09
C GLU A 94 -2.12 0.14 11.44
N ASN A 95 -2.91 0.02 12.50
CA ASN A 95 -2.40 0.23 13.84
C ASN A 95 -3.58 0.37 14.82
N MET A 96 -3.33 -0.03 16.04
CA MET A 96 -4.35 0.05 17.07
C MET A 96 -5.13 1.37 16.99
N CYS A 97 -4.44 2.38 16.48
CA CYS A 97 -5.04 3.70 16.34
C CYS A 97 -6.21 3.59 15.35
N GLY A 98 -5.87 3.38 14.10
CA GLY A 98 -6.87 3.26 13.05
C GLY A 98 -6.28 3.58 11.67
N LEU A 99 -6.88 2.99 10.65
CA LEU A 99 -6.43 3.20 9.29
C LEU A 99 -6.32 4.71 9.03
N SER A 100 -5.32 5.07 8.25
CA SER A 100 -5.09 6.46 7.91
C SER A 100 -6.15 6.94 6.91
N GLU A 101 -6.72 8.10 7.21
CA GLU A 101 -7.74 8.68 6.36
C GLU A 101 -7.20 8.86 4.93
N ASP A 102 -5.96 9.31 4.86
CA ASP A 102 -5.33 9.53 3.57
C ASP A 102 -4.44 8.33 3.23
N ALA A 103 -4.44 7.95 1.96
CA ALA A 103 -3.64 6.84 1.50
C ALA A 103 -2.84 7.26 0.27
N THR A 104 -1.67 6.66 0.13
CA THR A 104 -0.81 6.96 -1.00
C THR A 104 -1.24 6.15 -2.23
N MET A 105 -1.98 6.81 -3.11
CA MET A 105 -2.45 6.17 -4.33
C MET A 105 -1.38 6.18 -5.41
N THR A 106 -1.47 5.22 -6.30
CA THR A 106 -0.52 5.10 -7.39
C THR A 106 -0.67 6.28 -8.36
N LYS A 107 0.45 6.97 -8.59
CA LYS A 107 0.45 8.11 -9.49
C LYS A 107 -0.42 7.79 -10.71
N GLU A 108 -0.46 6.51 -11.05
CA GLU A 108 -1.24 6.06 -12.19
C GLU A 108 -2.13 4.88 -11.81
N SER A 109 -2.82 4.34 -12.80
CA SER A 109 -3.69 3.21 -12.57
C SER A 109 -3.13 1.96 -13.25
N ALA A 110 -3.68 0.82 -12.86
CA ALA A 110 -3.25 -0.45 -13.43
C ALA A 110 -4.22 -0.89 -14.52
N VAL A 111 -3.70 -1.00 -15.73
CA VAL A 111 -4.51 -1.40 -16.87
C VAL A 111 -4.50 -2.92 -16.97
N ILE A 112 -5.71 -3.49 -17.00
CA ILE A 112 -5.85 -4.92 -17.10
C ILE A 112 -5.94 -5.33 -18.57
N ALA A 113 -5.11 -6.29 -18.94
CA ALA A 113 -5.08 -6.77 -20.31
C ALA A 113 -4.29 -8.08 -20.38
N ARG A 114 -4.68 -8.92 -21.32
CA ARG A 114 -4.01 -10.20 -21.50
C ARG A 114 -2.70 -10.01 -22.28
N ASP A 115 -1.82 -9.20 -21.70
CA ASP A 115 -0.54 -8.93 -22.32
C ASP A 115 0.52 -8.74 -21.23
N GLY A 116 0.30 -7.74 -20.39
CA GLY A 116 1.21 -7.44 -19.31
C GLY A 116 2.57 -6.96 -19.86
N LYS A 117 3.04 -5.86 -19.30
CA LYS A 117 4.32 -5.30 -19.72
C LYS A 117 5.40 -6.35 -19.55
N ILE A 118 6.65 -5.89 -19.61
CA ILE A 118 7.79 -6.78 -19.47
C ILE A 118 8.85 -6.09 -18.61
N TYR A 119 10.08 -6.13 -19.12
CA TYR A 119 11.20 -5.51 -18.41
C TYR A 119 12.22 -4.95 -19.39
N LYS A 120 13.49 -5.21 -19.08
CA LYS A 120 14.57 -4.73 -19.93
C LYS A 120 14.40 -3.24 -20.18
N GLY A 1 33.35 0.14 29.71
CA GLY A 1 33.68 1.54 29.54
C GLY A 1 32.65 2.26 28.67
N SER A 2 33.08 2.62 27.47
CA SER A 2 32.20 3.31 26.54
C SER A 2 31.81 4.68 27.10
N SER A 3 32.04 5.70 26.30
CA SER A 3 31.73 7.06 26.70
C SER A 3 31.65 7.97 25.46
N GLY A 4 30.44 8.43 25.18
CA GLY A 4 30.21 9.30 24.04
C GLY A 4 28.81 9.89 24.07
N SER A 5 28.29 10.18 22.89
CA SER A 5 26.96 10.75 22.77
C SER A 5 26.02 9.74 22.11
N SER A 6 24.74 9.85 22.46
CA SER A 6 23.73 8.97 21.91
C SER A 6 22.40 9.70 21.78
N GLY A 7 21.66 9.35 20.73
CA GLY A 7 20.38 9.97 20.49
C GLY A 7 19.37 9.60 21.58
N ALA A 8 18.34 8.88 21.16
CA ALA A 8 17.30 8.45 22.08
C ALA A 8 16.81 9.65 22.89
N SER A 9 16.22 10.60 22.17
CA SER A 9 15.71 11.80 22.81
C SER A 9 14.21 11.63 23.08
N ILE A 10 13.86 11.76 24.36
CA ILE A 10 12.47 11.64 24.77
C ILE A 10 11.99 12.96 25.36
N ASP A 11 11.03 13.57 24.68
CA ASP A 11 10.48 14.84 25.12
C ASP A 11 8.99 14.90 24.77
N ILE A 12 8.16 14.71 25.79
CA ILE A 12 6.72 14.74 25.59
C ILE A 12 6.38 14.07 24.27
N GLN A 13 6.17 12.76 24.35
CA GLN A 13 5.83 11.99 23.16
C GLN A 13 4.72 10.98 23.49
N ILE A 14 3.56 11.24 22.91
CA ILE A 14 2.41 10.37 23.12
C ILE A 14 1.95 9.81 21.78
N ILE A 15 0.65 9.56 21.69
CA ILE A 15 0.06 9.03 20.48
C ILE A 15 0.12 10.09 19.38
N ASP A 16 0.52 9.65 18.20
CA ASP A 16 0.61 10.54 17.06
C ASP A 16 0.18 9.80 15.79
N ARG A 17 -0.50 8.69 16.00
CA ARG A 17 -0.98 7.88 14.89
C ARG A 17 0.19 7.48 13.98
N PRO A 18 -0.06 6.43 13.15
CA PRO A 18 0.95 5.94 12.24
C PRO A 18 1.12 6.89 11.05
N GLY A 19 1.75 6.37 10.01
CA GLY A 19 1.99 7.15 8.81
C GLY A 19 1.72 6.31 7.55
N PRO A 20 1.42 7.05 6.44
CA PRO A 20 1.14 6.39 5.17
C PRO A 20 2.43 5.86 4.53
N PRO A 21 2.25 5.10 3.42
CA PRO A 21 3.38 4.54 2.71
C PRO A 21 4.11 5.61 1.90
N GLN A 22 5.43 5.63 2.06
CA GLN A 22 6.25 6.61 1.36
C GLN A 22 5.79 6.74 -0.10
N ILE A 23 5.60 5.59 -0.73
CA ILE A 23 5.16 5.57 -2.12
C ILE A 23 4.45 4.24 -2.39
N VAL A 24 3.72 4.22 -3.50
CA VAL A 24 2.99 3.03 -3.89
C VAL A 24 3.10 2.84 -5.41
N LYS A 25 3.69 1.72 -5.80
CA LYS A 25 3.87 1.41 -7.21
C LYS A 25 3.32 0.02 -7.48
N ILE A 26 3.26 -0.33 -8.76
CA ILE A 26 2.76 -1.62 -9.18
C ILE A 26 3.88 -2.40 -9.85
N GLU A 27 4.39 -3.39 -9.12
CA GLU A 27 5.46 -4.22 -9.62
C GLU A 27 5.21 -4.57 -11.10
N ASP A 28 3.98 -4.98 -11.37
CA ASP A 28 3.61 -5.34 -12.73
C ASP A 28 2.16 -5.85 -12.73
N VAL A 29 1.69 -6.18 -13.92
CA VAL A 29 0.33 -6.67 -14.07
C VAL A 29 0.28 -7.67 -15.23
N TRP A 30 -0.17 -8.87 -14.91
CA TRP A 30 -0.27 -9.92 -15.91
C TRP A 30 -1.72 -10.41 -15.94
N GLY A 31 -2.26 -10.48 -17.15
CA GLY A 31 -3.64 -10.93 -17.33
C GLY A 31 -4.55 -10.37 -16.24
N GLU A 32 -5.14 -11.28 -15.48
CA GLU A 32 -6.03 -10.89 -14.40
C GLU A 32 -5.29 -10.92 -13.06
N ASN A 33 -4.05 -10.44 -13.10
CA ASN A 33 -3.23 -10.40 -11.91
C ASN A 33 -2.44 -9.09 -11.88
N VAL A 34 -2.45 -8.45 -10.72
CA VAL A 34 -1.74 -7.20 -10.54
C VAL A 34 -0.74 -7.33 -9.39
N ALA A 35 0.37 -6.63 -9.52
CA ALA A 35 1.40 -6.66 -8.51
C ALA A 35 1.57 -5.26 -7.91
N LEU A 36 1.31 -5.18 -6.61
CA LEU A 36 1.42 -3.91 -5.91
C LEU A 36 2.76 -3.86 -5.17
N THR A 37 3.28 -2.64 -5.04
CA THR A 37 4.55 -2.45 -4.36
C THR A 37 4.58 -1.07 -3.68
N TRP A 38 4.51 -1.11 -2.36
CA TRP A 38 4.53 0.12 -1.58
C TRP A 38 5.74 0.07 -0.65
N THR A 39 6.25 1.26 -0.33
CA THR A 39 7.40 1.36 0.55
C THR A 39 6.96 1.51 2.01
N PRO A 40 7.91 1.21 2.93
CA PRO A 40 7.62 1.30 4.36
C PRO A 40 7.59 2.77 4.81
N PRO A 41 6.92 2.98 5.97
CA PRO A 41 6.80 4.33 6.52
C PRO A 41 8.13 4.77 7.16
N LYS A 42 8.46 6.03 6.94
CA LYS A 42 9.68 6.58 7.49
C LYS A 42 9.42 7.09 8.91
N ASP A 43 8.14 7.18 9.25
CA ASP A 43 7.75 7.63 10.57
C ASP A 43 7.28 6.44 11.40
N ASP A 44 6.82 6.73 12.61
CA ASP A 44 6.34 5.69 13.50
C ASP A 44 5.35 6.30 14.49
N GLY A 45 5.75 7.42 15.07
CA GLY A 45 4.92 8.11 16.05
C GLY A 45 5.06 7.49 17.43
N ASN A 46 4.44 6.32 17.59
CA ASN A 46 4.48 5.61 18.86
C ASN A 46 3.91 4.21 18.67
N ALA A 47 2.71 4.16 18.09
CA ALA A 47 2.04 2.90 17.85
C ALA A 47 2.73 2.17 16.68
N ALA A 48 3.42 1.10 17.04
CA ALA A 48 4.13 0.31 16.04
C ALA A 48 3.15 -0.12 14.94
N ILE A 49 3.42 0.33 13.74
CA ILE A 49 2.57 0.00 12.60
C ILE A 49 2.15 -1.47 12.70
N THR A 50 0.85 -1.67 12.86
CA THR A 50 0.30 -3.01 12.96
C THR A 50 0.45 -3.75 11.63
N GLY A 51 -0.14 -3.17 10.60
CA GLY A 51 -0.08 -3.76 9.27
C GLY A 51 -0.38 -2.71 8.20
N TYR A 52 -1.05 -3.17 7.15
CA TYR A 52 -1.42 -2.29 6.06
C TYR A 52 -2.65 -2.81 5.32
N THR A 53 -3.68 -1.98 5.29
CA THR A 53 -4.92 -2.34 4.64
C THR A 53 -4.92 -1.84 3.18
N ILE A 54 -5.21 -2.76 2.28
CA ILE A 54 -5.24 -2.43 0.86
C ILE A 54 -6.69 -2.40 0.38
N GLN A 55 -6.92 -1.60 -0.66
CA GLN A 55 -8.25 -1.47 -1.21
C GLN A 55 -8.17 -1.21 -2.72
N LYS A 56 -9.07 -1.86 -3.45
CA LYS A 56 -9.12 -1.69 -4.90
C LYS A 56 -10.45 -1.07 -5.30
N ALA A 57 -10.40 -0.31 -6.38
CA ALA A 57 -11.60 0.36 -6.88
C ALA A 57 -11.42 0.69 -8.36
N ASP A 58 -12.48 0.47 -9.12
CA ASP A 58 -12.45 0.74 -10.55
C ASP A 58 -12.67 2.23 -10.79
N LYS A 59 -12.56 2.63 -12.05
CA LYS A 59 -12.76 4.02 -12.42
C LYS A 59 -14.22 4.23 -12.80
N LYS A 60 -15.07 3.32 -12.33
CA LYS A 60 -16.49 3.41 -12.60
C LYS A 60 -17.14 4.37 -11.61
N SER A 61 -16.86 4.14 -10.33
CA SER A 61 -17.41 4.97 -9.28
C SER A 61 -16.51 4.92 -8.04
N MET A 62 -15.21 4.80 -8.30
CA MET A 62 -14.24 4.73 -7.23
C MET A 62 -14.81 3.99 -6.01
N GLU A 63 -15.26 2.77 -6.25
CA GLU A 63 -15.83 1.96 -5.19
C GLU A 63 -14.75 1.07 -4.57
N TRP A 64 -14.63 1.16 -3.26
CA TRP A 64 -13.65 0.37 -2.54
C TRP A 64 -14.40 -0.70 -1.75
N PHE A 65 -14.00 -1.94 -1.97
CA PHE A 65 -14.62 -3.07 -1.30
C PHE A 65 -13.60 -3.83 -0.44
N THR A 66 -12.52 -3.13 -0.10
CA THR A 66 -11.47 -3.72 0.70
C THR A 66 -10.84 -4.91 -0.02
N VAL A 67 -9.52 -4.92 -0.03
CA VAL A 67 -8.79 -5.99 -0.67
C VAL A 67 -8.20 -6.93 0.39
N ILE A 68 -7.63 -6.31 1.41
CA ILE A 68 -7.02 -7.07 2.50
C ILE A 68 -6.84 -6.16 3.71
N GLU A 69 -6.84 -6.76 4.89
CA GLU A 69 -6.67 -6.02 6.12
C GLU A 69 -5.61 -6.69 7.00
N HIS A 70 -4.87 -5.85 7.72
CA HIS A 70 -3.83 -6.36 8.61
C HIS A 70 -2.89 -7.28 7.83
N TYR A 71 -2.31 -6.74 6.78
CA TYR A 71 -1.40 -7.51 5.95
C TYR A 71 -0.06 -7.74 6.66
N HIS A 72 0.89 -8.27 5.91
CA HIS A 72 2.21 -8.54 6.45
C HIS A 72 3.27 -7.96 5.52
N ARG A 73 3.52 -8.68 4.44
CA ARG A 73 4.51 -8.25 3.46
C ARG A 73 4.21 -6.81 3.01
N THR A 74 4.96 -6.38 2.00
CA THR A 74 4.79 -5.05 1.46
C THR A 74 4.17 -5.10 0.07
N SER A 75 4.04 -6.32 -0.44
CA SER A 75 3.45 -6.52 -1.76
C SER A 75 2.32 -7.55 -1.67
N ALA A 76 1.30 -7.30 -2.48
CA ALA A 76 0.14 -8.19 -2.51
C ALA A 76 -0.32 -8.38 -3.95
N THR A 77 -0.51 -9.63 -4.31
CA THR A 77 -0.96 -9.96 -5.67
C THR A 77 -2.48 -9.88 -5.77
N ILE A 78 -2.93 -9.01 -6.66
CA ILE A 78 -4.36 -8.83 -6.87
C ILE A 78 -4.83 -9.73 -8.00
N THR A 79 -6.08 -10.16 -7.91
CA THR A 79 -6.65 -11.03 -8.92
C THR A 79 -8.12 -10.64 -9.18
N GLU A 80 -8.90 -11.64 -9.56
CA GLU A 80 -10.31 -11.42 -9.84
C GLU A 80 -10.49 -10.12 -10.63
N LEU A 81 -9.52 -9.84 -11.48
CA LEU A 81 -9.56 -8.65 -12.30
C LEU A 81 -10.19 -8.98 -13.65
N VAL A 82 -10.79 -7.97 -14.27
CA VAL A 82 -11.42 -8.15 -15.56
C VAL A 82 -10.65 -7.36 -16.62
N ILE A 83 -10.22 -8.08 -17.65
CA ILE A 83 -9.47 -7.46 -18.73
C ILE A 83 -10.35 -6.43 -19.44
N GLY A 84 -9.76 -5.30 -19.75
CA GLY A 84 -10.47 -4.23 -20.44
C GLY A 84 -11.05 -3.24 -19.43
N ASN A 85 -10.27 -2.95 -18.40
CA ASN A 85 -10.68 -2.02 -17.37
C ASN A 85 -9.46 -1.56 -16.58
N GLU A 86 -9.61 -0.40 -15.95
CA GLU A 86 -8.52 0.15 -15.15
C GLU A 86 -8.97 0.31 -13.70
N TYR A 87 -8.10 -0.13 -12.79
CA TYR A 87 -8.40 -0.03 -11.37
C TYR A 87 -7.30 0.74 -10.64
N TYR A 88 -7.57 1.05 -9.38
CA TYR A 88 -6.62 1.77 -8.56
C TYR A 88 -6.23 0.96 -7.33
N PHE A 89 -5.37 1.56 -6.51
CA PHE A 89 -4.92 0.91 -5.29
C PHE A 89 -4.34 1.93 -4.31
N ARG A 90 -4.75 1.78 -3.06
CA ARG A 90 -4.29 2.68 -2.00
C ARG A 90 -4.00 1.89 -0.72
N VAL A 91 -2.81 2.11 -0.20
CA VAL A 91 -2.40 1.43 1.02
C VAL A 91 -2.50 2.41 2.20
N PHE A 92 -3.20 1.96 3.23
CA PHE A 92 -3.39 2.78 4.42
C PHE A 92 -2.49 2.30 5.56
N SER A 93 -2.65 2.94 6.71
CA SER A 93 -1.86 2.59 7.87
C SER A 93 -2.78 2.12 9.00
N GLU A 94 -2.70 0.83 9.28
CA GLU A 94 -3.52 0.24 10.32
C GLU A 94 -2.74 0.21 11.65
N ASN A 95 -3.49 0.26 12.73
CA ASN A 95 -2.89 0.25 14.06
C ASN A 95 -3.99 0.39 15.11
N MET A 96 -3.56 0.66 16.33
CA MET A 96 -4.50 0.83 17.44
C MET A 96 -5.56 1.87 17.11
N CYS A 97 -5.12 2.94 16.47
CA CYS A 97 -6.01 4.01 16.09
C CYS A 97 -7.01 3.47 15.06
N GLY A 98 -6.57 3.45 13.81
CA GLY A 98 -7.41 2.96 12.73
C GLY A 98 -6.72 3.15 11.37
N LEU A 99 -7.50 3.64 10.42
CA LEU A 99 -6.98 3.87 9.08
C LEU A 99 -6.65 5.36 8.92
N SER A 100 -5.73 5.62 8.02
CA SER A 100 -5.31 7.00 7.76
C SER A 100 -6.26 7.66 6.77
N GLU A 101 -6.73 8.84 7.14
CA GLU A 101 -7.65 9.58 6.29
C GLU A 101 -7.07 9.74 4.89
N ASP A 102 -5.76 9.94 4.84
CA ASP A 102 -5.07 10.12 3.57
C ASP A 102 -4.26 8.85 3.27
N ALA A 103 -4.36 8.42 2.03
CA ALA A 103 -3.64 7.23 1.59
C ALA A 103 -2.89 7.53 0.29
N THR A 104 -1.84 6.76 0.06
CA THR A 104 -1.03 6.94 -1.12
C THR A 104 -1.53 6.03 -2.26
N MET A 105 -2.28 6.63 -3.16
CA MET A 105 -2.83 5.90 -4.29
C MET A 105 -1.91 6.00 -5.51
N THR A 106 -1.93 4.96 -6.32
CA THR A 106 -1.12 4.92 -7.52
C THR A 106 -1.67 5.89 -8.57
N LYS A 107 -1.01 7.03 -8.68
CA LYS A 107 -1.41 8.04 -9.64
C LYS A 107 -1.43 7.43 -11.05
N GLU A 108 -0.60 6.41 -11.22
CA GLU A 108 -0.53 5.74 -12.50
C GLU A 108 -1.62 4.68 -12.63
N SER A 109 -1.87 4.00 -11.52
CA SER A 109 -2.89 2.96 -11.49
C SER A 109 -2.41 1.72 -12.26
N ALA A 110 -3.36 0.87 -12.60
CA ALA A 110 -3.05 -0.33 -13.33
C ALA A 110 -4.11 -0.56 -14.42
N VAL A 111 -3.63 -0.80 -15.63
CA VAL A 111 -4.51 -1.03 -16.76
C VAL A 111 -4.49 -2.51 -17.12
N ILE A 112 -5.63 -3.17 -16.92
CA ILE A 112 -5.75 -4.57 -17.22
C ILE A 112 -5.93 -4.76 -18.72
N ALA A 113 -5.27 -5.78 -19.25
CA ALA A 113 -5.36 -6.07 -20.67
C ALA A 113 -4.69 -7.42 -20.95
N ARG A 114 -5.06 -8.00 -22.08
CA ARG A 114 -4.52 -9.29 -22.48
C ARG A 114 -3.12 -9.10 -23.09
N ASP A 115 -2.26 -8.46 -22.33
CA ASP A 115 -0.90 -8.20 -22.79
C ASP A 115 -0.09 -7.59 -21.65
N GLY A 116 1.23 -7.64 -21.81
CA GLY A 116 2.12 -7.09 -20.81
C GLY A 116 2.94 -5.93 -21.38
N LYS A 117 3.07 -4.89 -20.57
CA LYS A 117 3.83 -3.72 -20.98
C LYS A 117 5.32 -4.00 -20.82
N ILE A 118 6.10 -3.48 -21.76
CA ILE A 118 7.54 -3.67 -21.74
C ILE A 118 8.13 -2.89 -20.56
N TYR A 119 9.14 -2.10 -20.87
CA TYR A 119 9.80 -1.30 -19.85
C TYR A 119 10.34 0.00 -20.44
N LYS A 120 11.57 0.34 -20.02
CA LYS A 120 12.21 1.55 -20.50
C LYS A 120 13.56 1.18 -21.13
N GLY A 1 28.59 16.49 -0.13
CA GLY A 1 29.80 15.92 0.44
C GLY A 1 29.60 15.58 1.91
N SER A 2 29.53 16.63 2.73
CA SER A 2 29.35 16.45 4.16
C SER A 2 28.17 15.51 4.42
N SER A 3 28.39 14.57 5.33
CA SER A 3 27.36 13.60 5.68
C SER A 3 26.79 13.94 7.06
N GLY A 4 25.70 13.25 7.39
CA GLY A 4 25.05 13.46 8.67
C GLY A 4 26.05 13.37 9.82
N SER A 5 25.65 13.92 10.95
CA SER A 5 26.50 13.91 12.13
C SER A 5 25.67 13.55 13.36
N SER A 6 24.62 14.31 13.59
CA SER A 6 23.75 14.07 14.72
C SER A 6 24.52 14.27 16.03
N GLY A 7 23.98 15.12 16.88
CA GLY A 7 24.62 15.41 18.16
C GLY A 7 23.62 16.05 19.12
N ALA A 8 23.02 15.21 19.94
CA ALA A 8 22.05 15.68 20.93
C ALA A 8 21.59 14.51 21.79
N SER A 9 21.02 13.51 21.13
CA SER A 9 20.55 12.33 21.82
C SER A 9 19.31 12.68 22.67
N ILE A 10 18.19 12.83 21.98
CA ILE A 10 16.94 13.16 22.64
C ILE A 10 15.87 12.15 22.25
N ASP A 11 15.02 11.82 23.22
CA ASP A 11 13.95 10.86 22.98
C ASP A 11 12.72 11.60 22.47
N ILE A 12 12.41 11.37 21.20
CA ILE A 12 11.25 12.01 20.59
C ILE A 12 10.01 11.14 20.80
N GLN A 13 9.36 11.37 21.92
CA GLN A 13 8.17 10.62 22.26
C GLN A 13 6.91 11.46 22.01
N ILE A 14 6.38 11.32 20.79
CA ILE A 14 5.19 12.06 20.42
C ILE A 14 4.22 11.12 19.71
N ILE A 15 3.18 10.76 20.43
CA ILE A 15 2.17 9.87 19.89
C ILE A 15 1.54 10.49 18.65
N ASP A 16 1.00 9.65 17.79
CA ASP A 16 0.38 10.10 16.57
C ASP A 16 0.06 8.89 15.68
N ARG A 17 -0.99 9.05 14.88
CA ARG A 17 -1.40 7.99 13.98
C ARG A 17 -0.38 7.81 12.86
N PRO A 18 -0.28 6.54 12.37
CA PRO A 18 0.65 6.22 11.30
C PRO A 18 0.14 6.74 9.96
N GLY A 19 0.81 7.77 9.46
CA GLY A 19 0.43 8.36 8.18
C GLY A 19 0.41 7.31 7.08
N PRO A 20 0.40 7.81 5.81
CA PRO A 20 0.38 6.92 4.66
C PRO A 20 1.75 6.28 4.43
N PRO A 21 1.79 5.34 3.45
CA PRO A 21 3.02 4.65 3.13
C PRO A 21 3.97 5.55 2.34
N GLN A 22 5.25 5.29 2.49
CA GLN A 22 6.27 6.07 1.81
C GLN A 22 5.88 6.27 0.34
N ILE A 23 5.59 5.16 -0.32
CA ILE A 23 5.20 5.20 -1.72
C ILE A 23 4.43 3.93 -2.08
N VAL A 24 3.67 4.01 -3.16
CA VAL A 24 2.88 2.87 -3.61
C VAL A 24 2.99 2.75 -5.13
N LYS A 25 3.66 1.69 -5.55
CA LYS A 25 3.84 1.44 -6.97
C LYS A 25 3.27 0.07 -7.32
N ILE A 26 3.12 -0.15 -8.63
CA ILE A 26 2.59 -1.41 -9.10
C ILE A 26 3.71 -2.21 -9.77
N GLU A 27 4.19 -3.21 -9.04
CA GLU A 27 5.27 -4.05 -9.55
C GLU A 27 5.06 -4.34 -11.04
N ASP A 28 3.83 -4.69 -11.38
CA ASP A 28 3.48 -4.99 -12.75
C ASP A 28 2.05 -5.55 -12.81
N VAL A 29 1.60 -5.80 -14.03
CA VAL A 29 0.27 -6.34 -14.24
C VAL A 29 0.28 -7.25 -15.46
N TRP A 30 -0.15 -8.48 -15.24
CA TRP A 30 -0.20 -9.47 -16.31
C TRP A 30 -1.58 -10.12 -16.29
N GLY A 31 -2.07 -10.42 -17.49
CA GLY A 31 -3.38 -11.03 -17.62
C GLY A 31 -4.37 -10.47 -16.60
N GLU A 32 -4.87 -11.35 -15.76
CA GLU A 32 -5.83 -10.96 -14.73
C GLU A 32 -5.16 -10.98 -13.36
N ASN A 33 -3.95 -10.44 -13.31
CA ASN A 33 -3.20 -10.41 -12.06
C ASN A 33 -2.40 -9.09 -12.00
N VAL A 34 -2.59 -8.39 -10.90
CA VAL A 34 -1.89 -7.12 -10.69
C VAL A 34 -0.90 -7.26 -9.54
N ALA A 35 0.24 -6.60 -9.69
CA ALA A 35 1.27 -6.65 -8.68
C ALA A 35 1.42 -5.25 -8.05
N LEU A 36 1.19 -5.20 -6.75
CA LEU A 36 1.31 -3.95 -6.02
C LEU A 36 2.61 -3.94 -5.22
N THR A 37 3.13 -2.74 -5.01
CA THR A 37 4.37 -2.58 -4.27
C THR A 37 4.38 -1.23 -3.53
N TRP A 38 4.25 -1.33 -2.21
CA TRP A 38 4.25 -0.13 -1.38
C TRP A 38 5.42 -0.22 -0.41
N THR A 39 5.89 0.94 0.02
CA THR A 39 7.01 1.01 0.95
C THR A 39 6.51 1.17 2.37
N PRO A 40 7.41 0.85 3.35
CA PRO A 40 7.06 0.97 4.76
C PRO A 40 7.05 2.43 5.20
N PRO A 41 6.40 2.67 6.38
CA PRO A 41 6.32 4.01 6.92
C PRO A 41 7.65 4.45 7.52
N LYS A 42 7.96 5.73 7.33
CA LYS A 42 9.20 6.28 7.86
C LYS A 42 8.99 6.75 9.30
N ASP A 43 7.72 6.73 9.71
CA ASP A 43 7.37 7.15 11.05
C ASP A 43 6.45 6.08 11.69
N ASP A 44 6.23 6.24 12.98
CA ASP A 44 5.38 5.32 13.71
C ASP A 44 4.51 6.10 14.70
N GLY A 45 5.19 6.89 15.53
CA GLY A 45 4.50 7.69 16.53
C GLY A 45 4.12 6.84 17.75
N ASN A 46 5.10 6.10 18.24
CA ASN A 46 4.89 5.25 19.40
C ASN A 46 3.79 4.23 19.07
N ALA A 47 4.18 3.20 18.32
CA ALA A 47 3.26 2.16 17.93
C ALA A 47 4.02 1.05 17.22
N ALA A 48 3.27 0.03 16.82
CA ALA A 48 3.86 -1.11 16.12
C ALA A 48 3.01 -1.46 14.90
N ILE A 49 3.54 -1.15 13.73
CA ILE A 49 2.84 -1.43 12.48
C ILE A 49 2.52 -2.92 12.41
N THR A 50 1.28 -3.25 12.77
CA THR A 50 0.83 -4.63 12.75
C THR A 50 0.85 -5.17 11.32
N GLY A 51 0.14 -4.45 10.45
CA GLY A 51 0.06 -4.85 9.05
C GLY A 51 -0.32 -3.65 8.16
N TYR A 52 -0.98 -3.97 7.06
CA TYR A 52 -1.41 -2.95 6.13
C TYR A 52 -2.74 -3.33 5.47
N THR A 53 -3.48 -2.30 5.08
CA THR A 53 -4.76 -2.50 4.44
C THR A 53 -4.72 -2.05 2.98
N ILE A 54 -5.28 -2.89 2.11
CA ILE A 54 -5.30 -2.59 0.69
C ILE A 54 -6.74 -2.34 0.25
N GLN A 55 -6.91 -1.26 -0.50
CA GLN A 55 -8.23 -0.89 -0.98
C GLN A 55 -8.16 -0.52 -2.48
N LYS A 56 -8.88 -1.29 -3.28
CA LYS A 56 -8.90 -1.05 -4.71
C LYS A 56 -10.31 -0.66 -5.13
N ALA A 57 -10.42 -0.15 -6.35
CA ALA A 57 -11.70 0.27 -6.88
C ALA A 57 -11.65 0.25 -8.41
N ASP A 58 -12.83 0.25 -9.01
CA ASP A 58 -12.93 0.23 -10.47
C ASP A 58 -13.18 1.66 -10.97
N LYS A 59 -13.06 1.81 -12.29
CA LYS A 59 -13.27 3.10 -12.91
C LYS A 59 -14.73 3.22 -13.35
N LYS A 60 -15.58 2.47 -12.65
CA LYS A 60 -17.00 2.49 -12.96
C LYS A 60 -17.76 3.16 -11.81
N SER A 61 -17.47 2.68 -10.61
CA SER A 61 -18.12 3.23 -9.42
C SER A 61 -17.07 3.85 -8.49
N MET A 62 -15.84 3.39 -8.65
CA MET A 62 -14.73 3.89 -7.84
C MET A 62 -14.98 3.62 -6.36
N GLU A 63 -15.45 2.41 -6.08
CA GLU A 63 -15.73 2.01 -4.71
C GLU A 63 -14.48 1.40 -4.07
N TRP A 64 -14.23 1.79 -2.83
CA TRP A 64 -13.08 1.30 -2.10
C TRP A 64 -13.56 0.19 -1.15
N PHE A 65 -13.22 -1.04 -1.49
CA PHE A 65 -13.60 -2.17 -0.69
C PHE A 65 -12.38 -2.92 -0.16
N THR A 66 -12.23 -2.88 1.16
CA THR A 66 -11.10 -3.54 1.79
C THR A 66 -10.79 -4.86 1.10
N VAL A 67 -9.55 -5.00 0.66
CA VAL A 67 -9.11 -6.20 -0.02
C VAL A 67 -8.37 -7.10 0.97
N ILE A 68 -7.68 -6.46 1.90
CA ILE A 68 -6.93 -7.19 2.91
C ILE A 68 -6.67 -6.27 4.10
N GLU A 69 -6.54 -6.89 5.27
CA GLU A 69 -6.28 -6.15 6.49
C GLU A 69 -5.20 -6.83 7.31
N HIS A 70 -4.40 -6.01 7.99
CA HIS A 70 -3.33 -6.54 8.82
C HIS A 70 -2.51 -7.55 8.02
N TYR A 71 -2.19 -7.17 6.80
CA TYR A 71 -1.41 -8.04 5.93
C TYR A 71 -0.03 -8.32 6.52
N HIS A 72 0.78 -9.04 5.75
CA HIS A 72 2.12 -9.38 6.19
C HIS A 72 3.14 -8.62 5.35
N ARG A 73 3.37 -9.13 4.15
CA ARG A 73 4.32 -8.50 3.24
C ARG A 73 3.81 -7.13 2.80
N THR A 74 4.57 -6.51 1.91
CA THR A 74 4.21 -5.20 1.39
C THR A 74 3.74 -5.31 -0.06
N SER A 75 3.64 -6.54 -0.53
CA SER A 75 3.21 -6.79 -1.89
C SER A 75 2.13 -7.87 -1.91
N ALA A 76 1.11 -7.64 -2.72
CA ALA A 76 0.01 -8.57 -2.84
C ALA A 76 -0.40 -8.69 -4.31
N THR A 77 -0.71 -9.91 -4.71
CA THR A 77 -1.12 -10.18 -6.08
C THR A 77 -2.64 -10.16 -6.19
N ILE A 78 -3.14 -9.19 -6.94
CA ILE A 78 -4.57 -9.04 -7.14
C ILE A 78 -5.02 -9.99 -8.26
N THR A 79 -6.30 -10.32 -8.23
CA THR A 79 -6.87 -11.22 -9.23
C THR A 79 -8.25 -10.72 -9.65
N GLU A 80 -8.96 -11.60 -10.36
CA GLU A 80 -10.29 -11.27 -10.83
C GLU A 80 -10.28 -9.92 -11.56
N LEU A 81 -9.25 -9.73 -12.36
CA LEU A 81 -9.10 -8.49 -13.11
C LEU A 81 -9.44 -8.74 -14.58
N VAL A 82 -10.26 -7.87 -15.14
CA VAL A 82 -10.66 -7.99 -16.52
C VAL A 82 -9.66 -7.25 -17.41
N ILE A 83 -9.38 -7.86 -18.55
CA ILE A 83 -8.43 -7.28 -19.50
C ILE A 83 -9.15 -6.22 -20.34
N GLY A 84 -8.62 -5.01 -20.28
CA GLY A 84 -9.21 -3.90 -21.02
C GLY A 84 -9.83 -2.87 -20.09
N ASN A 85 -9.75 -3.16 -18.80
CA ASN A 85 -10.31 -2.28 -17.80
C ASN A 85 -9.18 -1.76 -16.90
N GLU A 86 -9.47 -0.64 -16.23
CA GLU A 86 -8.50 -0.04 -15.34
C GLU A 86 -9.00 -0.04 -13.91
N TYR A 87 -8.07 -0.21 -12.98
CA TYR A 87 -8.41 -0.24 -11.56
C TYR A 87 -7.41 0.58 -10.74
N TYR A 88 -7.86 0.99 -9.56
CA TYR A 88 -7.01 1.77 -8.67
C TYR A 88 -6.74 1.01 -7.38
N PHE A 89 -5.73 1.48 -6.65
CA PHE A 89 -5.36 0.87 -5.39
C PHE A 89 -4.89 1.92 -4.38
N ARG A 90 -5.00 1.56 -3.12
CA ARG A 90 -4.59 2.46 -2.05
C ARG A 90 -4.21 1.66 -0.80
N VAL A 91 -2.97 1.85 -0.37
CA VAL A 91 -2.46 1.16 0.80
C VAL A 91 -2.50 2.11 1.99
N PHE A 92 -2.94 1.58 3.13
CA PHE A 92 -3.03 2.36 4.34
C PHE A 92 -2.14 1.77 5.44
N SER A 93 -1.76 2.63 6.38
CA SER A 93 -0.92 2.21 7.48
C SER A 93 -1.78 1.69 8.63
N GLU A 94 -1.49 0.46 9.04
CA GLU A 94 -2.23 -0.16 10.14
C GLU A 94 -1.39 -0.14 11.42
N ASN A 95 -2.09 -0.14 12.54
CA ASN A 95 -1.44 -0.13 13.84
C ASN A 95 -2.48 -0.11 14.94
N MET A 96 -2.02 0.06 16.17
CA MET A 96 -2.89 0.10 17.32
C MET A 96 -3.36 1.54 17.60
N CYS A 97 -3.51 2.30 16.53
CA CYS A 97 -3.95 3.68 16.64
C CYS A 97 -5.21 3.85 15.81
N GLY A 98 -5.09 3.57 14.52
CA GLY A 98 -6.22 3.69 13.62
C GLY A 98 -5.74 3.84 12.17
N LEU A 99 -6.50 3.22 11.27
CA LEU A 99 -6.17 3.28 9.85
C LEU A 99 -5.69 4.68 9.50
N SER A 100 -4.96 4.77 8.40
CA SER A 100 -4.44 6.05 7.94
C SER A 100 -5.54 6.82 7.21
N GLU A 101 -5.79 8.03 7.70
CA GLU A 101 -6.81 8.88 7.11
C GLU A 101 -6.61 8.99 5.60
N ASP A 102 -5.35 9.22 5.22
CA ASP A 102 -5.01 9.35 3.82
C ASP A 102 -4.18 8.14 3.39
N ALA A 103 -4.28 7.81 2.10
CA ALA A 103 -3.55 6.68 1.56
C ALA A 103 -2.83 7.11 0.29
N THR A 104 -1.64 6.55 0.09
CA THR A 104 -0.84 6.88 -1.08
C THR A 104 -1.29 6.03 -2.27
N MET A 105 -2.09 6.64 -3.13
CA MET A 105 -2.60 5.95 -4.31
C MET A 105 -1.55 5.96 -5.43
N THR A 106 -1.52 4.84 -6.15
CA THR A 106 -0.57 4.71 -7.25
C THR A 106 -0.62 5.94 -8.15
N LYS A 107 0.53 6.60 -8.25
CA LYS A 107 0.64 7.80 -9.07
C LYS A 107 -0.14 7.59 -10.37
N GLU A 108 -0.17 6.34 -10.80
CA GLU A 108 -0.87 6.00 -12.04
C GLU A 108 -1.76 4.77 -11.81
N SER A 109 -2.61 4.51 -12.79
CA SER A 109 -3.51 3.37 -12.71
C SER A 109 -2.85 2.14 -13.33
N ALA A 110 -3.49 1.00 -13.14
CA ALA A 110 -2.98 -0.25 -13.67
C ALA A 110 -3.90 -0.74 -14.79
N VAL A 111 -3.35 -0.78 -16.00
CA VAL A 111 -4.10 -1.22 -17.15
C VAL A 111 -3.92 -2.73 -17.32
N ILE A 112 -5.02 -3.45 -17.15
CA ILE A 112 -5.00 -4.89 -17.28
C ILE A 112 -4.65 -5.26 -18.72
N ALA A 113 -3.75 -6.21 -18.86
CA ALA A 113 -3.32 -6.67 -20.18
C ALA A 113 -2.99 -8.16 -20.11
N ARG A 114 -2.56 -8.68 -21.25
CA ARG A 114 -2.21 -10.09 -21.34
C ARG A 114 -0.80 -10.26 -21.90
N ASP A 115 0.13 -10.60 -21.02
CA ASP A 115 1.51 -10.80 -21.42
C ASP A 115 2.14 -11.87 -20.53
N GLY A 116 3.27 -12.38 -21.00
CA GLY A 116 3.98 -13.42 -20.26
C GLY A 116 5.50 -13.29 -20.46
N LYS A 117 6.23 -14.07 -19.69
CA LYS A 117 7.68 -14.06 -19.77
C LYS A 117 8.19 -12.67 -19.37
N ILE A 118 9.44 -12.64 -18.92
CA ILE A 118 10.05 -11.38 -18.51
C ILE A 118 9.38 -10.88 -17.25
N TYR A 119 10.17 -10.82 -16.18
CA TYR A 119 9.65 -10.35 -14.90
C TYR A 119 9.96 -8.87 -14.69
N LYS A 120 10.29 -8.21 -15.79
CA LYS A 120 10.60 -6.78 -15.75
C LYS A 120 11.85 -6.57 -14.88
N GLY A 1 39.35 7.46 21.86
CA GLY A 1 38.28 6.54 21.54
C GLY A 1 37.75 5.85 22.80
N SER A 2 36.48 6.08 23.07
CA SER A 2 35.85 5.49 24.24
C SER A 2 34.32 5.62 24.13
N SER A 3 33.64 4.69 24.80
CA SER A 3 32.19 4.70 24.78
C SER A 3 31.65 5.51 25.96
N GLY A 4 30.37 5.83 25.88
CA GLY A 4 29.72 6.59 26.94
C GLY A 4 28.36 6.00 27.31
N SER A 5 27.35 6.85 27.30
CA SER A 5 26.00 6.42 27.62
C SER A 5 25.12 6.48 26.38
N SER A 6 24.34 5.43 26.20
CA SER A 6 23.43 5.35 25.06
C SER A 6 22.09 5.96 25.42
N GLY A 7 21.47 6.60 24.42
CA GLY A 7 20.18 7.23 24.62
C GLY A 7 19.24 6.33 25.44
N ALA A 8 18.88 6.83 26.61
CA ALA A 8 18.00 6.08 27.49
C ALA A 8 16.84 6.99 27.93
N SER A 9 15.78 6.35 28.40
CA SER A 9 14.60 7.08 28.85
C SER A 9 13.99 7.86 27.68
N ILE A 10 12.71 7.62 27.46
CA ILE A 10 12.00 8.30 26.38
C ILE A 10 11.87 9.78 26.72
N ASP A 11 11.54 10.56 25.70
CA ASP A 11 11.38 11.99 25.88
C ASP A 11 10.22 12.49 25.00
N ILE A 12 9.43 13.39 25.57
CA ILE A 12 8.29 13.94 24.87
C ILE A 12 7.65 12.84 24.01
N GLN A 13 6.73 12.11 24.61
CA GLN A 13 6.03 11.04 23.92
C GLN A 13 4.66 11.51 23.43
N ILE A 14 4.52 11.54 22.12
CA ILE A 14 3.26 11.96 21.52
C ILE A 14 2.76 10.88 20.56
N ILE A 15 1.86 10.06 21.07
CA ILE A 15 1.29 8.98 20.27
C ILE A 15 0.21 9.55 19.35
N ASP A 16 0.15 8.99 18.16
CA ASP A 16 -0.84 9.42 17.17
C ASP A 16 -0.78 8.50 15.96
N ARG A 17 -1.95 8.28 15.37
CA ARG A 17 -2.06 7.42 14.20
C ARG A 17 -0.89 7.67 13.25
N PRO A 18 -0.45 6.58 12.56
CA PRO A 18 0.64 6.67 11.62
C PRO A 18 0.20 7.36 10.33
N GLY A 19 1.18 7.64 9.48
CA GLY A 19 0.91 8.29 8.20
C GLY A 19 0.83 7.27 7.07
N PRO A 20 0.71 7.80 5.83
CA PRO A 20 0.63 6.94 4.65
C PRO A 20 2.00 6.34 4.32
N PRO A 21 1.98 5.42 3.31
CA PRO A 21 3.21 4.76 2.89
C PRO A 21 4.08 5.71 2.05
N GLN A 22 5.38 5.58 2.23
CA GLN A 22 6.32 6.42 1.51
C GLN A 22 5.89 6.57 0.05
N ILE A 23 5.74 5.42 -0.61
CA ILE A 23 5.33 5.42 -2.00
C ILE A 23 4.60 4.11 -2.31
N VAL A 24 3.78 4.15 -3.34
CA VAL A 24 3.02 2.98 -3.75
C VAL A 24 3.08 2.84 -5.27
N LYS A 25 3.73 1.77 -5.71
CA LYS A 25 3.86 1.51 -7.14
C LYS A 25 3.32 0.11 -7.45
N ILE A 26 3.22 -0.17 -8.74
CA ILE A 26 2.72 -1.46 -9.18
C ILE A 26 3.86 -2.24 -9.84
N GLU A 27 4.33 -3.25 -9.13
CA GLU A 27 5.41 -4.08 -9.63
C GLU A 27 5.18 -4.43 -11.10
N ASP A 28 3.95 -4.84 -11.39
CA ASP A 28 3.58 -5.20 -12.74
C ASP A 28 2.14 -5.71 -12.76
N VAL A 29 1.67 -6.01 -13.97
CA VAL A 29 0.31 -6.50 -14.13
C VAL A 29 0.28 -7.54 -15.26
N TRP A 30 -0.18 -8.73 -14.91
CA TRP A 30 -0.27 -9.80 -15.89
C TRP A 30 -1.67 -10.40 -15.80
N GLY A 31 -2.13 -10.90 -16.94
CA GLY A 31 -3.46 -11.51 -17.01
C GLY A 31 -4.46 -10.73 -16.17
N GLU A 32 -5.01 -11.40 -15.18
CA GLU A 32 -5.99 -10.79 -14.30
C GLU A 32 -5.41 -10.62 -12.89
N ASN A 33 -4.08 -10.51 -12.84
CA ASN A 33 -3.39 -10.34 -11.58
C ASN A 33 -2.49 -9.11 -11.65
N VAL A 34 -2.53 -8.32 -10.58
CA VAL A 34 -1.71 -7.12 -10.51
C VAL A 34 -0.71 -7.26 -9.37
N ALA A 35 0.40 -6.54 -9.52
CA ALA A 35 1.44 -6.57 -8.51
C ALA A 35 1.61 -5.17 -7.91
N LEU A 36 1.38 -5.09 -6.61
CA LEU A 36 1.49 -3.82 -5.90
C LEU A 36 2.82 -3.79 -5.14
N THR A 37 3.35 -2.59 -5.00
CA THR A 37 4.61 -2.40 -4.29
C THR A 37 4.65 -1.03 -3.62
N TRP A 38 4.59 -1.06 -2.29
CA TRP A 38 4.61 0.16 -1.51
C TRP A 38 5.80 0.09 -0.55
N THR A 39 6.32 1.26 -0.23
CA THR A 39 7.46 1.35 0.68
C THR A 39 6.97 1.53 2.13
N PRO A 40 7.90 1.24 3.08
CA PRO A 40 7.59 1.36 4.49
C PRO A 40 7.56 2.84 4.92
N PRO A 41 7.09 3.06 6.16
CA PRO A 41 6.99 4.42 6.70
C PRO A 41 8.38 4.93 7.10
N LYS A 42 8.59 6.21 6.81
CA LYS A 42 9.87 6.84 7.13
C LYS A 42 9.81 7.43 8.54
N ASP A 43 8.59 7.44 9.08
CA ASP A 43 8.38 7.98 10.42
C ASP A 43 7.09 7.39 11.00
N ASP A 44 7.26 6.33 11.76
CA ASP A 44 6.12 5.66 12.38
C ASP A 44 5.63 6.51 13.57
N GLY A 45 6.59 6.94 14.38
CA GLY A 45 6.28 7.75 15.54
C GLY A 45 6.39 6.92 16.82
N ASN A 46 5.27 6.30 17.19
CA ASN A 46 5.22 5.48 18.39
C ASN A 46 4.47 4.18 18.08
N ALA A 47 3.24 4.35 17.60
CA ALA A 47 2.40 3.21 17.27
C ALA A 47 3.16 2.31 16.29
N ALA A 48 3.49 1.11 16.78
CA ALA A 48 4.20 0.15 15.96
C ALA A 48 3.31 -0.29 14.80
N ILE A 49 3.93 -0.38 13.63
CA ILE A 49 3.20 -0.79 12.43
C ILE A 49 2.69 -2.22 12.62
N THR A 50 1.38 -2.33 12.73
CA THR A 50 0.76 -3.64 12.91
C THR A 50 0.67 -4.37 11.58
N GLY A 51 0.40 -3.60 10.53
CA GLY A 51 0.29 -4.18 9.20
C GLY A 51 -0.01 -3.08 8.16
N TYR A 52 -0.80 -3.47 7.16
CA TYR A 52 -1.17 -2.54 6.11
C TYR A 52 -2.38 -3.07 5.32
N THR A 53 -3.41 -2.24 5.25
CA THR A 53 -4.62 -2.61 4.54
C THR A 53 -4.54 -2.16 3.08
N ILE A 54 -5.21 -2.90 2.23
CA ILE A 54 -5.23 -2.60 0.81
C ILE A 54 -6.66 -2.64 0.29
N GLN A 55 -6.95 -1.77 -0.66
CA GLN A 55 -8.28 -1.70 -1.25
C GLN A 55 -8.18 -1.37 -2.74
N LYS A 56 -9.08 -1.98 -3.49
CA LYS A 56 -9.12 -1.77 -4.93
C LYS A 56 -10.39 -1.00 -5.31
N ALA A 57 -10.25 -0.13 -6.30
CA ALA A 57 -11.37 0.67 -6.76
C ALA A 57 -11.42 0.62 -8.29
N ASP A 58 -12.64 0.47 -8.80
CA ASP A 58 -12.84 0.42 -10.24
C ASP A 58 -12.99 1.84 -10.78
N LYS A 59 -12.95 1.95 -12.10
CA LYS A 59 -13.07 3.24 -12.76
C LYS A 59 -14.54 3.50 -13.07
N LYS A 60 -15.40 2.82 -12.33
CA LYS A 60 -16.84 2.98 -12.52
C LYS A 60 -17.41 3.85 -11.40
N SER A 61 -16.92 3.61 -10.19
CA SER A 61 -17.37 4.36 -9.04
C SER A 61 -16.16 4.87 -8.24
N MET A 62 -15.17 4.00 -8.11
CA MET A 62 -13.97 4.35 -7.38
C MET A 62 -14.27 4.57 -5.90
N GLU A 63 -15.31 3.90 -5.43
CA GLU A 63 -15.71 4.01 -4.04
C GLU A 63 -14.91 3.03 -3.18
N TRP A 64 -13.92 2.40 -3.81
CA TRP A 64 -13.09 1.44 -3.10
C TRP A 64 -14.01 0.46 -2.38
N PHE A 65 -13.38 -0.45 -1.64
CA PHE A 65 -14.13 -1.45 -0.90
C PHE A 65 -13.22 -2.18 0.10
N THR A 66 -12.64 -3.27 -0.38
CA THR A 66 -11.75 -4.07 0.45
C THR A 66 -10.97 -5.07 -0.40
N VAL A 67 -9.78 -5.40 0.06
CA VAL A 67 -8.93 -6.34 -0.64
C VAL A 67 -8.18 -7.21 0.37
N ILE A 68 -7.62 -6.55 1.37
CA ILE A 68 -6.89 -7.26 2.40
C ILE A 68 -6.84 -6.39 3.67
N GLU A 69 -7.00 -7.06 4.81
CA GLU A 69 -6.98 -6.37 6.09
C GLU A 69 -6.09 -7.11 7.08
N HIS A 70 -5.18 -6.36 7.69
CA HIS A 70 -4.26 -6.94 8.65
C HIS A 70 -3.16 -7.72 7.93
N TYR A 71 -2.51 -7.02 7.01
CA TYR A 71 -1.44 -7.64 6.24
C TYR A 71 -0.09 -7.47 6.94
N HIS A 72 0.95 -8.00 6.30
CA HIS A 72 2.29 -7.91 6.85
C HIS A 72 3.23 -7.32 5.80
N ARG A 73 3.52 -8.12 4.79
CA ARG A 73 4.41 -7.70 3.72
C ARG A 73 3.96 -6.34 3.16
N THR A 74 4.75 -5.82 2.24
CA THR A 74 4.44 -4.55 1.62
C THR A 74 4.04 -4.74 0.15
N SER A 75 3.83 -6.00 -0.20
CA SER A 75 3.44 -6.33 -1.57
C SER A 75 2.39 -7.44 -1.56
N ALA A 76 1.40 -7.28 -2.41
CA ALA A 76 0.33 -8.25 -2.51
C ALA A 76 -0.21 -8.26 -3.95
N THR A 77 -0.49 -9.46 -4.43
CA THR A 77 -1.01 -9.63 -5.78
C THR A 77 -2.54 -9.58 -5.77
N ILE A 78 -3.08 -8.80 -6.69
CA ILE A 78 -4.52 -8.65 -6.80
C ILE A 78 -5.06 -9.71 -7.76
N THR A 79 -6.37 -9.90 -7.70
CA THR A 79 -7.03 -10.88 -8.55
C THR A 79 -8.38 -10.35 -9.04
N GLU A 80 -9.12 -11.22 -9.71
CA GLU A 80 -10.42 -10.85 -10.22
C GLU A 80 -10.38 -9.46 -10.86
N LEU A 81 -9.83 -9.42 -12.06
CA LEU A 81 -9.71 -8.16 -12.79
C LEU A 81 -10.18 -8.35 -14.23
N VAL A 82 -11.11 -7.49 -14.64
CA VAL A 82 -11.65 -7.57 -15.98
C VAL A 82 -10.60 -7.04 -16.97
N ILE A 83 -10.50 -7.75 -18.09
CA ILE A 83 -9.55 -7.37 -19.12
C ILE A 83 -10.11 -6.21 -19.93
N GLY A 84 -9.28 -5.19 -20.13
CA GLY A 84 -9.68 -4.01 -20.89
C GLY A 84 -10.30 -2.96 -19.96
N ASN A 85 -9.96 -3.08 -18.69
CA ASN A 85 -10.48 -2.14 -17.70
C ASN A 85 -9.31 -1.64 -16.83
N GLU A 86 -9.61 -0.63 -16.02
CA GLU A 86 -8.61 -0.06 -15.14
C GLU A 86 -9.05 -0.21 -13.68
N TYR A 87 -8.09 0.03 -12.79
CA TYR A 87 -8.36 -0.08 -11.36
C TYR A 87 -7.45 0.86 -10.56
N TYR A 88 -7.74 0.96 -9.27
CA TYR A 88 -6.96 1.81 -8.40
C TYR A 88 -6.69 1.12 -7.07
N PHE A 89 -5.46 1.29 -6.59
CA PHE A 89 -5.07 0.68 -5.32
C PHE A 89 -4.65 1.76 -4.31
N ARG A 90 -4.77 1.40 -3.04
CA ARG A 90 -4.41 2.32 -1.98
C ARG A 90 -3.97 1.55 -0.74
N VAL A 91 -2.78 1.85 -0.27
CA VAL A 91 -2.24 1.20 0.92
C VAL A 91 -2.46 2.09 2.13
N PHE A 92 -2.92 1.45 3.21
CA PHE A 92 -3.18 2.17 4.44
C PHE A 92 -2.33 1.61 5.59
N SER A 93 -1.58 2.50 6.21
CA SER A 93 -0.73 2.09 7.33
C SER A 93 -1.59 1.60 8.49
N GLU A 94 -1.57 0.29 8.69
CA GLU A 94 -2.33 -0.32 9.76
C GLU A 94 -1.64 -0.09 11.11
N ASN A 95 -2.41 -0.27 12.17
CA ASN A 95 -1.89 -0.09 13.52
C ASN A 95 -3.00 -0.34 14.53
N MET A 96 -2.63 -0.25 15.79
CA MET A 96 -3.58 -0.47 16.87
C MET A 96 -4.64 0.64 16.90
N CYS A 97 -4.26 1.79 16.37
CA CYS A 97 -5.16 2.92 16.32
C CYS A 97 -6.21 2.66 15.23
N GLY A 98 -5.73 2.21 14.09
CA GLY A 98 -6.61 1.91 12.97
C GLY A 98 -5.88 2.10 11.64
N LEU A 99 -6.55 2.79 10.73
CA LEU A 99 -5.99 3.06 9.42
C LEU A 99 -5.55 4.52 9.33
N SER A 100 -4.82 4.83 8.28
CA SER A 100 -4.33 6.18 8.06
C SER A 100 -5.41 7.03 7.39
N GLU A 101 -5.68 8.17 8.00
CA GLU A 101 -6.70 9.08 7.47
C GLU A 101 -6.55 9.21 5.96
N ASP A 102 -5.30 9.36 5.52
CA ASP A 102 -5.02 9.49 4.10
C ASP A 102 -4.28 8.25 3.62
N ALA A 103 -4.45 7.96 2.33
CA ALA A 103 -3.81 6.81 1.74
C ALA A 103 -3.06 7.24 0.47
N THR A 104 -1.91 6.61 0.26
CA THR A 104 -1.09 6.92 -0.90
C THR A 104 -1.50 6.05 -2.09
N MET A 105 -2.10 6.71 -3.08
CA MET A 105 -2.54 6.01 -4.27
C MET A 105 -1.42 5.91 -5.30
N THR A 106 -1.41 4.80 -6.02
CA THR A 106 -0.39 4.58 -7.04
C THR A 106 -0.31 5.77 -7.99
N LYS A 107 0.87 6.36 -8.05
CA LYS A 107 1.10 7.50 -8.91
C LYS A 107 0.40 7.27 -10.26
N GLU A 108 0.32 6.00 -10.63
CA GLU A 108 -0.32 5.64 -11.89
C GLU A 108 -1.30 4.48 -11.66
N SER A 109 -2.23 4.34 -12.60
CA SER A 109 -3.22 3.29 -12.52
C SER A 109 -2.70 2.02 -13.21
N ALA A 110 -3.48 0.96 -13.10
CA ALA A 110 -3.12 -0.31 -13.71
C ALA A 110 -4.20 -0.74 -14.68
N VAL A 111 -3.80 -0.89 -15.94
CA VAL A 111 -4.73 -1.31 -16.98
C VAL A 111 -4.46 -2.76 -17.36
N ILE A 112 -5.52 -3.55 -17.34
CA ILE A 112 -5.42 -4.96 -17.69
C ILE A 112 -5.46 -5.12 -19.21
N ALA A 113 -4.46 -5.82 -19.72
CA ALA A 113 -4.38 -6.06 -21.14
C ALA A 113 -4.13 -7.54 -21.40
N ARG A 114 -4.20 -8.32 -20.33
CA ARG A 114 -3.98 -9.75 -20.42
C ARG A 114 -2.53 -10.05 -20.79
N ASP A 115 -1.68 -9.07 -20.57
CA ASP A 115 -0.26 -9.20 -20.87
C ASP A 115 0.52 -8.07 -20.20
N GLY A 116 1.81 -8.31 -20.02
CA GLY A 116 2.67 -7.32 -19.39
C GLY A 116 3.15 -6.29 -20.42
N LYS A 117 3.30 -5.06 -19.95
CA LYS A 117 3.74 -3.98 -20.81
C LYS A 117 4.87 -3.22 -20.12
N ILE A 118 5.72 -2.59 -20.93
CA ILE A 118 6.83 -1.83 -20.42
C ILE A 118 7.80 -2.77 -19.70
N TYR A 119 9.09 -2.53 -19.90
CA TYR A 119 10.12 -3.35 -19.28
C TYR A 119 10.01 -3.29 -17.76
N LYS A 120 11.09 -3.72 -17.11
CA LYS A 120 11.13 -3.72 -15.65
C LYS A 120 10.74 -2.34 -15.13
N GLY A 1 19.38 -17.62 9.93
CA GLY A 1 18.83 -16.28 9.89
C GLY A 1 18.98 -15.58 11.23
N SER A 2 19.43 -14.34 11.17
CA SER A 2 19.63 -13.55 12.37
C SER A 2 19.61 -12.05 12.03
N SER A 3 19.33 -11.25 13.05
CA SER A 3 19.27 -9.81 12.88
C SER A 3 18.90 -9.13 14.19
N GLY A 4 19.45 -7.94 14.38
CA GLY A 4 19.19 -7.18 15.59
C GLY A 4 19.09 -5.69 15.29
N SER A 5 20.24 -5.03 15.31
CA SER A 5 20.29 -3.60 15.04
C SER A 5 19.47 -2.85 16.08
N SER A 6 19.89 -1.61 16.32
CA SER A 6 19.20 -0.77 17.29
C SER A 6 19.80 0.64 17.28
N GLY A 7 18.98 1.60 17.69
CA GLY A 7 19.42 2.99 17.73
C GLY A 7 20.10 3.32 19.06
N ALA A 8 19.90 4.55 19.50
CA ALA A 8 20.49 4.99 20.76
C ALA A 8 19.48 5.86 21.51
N SER A 9 18.40 5.21 21.94
CA SER A 9 17.35 5.91 22.67
C SER A 9 16.06 5.09 22.64
N ILE A 10 15.32 5.17 23.73
CA ILE A 10 14.06 4.44 23.84
C ILE A 10 13.12 5.20 24.78
N ASP A 11 11.93 5.45 24.29
CA ASP A 11 10.93 6.16 25.07
C ASP A 11 9.67 6.37 24.22
N ILE A 12 8.85 5.34 24.17
CA ILE A 12 7.62 5.39 23.40
C ILE A 12 6.59 6.24 24.15
N GLN A 13 6.72 7.56 23.98
CA GLN A 13 5.82 8.48 24.63
C GLN A 13 5.26 9.49 23.62
N ILE A 14 4.82 8.95 22.49
CA ILE A 14 4.25 9.78 21.43
C ILE A 14 3.23 8.97 20.64
N ILE A 15 1.99 9.01 21.13
CA ILE A 15 0.92 8.28 20.48
C ILE A 15 0.40 9.10 19.30
N ASP A 16 0.22 8.41 18.18
CA ASP A 16 -0.26 9.06 16.97
C ASP A 16 -0.31 8.03 15.84
N ARG A 17 -1.25 8.25 14.93
CA ARG A 17 -1.42 7.36 13.80
C ARG A 17 -0.29 7.56 12.78
N PRO A 18 0.15 6.44 12.17
CA PRO A 18 1.22 6.48 11.19
C PRO A 18 0.71 7.05 9.85
N GLY A 19 1.43 8.03 9.36
CA GLY A 19 1.06 8.67 8.10
C GLY A 19 0.95 7.63 6.98
N PRO A 20 0.94 8.15 5.72
CA PRO A 20 0.84 7.28 4.56
C PRO A 20 2.16 6.56 4.29
N PRO A 21 2.12 5.62 3.31
CA PRO A 21 3.31 4.86 2.94
C PRO A 21 4.28 5.72 2.14
N GLN A 22 5.56 5.41 2.28
CA GLN A 22 6.60 6.14 1.57
C GLN A 22 6.20 6.33 0.10
N ILE A 23 5.73 5.25 -0.50
CA ILE A 23 5.32 5.29 -1.89
C ILE A 23 4.52 4.03 -2.22
N VAL A 24 3.81 4.09 -3.34
CA VAL A 24 3.00 2.96 -3.77
C VAL A 24 3.13 2.81 -5.28
N LYS A 25 3.73 1.69 -5.68
CA LYS A 25 3.92 1.41 -7.10
C LYS A 25 3.30 0.06 -7.43
N ILE A 26 3.28 -0.26 -8.72
CA ILE A 26 2.72 -1.51 -9.18
C ILE A 26 3.82 -2.34 -9.85
N GLU A 27 4.32 -3.32 -9.10
CA GLU A 27 5.36 -4.18 -9.61
C GLU A 27 5.12 -4.51 -11.09
N ASP A 28 3.86 -4.77 -11.40
CA ASP A 28 3.48 -5.08 -12.76
C ASP A 28 2.04 -5.62 -12.78
N VAL A 29 1.57 -5.94 -13.97
CA VAL A 29 0.22 -6.45 -14.14
C VAL A 29 0.20 -7.44 -15.31
N TRP A 30 -0.23 -8.65 -15.01
CA TRP A 30 -0.31 -9.70 -16.02
C TRP A 30 -1.68 -10.36 -15.90
N GLY A 31 -2.15 -10.84 -17.05
CA GLY A 31 -3.45 -11.50 -17.10
C GLY A 31 -4.46 -10.78 -16.19
N GLU A 32 -4.98 -11.52 -15.23
CA GLU A 32 -5.96 -10.98 -14.30
C GLU A 32 -5.36 -10.86 -12.89
N ASN A 33 -4.06 -10.61 -12.87
CA ASN A 33 -3.35 -10.48 -11.60
C ASN A 33 -2.45 -9.23 -11.64
N VAL A 34 -2.66 -8.36 -10.67
CA VAL A 34 -1.89 -7.14 -10.59
C VAL A 34 -0.86 -7.26 -9.47
N ALA A 35 0.25 -6.56 -9.64
CA ALA A 35 1.32 -6.58 -8.65
C ALA A 35 1.50 -5.18 -8.07
N LEU A 36 1.32 -5.10 -6.75
CA LEU A 36 1.46 -3.84 -6.05
C LEU A 36 2.78 -3.83 -5.28
N THR A 37 3.31 -2.63 -5.09
CA THR A 37 4.56 -2.47 -4.37
C THR A 37 4.59 -1.13 -3.64
N TRP A 38 4.43 -1.20 -2.32
CA TRP A 38 4.44 0.00 -1.50
C TRP A 38 5.65 -0.07 -0.57
N THR A 39 6.05 1.10 -0.08
CA THR A 39 7.19 1.18 0.82
C THR A 39 6.72 1.49 2.24
N PRO A 40 7.57 1.10 3.22
CA PRO A 40 7.25 1.32 4.63
C PRO A 40 7.45 2.80 4.99
N PRO A 41 6.86 3.18 6.16
CA PRO A 41 6.96 4.55 6.63
C PRO A 41 8.35 4.83 7.21
N LYS A 42 8.75 6.08 7.12
CA LYS A 42 10.05 6.50 7.62
C LYS A 42 9.98 6.65 9.14
N ASP A 43 8.77 6.51 9.66
CA ASP A 43 8.55 6.63 11.10
C ASP A 43 8.00 5.31 11.64
N ASP A 44 8.56 4.89 12.77
CA ASP A 44 8.14 3.66 13.40
C ASP A 44 8.78 3.55 14.79
N GLY A 45 8.29 4.40 15.69
CA GLY A 45 8.81 4.40 17.05
C GLY A 45 7.70 4.08 18.06
N ASN A 46 6.56 4.74 17.88
CA ASN A 46 5.43 4.52 18.76
C ASN A 46 4.23 4.07 17.93
N ALA A 47 3.66 2.94 18.35
CA ALA A 47 2.50 2.39 17.66
C ALA A 47 2.90 2.02 16.23
N ALA A 48 3.97 1.24 16.13
CA ALA A 48 4.48 0.80 14.83
C ALA A 48 3.29 0.31 13.98
N ILE A 49 3.58 0.11 12.71
CA ILE A 49 2.57 -0.36 11.78
C ILE A 49 2.40 -1.87 11.92
N THR A 50 1.23 -2.28 12.38
CA THR A 50 0.94 -3.68 12.56
C THR A 50 0.75 -4.36 11.21
N GLY A 51 0.39 -3.56 10.22
CA GLY A 51 0.18 -4.08 8.88
C GLY A 51 -0.22 -2.96 7.91
N TYR A 52 -0.75 -3.37 6.77
CA TYR A 52 -1.18 -2.42 5.76
C TYR A 52 -2.45 -2.90 5.05
N THR A 53 -3.48 -2.06 5.12
CA THR A 53 -4.75 -2.39 4.49
C THR A 53 -4.73 -1.97 3.02
N ILE A 54 -5.17 -2.89 2.18
CA ILE A 54 -5.21 -2.64 0.74
C ILE A 54 -6.67 -2.63 0.28
N GLN A 55 -6.94 -1.77 -0.68
CA GLN A 55 -8.29 -1.65 -1.23
C GLN A 55 -8.23 -1.42 -2.74
N LYS A 56 -9.16 -2.06 -3.43
CA LYS A 56 -9.23 -1.94 -4.88
C LYS A 56 -10.50 -1.19 -5.26
N ALA A 57 -10.40 -0.45 -6.36
CA ALA A 57 -11.55 0.32 -6.85
C ALA A 57 -11.42 0.50 -8.36
N ASP A 58 -12.57 0.55 -9.02
CA ASP A 58 -12.60 0.72 -10.45
C ASP A 58 -12.86 2.20 -10.79
N LYS A 59 -12.88 2.48 -12.08
CA LYS A 59 -13.11 3.84 -12.54
C LYS A 59 -14.61 4.08 -12.70
N LYS A 60 -15.39 3.18 -12.12
CA LYS A 60 -16.83 3.27 -12.18
C LYS A 60 -17.30 4.46 -11.36
N SER A 61 -16.83 4.50 -10.11
CA SER A 61 -17.18 5.58 -9.21
C SER A 61 -16.22 5.61 -8.02
N MET A 62 -14.98 5.20 -8.30
CA MET A 62 -13.97 5.18 -7.26
C MET A 62 -14.48 4.52 -5.99
N GLU A 63 -15.05 3.34 -6.16
CA GLU A 63 -15.60 2.59 -5.04
C GLU A 63 -14.60 1.53 -4.57
N TRP A 64 -14.44 1.45 -3.26
CA TRP A 64 -13.53 0.48 -2.68
C TRP A 64 -14.36 -0.55 -1.90
N PHE A 65 -13.78 -1.74 -1.76
CA PHE A 65 -14.45 -2.81 -1.06
C PHE A 65 -13.47 -3.62 -0.22
N THR A 66 -12.35 -2.99 0.10
CA THR A 66 -11.31 -3.62 0.90
C THR A 66 -10.77 -4.86 0.17
N VAL A 67 -9.48 -5.09 0.32
CA VAL A 67 -8.84 -6.22 -0.30
C VAL A 67 -8.17 -7.09 0.77
N ILE A 68 -7.49 -6.40 1.68
CA ILE A 68 -6.80 -7.09 2.76
C ILE A 68 -6.72 -6.17 3.98
N GLU A 69 -6.59 -6.79 5.14
CA GLU A 69 -6.51 -6.04 6.39
C GLU A 69 -5.42 -6.63 7.29
N HIS A 70 -4.71 -5.74 7.97
CA HIS A 70 -3.64 -6.16 8.86
C HIS A 70 -2.77 -7.21 8.16
N TYR A 71 -2.07 -6.76 7.13
CA TYR A 71 -1.19 -7.63 6.38
C TYR A 71 0.19 -7.71 7.02
N HIS A 72 1.13 -8.27 6.27
CA HIS A 72 2.49 -8.41 6.74
C HIS A 72 3.46 -7.86 5.70
N ARG A 73 3.65 -8.64 4.64
CA ARG A 73 4.53 -8.25 3.57
C ARG A 73 4.21 -6.84 3.09
N THR A 74 4.92 -6.42 2.05
CA THR A 74 4.70 -5.09 1.49
C THR A 74 4.22 -5.20 0.04
N SER A 75 4.08 -6.44 -0.42
CA SER A 75 3.63 -6.69 -1.77
C SER A 75 2.50 -7.73 -1.76
N ALA A 76 1.49 -7.47 -2.59
CA ALA A 76 0.35 -8.36 -2.69
C ALA A 76 -0.16 -8.37 -4.13
N THR A 77 -0.51 -9.57 -4.58
CA THR A 77 -1.01 -9.74 -5.93
C THR A 77 -2.54 -9.77 -5.93
N ILE A 78 -3.12 -8.86 -6.70
CA ILE A 78 -4.58 -8.78 -6.80
C ILE A 78 -5.08 -9.84 -7.78
N THR A 79 -6.34 -10.20 -7.61
CA THR A 79 -6.95 -11.20 -8.48
C THR A 79 -8.36 -10.75 -8.90
N GLU A 80 -9.01 -11.62 -9.65
CA GLU A 80 -10.36 -11.33 -10.12
C GLU A 80 -10.40 -9.94 -10.78
N LEU A 81 -9.80 -9.86 -11.95
CA LEU A 81 -9.78 -8.60 -12.69
C LEU A 81 -10.17 -8.86 -14.15
N VAL A 82 -11.00 -7.96 -14.66
CA VAL A 82 -11.46 -8.08 -16.04
C VAL A 82 -10.49 -7.33 -16.96
N ILE A 83 -10.04 -8.04 -17.99
CA ILE A 83 -9.11 -7.48 -18.95
C ILE A 83 -9.83 -6.39 -19.76
N GLY A 84 -9.20 -5.24 -19.85
CA GLY A 84 -9.76 -4.11 -20.59
C GLY A 84 -10.44 -3.12 -19.65
N ASN A 85 -9.74 -2.81 -18.55
CA ASN A 85 -10.27 -1.88 -17.58
C ASN A 85 -9.13 -1.41 -16.67
N GLU A 86 -9.35 -0.26 -16.05
CA GLU A 86 -8.35 0.31 -15.16
C GLU A 86 -8.91 0.40 -13.73
N TYR A 87 -8.03 0.14 -12.78
CA TYR A 87 -8.41 0.18 -11.37
C TYR A 87 -7.40 0.98 -10.56
N TYR A 88 -7.76 1.22 -9.31
CA TYR A 88 -6.90 1.98 -8.41
C TYR A 88 -6.64 1.20 -7.12
N PHE A 89 -5.50 1.49 -6.50
CA PHE A 89 -5.12 0.83 -5.26
C PHE A 89 -4.68 1.86 -4.21
N ARG A 90 -5.18 1.66 -3.00
CA ARG A 90 -4.86 2.54 -1.90
C ARG A 90 -4.33 1.75 -0.71
N VAL A 91 -3.14 2.14 -0.26
CA VAL A 91 -2.52 1.47 0.87
C VAL A 91 -2.61 2.37 2.11
N PHE A 92 -3.15 1.81 3.17
CA PHE A 92 -3.30 2.54 4.41
C PHE A 92 -2.15 2.24 5.37
N SER A 93 -2.26 2.77 6.58
CA SER A 93 -1.24 2.57 7.59
C SER A 93 -1.88 2.12 8.91
N GLU A 94 -1.91 0.80 9.08
CA GLU A 94 -2.50 0.22 10.28
C GLU A 94 -1.62 0.53 11.50
N ASN A 95 -2.21 0.35 12.67
CA ASN A 95 -1.50 0.61 13.91
C ASN A 95 -2.41 0.32 15.10
N MET A 96 -1.95 0.69 16.28
CA MET A 96 -2.72 0.48 17.49
C MET A 96 -3.69 1.64 17.74
N CYS A 97 -4.30 2.11 16.65
CA CYS A 97 -5.24 3.20 16.74
C CYS A 97 -6.38 2.94 15.73
N GLY A 98 -6.00 2.93 14.47
CA GLY A 98 -6.97 2.70 13.40
C GLY A 98 -6.30 2.74 12.03
N LEU A 99 -7.05 3.22 11.05
CA LEU A 99 -6.54 3.32 9.70
C LEU A 99 -6.18 4.77 9.39
N SER A 100 -5.23 4.94 8.48
CA SER A 100 -4.79 6.27 8.09
C SER A 100 -5.77 6.88 7.09
N GLU A 101 -6.23 8.08 7.42
CA GLU A 101 -7.17 8.78 6.55
C GLU A 101 -6.51 9.13 5.22
N ASP A 102 -5.19 9.27 5.27
CA ASP A 102 -4.43 9.61 4.08
C ASP A 102 -3.79 8.33 3.50
N ALA A 103 -3.94 8.19 2.20
CA ALA A 103 -3.39 7.03 1.51
C ALA A 103 -2.61 7.49 0.28
N THR A 104 -1.65 6.67 -0.11
CA THR A 104 -0.83 6.98 -1.26
C THR A 104 -1.23 6.11 -2.46
N MET A 105 -2.04 6.69 -3.33
CA MET A 105 -2.50 5.98 -4.51
C MET A 105 -1.39 5.86 -5.55
N THR A 106 -1.29 4.67 -6.14
CA THR A 106 -0.27 4.41 -7.14
C THR A 106 -0.12 5.62 -8.07
N LYS A 107 1.10 6.14 -8.11
CA LYS A 107 1.39 7.29 -8.95
C LYS A 107 0.67 7.14 -10.28
N GLU A 108 0.61 5.90 -10.76
CA GLU A 108 -0.05 5.61 -12.02
C GLU A 108 -1.05 4.46 -11.85
N SER A 109 -2.04 4.45 -12.71
CA SER A 109 -3.07 3.43 -12.67
C SER A 109 -2.54 2.14 -13.29
N ALA A 110 -3.34 1.09 -13.18
CA ALA A 110 -2.97 -0.20 -13.73
C ALA A 110 -4.04 -0.66 -14.73
N VAL A 111 -3.58 -0.96 -15.93
CA VAL A 111 -4.49 -1.40 -16.98
C VAL A 111 -4.29 -2.91 -17.22
N ILE A 112 -5.36 -3.65 -17.03
CA ILE A 112 -5.32 -5.09 -17.22
C ILE A 112 -5.25 -5.40 -18.72
N ALA A 113 -4.52 -6.46 -19.05
CA ALA A 113 -4.37 -6.86 -20.43
C ALA A 113 -3.65 -8.22 -20.48
N ARG A 114 -4.03 -9.02 -21.46
CA ARG A 114 -3.43 -10.33 -21.63
C ARG A 114 -1.99 -10.20 -22.12
N ASP A 115 -1.18 -9.53 -21.32
CA ASP A 115 0.22 -9.32 -21.66
C ASP A 115 1.10 -9.68 -20.46
N GLY A 116 1.74 -10.83 -20.56
CA GLY A 116 2.61 -11.29 -19.49
C GLY A 116 4.08 -11.11 -19.86
N LYS A 117 4.77 -10.31 -19.06
CA LYS A 117 6.18 -10.04 -19.29
C LYS A 117 7.00 -11.22 -18.76
N ILE A 118 8.31 -11.02 -18.74
CA ILE A 118 9.23 -12.05 -18.26
C ILE A 118 10.42 -11.38 -17.58
N TYR A 119 10.68 -11.83 -16.36
CA TYR A 119 11.79 -11.29 -15.59
C TYR A 119 13.12 -11.49 -16.32
N LYS A 120 14.16 -11.73 -15.53
CA LYS A 120 15.48 -11.93 -16.09
C LYS A 120 15.62 -13.39 -16.55
N GLY A 1 37.11 -7.39 12.78
CA GLY A 1 36.75 -6.00 12.60
C GLY A 1 35.30 -5.74 13.01
N SER A 2 35.09 -4.58 13.60
CA SER A 2 33.76 -4.20 14.05
C SER A 2 33.80 -2.83 14.73
N SER A 3 32.87 -1.97 14.35
CA SER A 3 32.78 -0.64 14.91
C SER A 3 31.42 -0.02 14.63
N GLY A 4 31.12 1.05 15.33
CA GLY A 4 29.86 1.75 15.16
C GLY A 4 28.70 0.90 15.69
N SER A 5 27.63 1.59 16.04
CA SER A 5 26.44 0.92 16.56
C SER A 5 25.23 1.84 16.46
N SER A 6 25.44 3.08 16.86
CA SER A 6 24.36 4.07 16.82
C SER A 6 23.22 3.63 17.73
N GLY A 7 22.47 4.63 18.19
CA GLY A 7 21.35 4.37 19.07
C GLY A 7 20.40 5.57 19.13
N ALA A 8 19.11 5.26 19.29
CA ALA A 8 18.11 6.30 19.34
C ALA A 8 17.03 5.89 20.35
N SER A 9 16.98 6.62 21.46
CA SER A 9 16.01 6.34 22.50
C SER A 9 14.96 7.45 22.54
N ILE A 10 13.90 7.25 21.76
CA ILE A 10 12.83 8.22 21.69
C ILE A 10 13.34 9.50 21.04
N ASP A 11 12.96 9.70 19.79
CA ASP A 11 13.38 10.87 19.05
C ASP A 11 12.57 10.97 17.75
N ILE A 12 12.39 12.19 17.29
CA ILE A 12 11.64 12.43 16.07
C ILE A 12 10.45 11.47 16.01
N GLN A 13 9.35 11.90 16.61
CA GLN A 13 8.15 11.09 16.63
C GLN A 13 6.97 11.88 16.06
N ILE A 14 5.96 11.14 15.61
CA ILE A 14 4.78 11.76 15.04
C ILE A 14 3.53 11.20 15.74
N ILE A 15 3.00 12.00 16.65
CA ILE A 15 1.82 11.59 17.40
C ILE A 15 0.63 11.51 16.44
N ASP A 16 -0.53 11.25 17.02
CA ASP A 16 -1.75 11.14 16.24
C ASP A 16 -1.70 9.86 15.40
N ARG A 17 -2.73 9.69 14.58
CA ARG A 17 -2.80 8.52 13.72
C ARG A 17 -1.45 8.26 13.05
N PRO A 18 -1.35 7.06 12.42
CA PRO A 18 -0.13 6.67 11.74
C PRO A 18 0.04 7.42 10.42
N GLY A 19 1.16 7.17 9.76
CA GLY A 19 1.43 7.81 8.49
C GLY A 19 1.33 6.82 7.33
N PRO A 20 1.13 7.38 6.11
CA PRO A 20 1.02 6.56 4.92
C PRO A 20 2.37 6.01 4.49
N PRO A 21 2.33 5.13 3.45
CA PRO A 21 3.55 4.52 2.95
C PRO A 21 4.34 5.53 2.10
N GLN A 22 5.66 5.44 2.21
CA GLN A 22 6.54 6.33 1.45
C GLN A 22 6.01 6.51 0.04
N ILE A 23 5.88 5.40 -0.67
CA ILE A 23 5.39 5.43 -2.04
C ILE A 23 4.64 4.14 -2.34
N VAL A 24 3.82 4.19 -3.38
CA VAL A 24 3.05 3.01 -3.78
C VAL A 24 3.08 2.89 -5.31
N LYS A 25 3.67 1.79 -5.77
CA LYS A 25 3.77 1.54 -7.19
C LYS A 25 3.20 0.15 -7.50
N ILE A 26 3.09 -0.13 -8.79
CA ILE A 26 2.57 -1.41 -9.24
C ILE A 26 3.68 -2.20 -9.92
N GLU A 27 4.24 -3.15 -9.18
CA GLU A 27 5.31 -3.99 -9.70
C GLU A 27 5.05 -4.32 -11.17
N ASP A 28 3.81 -4.74 -11.43
CA ASP A 28 3.43 -5.09 -12.79
C ASP A 28 1.99 -5.64 -12.78
N VAL A 29 1.51 -5.97 -13.96
CA VAL A 29 0.17 -6.51 -14.10
C VAL A 29 0.14 -7.51 -15.25
N TRP A 30 -0.28 -8.73 -14.93
CA TRP A 30 -0.36 -9.78 -15.92
C TRP A 30 -1.76 -10.38 -15.86
N GLY A 31 -2.23 -10.83 -17.02
CA GLY A 31 -3.56 -11.43 -17.11
C GLY A 31 -4.54 -10.72 -16.19
N GLU A 32 -5.12 -11.48 -15.26
CA GLU A 32 -6.07 -10.94 -14.32
C GLU A 32 -5.44 -10.82 -12.93
N ASN A 33 -4.17 -10.47 -12.92
CA ASN A 33 -3.44 -10.32 -11.67
C ASN A 33 -2.61 -9.04 -11.72
N VAL A 34 -2.61 -8.32 -10.60
CA VAL A 34 -1.87 -7.08 -10.50
C VAL A 34 -0.83 -7.20 -9.37
N ALA A 35 0.28 -6.51 -9.57
CA ALA A 35 1.36 -6.54 -8.59
C ALA A 35 1.54 -5.12 -8.01
N LEU A 36 1.36 -5.02 -6.71
CA LEU A 36 1.50 -3.75 -6.02
C LEU A 36 2.82 -3.74 -5.25
N THR A 37 3.37 -2.54 -5.11
CA THR A 37 4.62 -2.37 -4.39
C THR A 37 4.68 -1.00 -3.71
N TRP A 38 4.70 -1.04 -2.38
CA TRP A 38 4.76 0.19 -1.60
C TRP A 38 5.98 0.12 -0.70
N THR A 39 6.54 1.30 -0.41
CA THR A 39 7.71 1.39 0.43
C THR A 39 7.30 1.58 1.89
N PRO A 40 8.26 1.25 2.80
CA PRO A 40 8.01 1.38 4.23
C PRO A 40 8.05 2.85 4.66
N PRO A 41 7.49 3.11 5.87
CA PRO A 41 7.45 4.45 6.41
C PRO A 41 8.82 4.87 6.92
N LYS A 42 9.17 6.13 6.65
CA LYS A 42 10.45 6.66 7.08
C LYS A 42 10.41 6.94 8.58
N ASP A 43 9.21 6.78 9.15
CA ASP A 43 9.03 7.01 10.57
C ASP A 43 8.18 5.86 11.16
N ASP A 44 8.28 5.72 12.47
CA ASP A 44 7.54 4.68 13.16
C ASP A 44 7.94 4.66 14.63
N GLY A 45 7.00 5.06 15.48
CA GLY A 45 7.24 5.09 16.91
C GLY A 45 5.93 5.09 17.70
N ASN A 46 5.26 6.24 17.65
CA ASN A 46 4.00 6.39 18.35
C ASN A 46 3.10 5.19 18.05
N ALA A 47 2.86 4.99 16.76
CA ALA A 47 2.02 3.89 16.32
C ALA A 47 2.86 2.92 15.48
N ALA A 48 3.21 1.80 16.11
CA ALA A 48 4.02 0.79 15.43
C ALA A 48 3.16 0.09 14.36
N ILE A 49 3.49 0.39 13.11
CA ILE A 49 2.77 -0.18 12.00
C ILE A 49 2.68 -1.70 12.18
N THR A 50 1.45 -2.17 12.35
CA THR A 50 1.21 -3.59 12.54
C THR A 50 0.92 -4.27 11.20
N GLY A 51 -0.07 -3.74 10.50
CA GLY A 51 -0.45 -4.29 9.21
C GLY A 51 -0.82 -3.16 8.23
N TYR A 52 -1.19 -3.57 7.03
CA TYR A 52 -1.57 -2.62 6.00
C TYR A 52 -2.84 -3.06 5.28
N THR A 53 -3.82 -2.18 5.30
CA THR A 53 -5.09 -2.47 4.66
C THR A 53 -5.09 -1.98 3.21
N ILE A 54 -5.29 -2.92 2.31
CA ILE A 54 -5.31 -2.61 0.89
C ILE A 54 -6.75 -2.67 0.36
N GLN A 55 -6.98 -1.95 -0.72
CA GLN A 55 -8.31 -1.91 -1.31
C GLN A 55 -8.21 -1.60 -2.81
N LYS A 56 -9.22 -2.03 -3.54
CA LYS A 56 -9.26 -1.81 -4.97
C LYS A 56 -10.60 -1.17 -5.36
N ALA A 57 -10.56 -0.38 -6.42
CA ALA A 57 -11.75 0.29 -6.90
C ALA A 57 -11.58 0.65 -8.37
N ASP A 58 -12.47 0.11 -9.19
CA ASP A 58 -12.43 0.37 -10.62
C ASP A 58 -12.84 1.82 -10.88
N LYS A 59 -12.80 2.19 -12.16
CA LYS A 59 -13.16 3.53 -12.56
C LYS A 59 -14.66 3.58 -12.88
N LYS A 60 -15.38 2.60 -12.35
CA LYS A 60 -16.81 2.52 -12.57
C LYS A 60 -17.54 3.18 -11.39
N SER A 61 -17.09 2.84 -10.20
CA SER A 61 -17.69 3.39 -8.99
C SER A 61 -16.63 4.13 -8.17
N MET A 62 -15.41 3.63 -8.24
CA MET A 62 -14.31 4.24 -7.51
C MET A 62 -14.48 4.05 -6.00
N GLU A 63 -15.19 2.99 -5.64
CA GLU A 63 -15.44 2.70 -4.24
C GLU A 63 -14.54 1.55 -3.78
N TRP A 64 -14.00 1.69 -2.58
CA TRP A 64 -13.13 0.68 -2.02
C TRP A 64 -14.01 -0.34 -1.28
N PHE A 65 -13.75 -1.61 -1.55
CA PHE A 65 -14.50 -2.68 -0.93
C PHE A 65 -13.58 -3.61 -0.14
N THR A 66 -12.46 -3.06 0.28
CA THR A 66 -11.48 -3.83 1.04
C THR A 66 -10.94 -4.97 0.19
N VAL A 67 -9.63 -5.17 0.28
CA VAL A 67 -8.96 -6.22 -0.47
C VAL A 67 -8.26 -7.18 0.50
N ILE A 68 -7.56 -6.58 1.45
CA ILE A 68 -6.84 -7.35 2.45
C ILE A 68 -6.72 -6.55 3.74
N GLU A 69 -6.56 -7.27 4.84
CA GLU A 69 -6.44 -6.63 6.14
C GLU A 69 -5.37 -7.33 6.98
N HIS A 70 -4.77 -6.58 7.89
CA HIS A 70 -3.75 -7.12 8.76
C HIS A 70 -2.67 -7.82 7.91
N TYR A 71 -2.10 -7.06 6.99
CA TYR A 71 -1.06 -7.58 6.12
C TYR A 71 0.22 -6.77 6.24
N HIS A 72 1.32 -7.47 6.45
CA HIS A 72 2.61 -6.82 6.57
C HIS A 72 3.25 -6.65 5.20
N ARG A 73 4.22 -7.51 4.91
CA ARG A 73 4.90 -7.46 3.63
C ARG A 73 5.06 -6.01 3.16
N THR A 74 5.25 -5.87 1.86
CA THR A 74 5.41 -4.55 1.26
C THR A 74 4.78 -4.52 -0.13
N SER A 75 3.88 -5.47 -0.36
CA SER A 75 3.20 -5.55 -1.64
C SER A 75 1.90 -6.36 -1.50
N ALA A 76 1.18 -6.46 -2.60
CA ALA A 76 -0.07 -7.21 -2.60
C ALA A 76 -0.42 -7.59 -4.04
N THR A 77 -0.97 -8.78 -4.19
CA THR A 77 -1.36 -9.27 -5.50
C THR A 77 -2.88 -9.29 -5.64
N ILE A 78 -3.37 -8.41 -6.50
CA ILE A 78 -4.80 -8.30 -6.73
C ILE A 78 -5.23 -9.39 -7.72
N THR A 79 -6.44 -9.91 -7.50
CA THR A 79 -6.97 -10.94 -8.37
C THR A 79 -8.39 -10.58 -8.81
N GLU A 80 -8.98 -11.49 -9.57
CA GLU A 80 -10.33 -11.29 -10.07
C GLU A 80 -10.46 -9.91 -10.73
N LEU A 81 -9.74 -9.74 -11.83
CA LEU A 81 -9.76 -8.49 -12.56
C LEU A 81 -10.26 -8.74 -13.98
N VAL A 82 -10.88 -7.72 -14.55
CA VAL A 82 -11.40 -7.81 -15.89
C VAL A 82 -10.44 -7.12 -16.87
N ILE A 83 -10.15 -7.80 -17.95
CA ILE A 83 -9.25 -7.27 -18.96
C ILE A 83 -9.94 -6.13 -19.72
N GLY A 84 -9.16 -5.14 -20.08
CA GLY A 84 -9.68 -3.99 -20.81
C GLY A 84 -10.33 -2.99 -19.86
N ASN A 85 -9.62 -2.70 -18.78
CA ASN A 85 -10.11 -1.76 -17.78
C ASN A 85 -8.97 -1.39 -16.83
N GLU A 86 -9.18 -0.29 -16.11
CA GLU A 86 -8.18 0.18 -15.17
C GLU A 86 -8.75 0.15 -13.75
N TYR A 87 -7.86 -0.08 -12.79
CA TYR A 87 -8.26 -0.14 -11.39
C TYR A 87 -7.30 0.67 -10.52
N TYR A 88 -7.80 1.08 -9.36
CA TYR A 88 -7.00 1.86 -8.43
C TYR A 88 -6.62 1.03 -7.20
N PHE A 89 -5.59 1.47 -6.52
CA PHE A 89 -5.12 0.79 -5.33
C PHE A 89 -4.49 1.76 -4.33
N ARG A 90 -4.86 1.61 -3.08
CA ARG A 90 -4.34 2.47 -2.03
C ARG A 90 -3.99 1.65 -0.79
N VAL A 91 -2.79 1.88 -0.28
CA VAL A 91 -2.33 1.17 0.90
C VAL A 91 -2.46 2.08 2.13
N PHE A 92 -3.10 1.53 3.16
CA PHE A 92 -3.30 2.29 4.39
C PHE A 92 -2.33 1.80 5.48
N SER A 93 -2.38 2.50 6.60
CA SER A 93 -1.52 2.16 7.73
C SER A 93 -2.39 1.83 8.95
N GLU A 94 -2.22 0.60 9.43
CA GLU A 94 -2.98 0.14 10.59
C GLU A 94 -2.03 -0.12 11.76
N ASN A 95 -2.64 -0.42 12.91
CA ASN A 95 -1.87 -0.69 14.10
C ASN A 95 -2.81 -0.80 15.30
N MET A 96 -3.33 0.35 15.71
CA MET A 96 -4.25 0.39 16.84
C MET A 96 -5.27 1.52 16.67
N CYS A 97 -4.77 2.67 16.24
CA CYS A 97 -5.63 3.83 16.04
C CYS A 97 -6.68 3.46 14.99
N GLY A 98 -6.20 3.10 13.80
CA GLY A 98 -7.09 2.72 12.71
C GLY A 98 -6.40 2.89 11.37
N LEU A 99 -7.07 3.60 10.47
CA LEU A 99 -6.53 3.84 9.14
C LEU A 99 -5.96 5.26 9.08
N SER A 100 -5.05 5.46 8.14
CA SER A 100 -4.42 6.77 7.96
C SER A 100 -5.42 7.73 7.31
N GLU A 101 -5.30 8.99 7.70
CA GLU A 101 -6.18 10.02 7.17
C GLU A 101 -6.08 10.06 5.64
N ASP A 102 -4.89 9.76 5.14
CA ASP A 102 -4.66 9.77 3.71
C ASP A 102 -3.75 8.58 3.35
N ALA A 103 -3.97 8.06 2.14
CA ALA A 103 -3.19 6.93 1.67
C ALA A 103 -2.46 7.33 0.38
N THR A 104 -1.35 6.66 0.13
CA THR A 104 -0.56 6.93 -1.05
C THR A 104 -1.03 6.06 -2.22
N MET A 105 -1.84 6.67 -3.08
CA MET A 105 -2.37 5.98 -4.24
C MET A 105 -1.35 5.96 -5.39
N THR A 106 -1.45 4.93 -6.21
CA THR A 106 -0.55 4.80 -7.34
C THR A 106 -0.67 6.00 -8.28
N LYS A 107 0.46 6.65 -8.50
CA LYS A 107 0.50 7.81 -9.35
C LYS A 107 -0.39 7.58 -10.58
N GLU A 108 -0.47 6.32 -10.97
CA GLU A 108 -1.28 5.93 -12.12
C GLU A 108 -2.00 4.62 -11.84
N SER A 109 -2.98 4.33 -12.69
CA SER A 109 -3.75 3.11 -12.55
C SER A 109 -3.07 1.97 -13.31
N ALA A 110 -3.55 0.76 -13.05
CA ALA A 110 -3.00 -0.42 -13.69
C ALA A 110 -3.99 -0.93 -14.74
N VAL A 111 -3.53 -0.96 -15.98
CA VAL A 111 -4.37 -1.42 -17.07
C VAL A 111 -4.27 -2.94 -17.18
N ILE A 112 -5.42 -3.60 -17.07
CA ILE A 112 -5.47 -5.04 -17.15
C ILE A 112 -5.41 -5.47 -18.62
N ALA A 113 -4.69 -6.56 -18.86
CA ALA A 113 -4.55 -7.08 -20.21
C ALA A 113 -3.82 -8.43 -20.15
N ARG A 114 -4.10 -9.25 -21.15
CA ARG A 114 -3.48 -10.57 -21.23
C ARG A 114 -2.15 -10.49 -21.97
N ASP A 115 -1.39 -9.46 -21.63
CA ASP A 115 -0.08 -9.26 -22.26
C ASP A 115 1.01 -9.37 -21.20
N GLY A 116 2.05 -10.12 -21.54
CA GLY A 116 3.17 -10.30 -20.64
C GLY A 116 4.43 -9.59 -21.14
N LYS A 117 5.03 -8.82 -20.26
CA LYS A 117 6.24 -8.09 -20.61
C LYS A 117 7.44 -8.74 -19.93
N ILE A 118 8.50 -8.92 -20.71
CA ILE A 118 9.71 -9.53 -20.19
C ILE A 118 10.53 -8.48 -19.44
N TYR A 119 11.83 -8.56 -19.59
CA TYR A 119 12.73 -7.63 -18.93
C TYR A 119 14.17 -8.16 -18.92
N LYS A 120 15.06 -7.40 -19.52
CA LYS A 120 16.46 -7.78 -19.58
C LYS A 120 16.98 -8.00 -18.16
N GLY A 1 14.49 -7.72 14.58
CA GLY A 1 14.74 -6.91 15.75
C GLY A 1 14.71 -5.42 15.40
N SER A 2 14.64 -4.59 16.44
CA SER A 2 14.61 -3.16 16.25
C SER A 2 15.41 -2.47 17.35
N SER A 3 15.02 -2.72 18.59
CA SER A 3 15.70 -2.14 19.74
C SER A 3 15.57 -0.62 19.69
N GLY A 4 15.53 -0.02 20.87
CA GLY A 4 15.42 1.43 20.98
C GLY A 4 14.29 1.81 21.94
N SER A 5 14.68 2.18 23.15
CA SER A 5 13.71 2.57 24.17
C SER A 5 14.45 3.08 25.41
N SER A 6 14.90 4.32 25.33
CA SER A 6 15.61 4.94 26.44
C SER A 6 15.88 6.41 26.14
N GLY A 7 16.20 7.15 27.19
CA GLY A 7 16.49 8.57 27.04
C GLY A 7 16.15 9.33 28.33
N ALA A 8 16.50 10.61 28.34
CA ALA A 8 16.24 11.44 29.49
C ALA A 8 16.05 12.90 29.03
N SER A 9 14.80 13.22 28.73
CA SER A 9 14.47 14.57 28.28
C SER A 9 12.96 14.79 28.36
N ILE A 10 12.55 16.00 28.01
CA ILE A 10 11.15 16.36 28.04
C ILE A 10 10.36 15.36 27.18
N ASP A 11 9.21 14.98 27.69
CA ASP A 11 8.35 14.03 26.98
C ASP A 11 7.23 14.80 26.27
N ILE A 12 7.18 14.63 24.97
CA ILE A 12 6.17 15.30 24.16
C ILE A 12 5.14 14.28 23.69
N GLN A 13 4.36 14.68 22.70
CA GLN A 13 3.33 13.81 22.15
C GLN A 13 3.97 12.55 21.55
N ILE A 14 4.28 11.61 22.42
CA ILE A 14 4.90 10.36 21.99
C ILE A 14 3.82 9.43 21.43
N ILE A 15 2.59 9.93 21.44
CA ILE A 15 1.46 9.17 20.94
C ILE A 15 0.68 10.01 19.93
N ASP A 16 0.26 9.36 18.86
CA ASP A 16 -0.50 10.03 17.81
C ASP A 16 -0.76 9.05 16.67
N ARG A 17 -1.65 9.47 15.77
CA ARG A 17 -2.01 8.65 14.63
C ARG A 17 -0.87 8.67 13.59
N PRO A 18 -0.70 7.49 12.93
CA PRO A 18 0.34 7.37 11.91
C PRO A 18 -0.06 8.08 10.62
N GLY A 19 0.76 7.90 9.59
CA GLY A 19 0.49 8.52 8.31
C GLY A 19 0.51 7.49 7.18
N PRO A 20 0.51 8.00 5.92
CA PRO A 20 0.53 7.13 4.76
C PRO A 20 1.92 6.53 4.55
N PRO A 21 1.99 5.59 3.57
CA PRO A 21 3.24 4.92 3.27
C PRO A 21 4.17 5.85 2.48
N GLN A 22 5.41 5.40 2.34
CA GLN A 22 6.41 6.18 1.62
C GLN A 22 5.98 6.36 0.16
N ILE A 23 5.71 5.24 -0.50
CA ILE A 23 5.29 5.26 -1.88
C ILE A 23 4.52 3.98 -2.21
N VAL A 24 3.61 4.10 -3.16
CA VAL A 24 2.80 2.97 -3.56
C VAL A 24 2.80 2.86 -5.10
N LYS A 25 3.46 1.81 -5.59
CA LYS A 25 3.55 1.60 -7.01
C LYS A 25 3.05 0.18 -7.33
N ILE A 26 2.96 -0.10 -8.62
CA ILE A 26 2.52 -1.41 -9.08
C ILE A 26 3.68 -2.13 -9.76
N GLU A 27 4.19 -3.14 -9.07
CA GLU A 27 5.30 -3.92 -9.60
C GLU A 27 5.08 -4.22 -11.09
N ASP A 28 3.87 -4.66 -11.39
CA ASP A 28 3.52 -4.98 -12.76
C ASP A 28 2.09 -5.53 -12.81
N VAL A 29 1.64 -5.85 -14.01
CA VAL A 29 0.30 -6.37 -14.20
C VAL A 29 0.30 -7.32 -15.40
N TRP A 30 -0.13 -8.56 -15.13
CA TRP A 30 -0.18 -9.57 -16.17
C TRP A 30 -1.58 -10.20 -16.13
N GLY A 31 -2.06 -10.58 -17.31
CA GLY A 31 -3.37 -11.19 -17.43
C GLY A 31 -4.38 -10.52 -16.50
N GLU A 32 -4.90 -11.32 -15.58
CA GLU A 32 -5.88 -10.81 -14.62
C GLU A 32 -5.28 -10.76 -13.22
N ASN A 33 -3.98 -10.48 -13.18
CA ASN A 33 -3.27 -10.39 -11.92
C ASN A 33 -2.44 -9.12 -11.88
N VAL A 34 -2.58 -8.38 -10.78
CA VAL A 34 -1.86 -7.14 -10.61
C VAL A 34 -0.86 -7.29 -9.47
N ALA A 35 0.26 -6.59 -9.60
CA ALA A 35 1.30 -6.63 -8.58
C ALA A 35 1.38 -5.27 -7.88
N LEU A 36 1.13 -5.30 -6.58
CA LEU A 36 1.17 -4.08 -5.78
C LEU A 36 2.53 -3.98 -5.10
N THR A 37 2.98 -2.75 -4.93
CA THR A 37 4.26 -2.49 -4.29
C THR A 37 4.23 -1.15 -3.56
N TRP A 38 4.35 -1.23 -2.24
CA TRP A 38 4.34 -0.03 -1.42
C TRP A 38 5.53 -0.12 -0.45
N THR A 39 6.01 1.06 -0.06
CA THR A 39 7.14 1.13 0.86
C THR A 39 6.66 1.34 2.29
N PRO A 40 7.53 0.96 3.26
CA PRO A 40 7.20 1.09 4.67
C PRO A 40 7.30 2.56 5.11
N PRO A 41 6.74 2.82 6.32
CA PRO A 41 6.75 4.18 6.86
C PRO A 41 8.14 4.53 7.39
N LYS A 42 8.70 5.58 6.81
CA LYS A 42 10.03 6.04 7.21
C LYS A 42 9.89 7.06 8.34
N ASP A 43 8.65 7.40 8.63
CA ASP A 43 8.37 8.37 9.68
C ASP A 43 7.57 7.68 10.79
N ASP A 44 6.59 6.89 10.38
CA ASP A 44 5.75 6.16 11.32
C ASP A 44 4.87 7.17 12.07
N GLY A 45 5.52 8.08 12.78
CA GLY A 45 4.80 9.09 13.54
C GLY A 45 4.93 8.84 15.04
N ASN A 46 3.95 8.11 15.57
CA ASN A 46 3.94 7.79 16.98
C ASN A 46 3.48 6.34 17.18
N ALA A 47 2.36 6.02 16.51
CA ALA A 47 1.80 4.69 16.61
C ALA A 47 2.57 3.76 15.66
N ALA A 48 3.06 2.67 16.23
CA ALA A 48 3.82 1.69 15.46
C ALA A 48 2.88 0.99 14.49
N ILE A 49 3.35 0.81 13.26
CA ILE A 49 2.57 0.16 12.23
C ILE A 49 2.70 -1.36 12.39
N THR A 50 1.55 -2.01 12.51
CA THR A 50 1.54 -3.46 12.66
C THR A 50 1.51 -4.14 11.30
N GLY A 51 0.57 -3.70 10.47
CA GLY A 51 0.43 -4.26 9.13
C GLY A 51 0.14 -3.15 8.11
N TYR A 52 -0.53 -3.55 7.03
CA TYR A 52 -0.86 -2.61 5.97
C TYR A 52 -2.12 -3.05 5.24
N THR A 53 -3.13 -2.18 5.30
CA THR A 53 -4.40 -2.46 4.63
C THR A 53 -4.36 -1.99 3.19
N ILE A 54 -4.99 -2.78 2.32
CA ILE A 54 -5.03 -2.45 0.91
C ILE A 54 -6.50 -2.29 0.48
N GLN A 55 -6.68 -1.52 -0.59
CA GLN A 55 -8.02 -1.29 -1.12
C GLN A 55 -7.97 -1.08 -2.63
N LYS A 56 -8.88 -1.76 -3.31
CA LYS A 56 -8.94 -1.67 -4.76
C LYS A 56 -10.22 -0.92 -5.16
N ALA A 57 -10.19 -0.34 -6.35
CA ALA A 57 -11.33 0.39 -6.86
C ALA A 57 -11.33 0.34 -8.39
N ASP A 58 -12.54 0.30 -8.95
CA ASP A 58 -12.68 0.25 -10.39
C ASP A 58 -13.00 1.65 -10.92
N LYS A 59 -12.94 1.78 -12.24
CA LYS A 59 -13.21 3.05 -12.89
C LYS A 59 -14.69 3.12 -13.25
N LYS A 60 -15.50 2.43 -12.47
CA LYS A 60 -16.94 2.41 -12.69
C LYS A 60 -17.62 3.37 -11.72
N SER A 61 -17.05 3.45 -10.52
CA SER A 61 -17.60 4.33 -9.50
C SER A 61 -16.62 4.42 -8.33
N MET A 62 -15.35 4.32 -8.65
CA MET A 62 -14.31 4.40 -7.64
C MET A 62 -14.78 3.77 -6.33
N GLU A 63 -15.20 2.51 -6.42
CA GLU A 63 -15.67 1.79 -5.27
C GLU A 63 -14.51 1.10 -4.56
N TRP A 64 -14.22 1.56 -3.35
CA TRP A 64 -13.13 1.00 -2.57
C TRP A 64 -13.72 -0.10 -1.68
N PHE A 65 -13.23 -1.31 -1.90
CA PHE A 65 -13.69 -2.45 -1.13
C PHE A 65 -12.52 -3.13 -0.41
N THR A 66 -12.60 -3.12 0.92
CA THR A 66 -11.57 -3.73 1.73
C THR A 66 -11.06 -5.02 1.08
N VAL A 67 -9.83 -4.96 0.60
CA VAL A 67 -9.23 -6.11 -0.04
C VAL A 67 -8.56 -6.98 1.01
N ILE A 68 -7.78 -6.33 1.87
CA ILE A 68 -7.07 -7.04 2.92
C ILE A 68 -6.88 -6.10 4.12
N GLU A 69 -7.11 -6.65 5.31
CA GLU A 69 -6.96 -5.88 6.53
C GLU A 69 -5.74 -6.35 7.31
N HIS A 70 -5.01 -5.39 7.84
CA HIS A 70 -3.81 -5.70 8.62
C HIS A 70 -3.05 -6.84 7.95
N TYR A 71 -2.36 -6.51 6.87
CA TYR A 71 -1.59 -7.49 6.14
C TYR A 71 -0.20 -7.67 6.76
N HIS A 72 0.67 -8.31 6.00
CA HIS A 72 2.03 -8.56 6.46
C HIS A 72 3.02 -8.07 5.41
N ARG A 73 3.09 -8.81 4.31
CA ARG A 73 4.00 -8.46 3.23
C ARG A 73 3.74 -7.03 2.76
N THR A 74 4.69 -6.51 2.00
CA THR A 74 4.58 -5.16 1.49
C THR A 74 4.08 -5.17 0.04
N SER A 75 3.82 -6.38 -0.45
CA SER A 75 3.35 -6.55 -1.81
C SER A 75 2.28 -7.65 -1.86
N ALA A 76 1.28 -7.42 -2.69
CA ALA A 76 0.20 -8.38 -2.84
C ALA A 76 -0.14 -8.54 -4.33
N THR A 77 -0.83 -9.63 -4.62
CA THR A 77 -1.21 -9.92 -6.00
C THR A 77 -2.73 -9.93 -6.13
N ILE A 78 -3.25 -8.87 -6.76
CA ILE A 78 -4.67 -8.75 -6.96
C ILE A 78 -5.12 -9.72 -8.06
N THR A 79 -6.30 -10.29 -7.85
CA THR A 79 -6.84 -11.24 -8.80
C THR A 79 -8.30 -10.89 -9.12
N GLU A 80 -8.87 -11.66 -10.04
CA GLU A 80 -10.25 -11.45 -10.44
C GLU A 80 -10.41 -10.07 -11.09
N LEU A 81 -9.67 -9.88 -12.18
CA LEU A 81 -9.71 -8.62 -12.90
C LEU A 81 -10.19 -8.88 -14.33
N VAL A 82 -11.02 -7.97 -14.82
CA VAL A 82 -11.55 -8.08 -16.16
C VAL A 82 -10.58 -7.44 -17.15
N ILE A 83 -10.25 -8.21 -18.19
CA ILE A 83 -9.33 -7.72 -19.21
C ILE A 83 -10.02 -6.63 -20.03
N GLY A 84 -9.39 -5.46 -20.04
CA GLY A 84 -9.93 -4.34 -20.78
C GLY A 84 -10.56 -3.31 -19.84
N ASN A 85 -9.81 -2.96 -18.80
CA ASN A 85 -10.29 -2.00 -17.83
C ASN A 85 -9.14 -1.63 -16.88
N GLU A 86 -9.31 -0.49 -16.22
CA GLU A 86 -8.29 -0.02 -15.29
C GLU A 86 -8.80 -0.14 -13.86
N TYR A 87 -7.87 -0.07 -12.92
CA TYR A 87 -8.20 -0.16 -11.51
C TYR A 87 -7.25 0.68 -10.66
N TYR A 88 -7.76 1.11 -9.51
CA TYR A 88 -6.97 1.93 -8.60
C TYR A 88 -6.69 1.18 -7.29
N PHE A 89 -5.58 1.53 -6.67
CA PHE A 89 -5.21 0.91 -5.41
C PHE A 89 -4.49 1.91 -4.50
N ARG A 90 -4.55 1.63 -3.20
CA ARG A 90 -3.92 2.49 -2.21
C ARG A 90 -3.68 1.71 -0.91
N VAL A 91 -2.48 1.87 -0.38
CA VAL A 91 -2.12 1.21 0.86
C VAL A 91 -2.26 2.19 2.02
N PHE A 92 -2.63 1.64 3.18
CA PHE A 92 -2.80 2.45 4.36
C PHE A 92 -1.73 2.13 5.41
N SER A 93 -1.91 2.70 6.59
CA SER A 93 -0.98 2.48 7.68
C SER A 93 -1.72 1.98 8.92
N GLU A 94 -1.82 0.67 9.03
CA GLU A 94 -2.51 0.05 10.15
C GLU A 94 -1.76 0.37 11.46
N ASN A 95 -2.53 0.46 12.53
CA ASN A 95 -1.97 0.75 13.83
C ASN A 95 -3.02 0.49 14.92
N MET A 96 -2.60 0.65 16.16
CA MET A 96 -3.49 0.43 17.29
C MET A 96 -4.23 1.72 17.66
N CYS A 97 -4.36 2.60 16.68
CA CYS A 97 -5.03 3.87 16.89
C CYS A 97 -6.18 3.97 15.89
N GLY A 98 -5.85 3.72 14.63
CA GLY A 98 -6.84 3.78 13.57
C GLY A 98 -6.18 3.92 12.20
N LEU A 99 -6.85 3.40 11.19
CA LEU A 99 -6.34 3.46 9.83
C LEU A 99 -5.96 4.90 9.50
N SER A 100 -5.11 5.03 8.49
CA SER A 100 -4.65 6.34 8.06
C SER A 100 -5.78 7.08 7.34
N GLU A 101 -5.98 8.33 7.74
CA GLU A 101 -7.03 9.15 7.14
C GLU A 101 -6.91 9.12 5.62
N ASP A 102 -5.68 9.09 5.14
CA ASP A 102 -5.42 9.07 3.71
C ASP A 102 -4.34 8.02 3.41
N ALA A 103 -4.38 7.52 2.19
CA ALA A 103 -3.42 6.53 1.76
C ALA A 103 -2.77 6.98 0.44
N THR A 104 -1.56 6.49 0.23
CA THR A 104 -0.83 6.83 -0.98
C THR A 104 -1.36 6.02 -2.17
N MET A 105 -2.20 6.67 -2.97
CA MET A 105 -2.77 6.02 -4.14
C MET A 105 -1.77 5.99 -5.29
N THR A 106 -1.84 4.91 -6.05
CA THR A 106 -0.95 4.74 -7.19
C THR A 106 -1.08 5.92 -8.15
N LYS A 107 0.03 6.62 -8.34
CA LYS A 107 0.06 7.77 -9.22
C LYS A 107 -0.77 7.46 -10.48
N GLU A 108 -0.76 6.19 -10.85
CA GLU A 108 -1.50 5.75 -12.02
C GLU A 108 -2.35 4.53 -11.68
N SER A 109 -3.03 4.02 -12.71
CA SER A 109 -3.89 2.86 -12.54
C SER A 109 -3.30 1.67 -13.30
N ALA A 110 -3.83 0.50 -12.99
CA ALA A 110 -3.38 -0.72 -13.63
C ALA A 110 -4.31 -1.06 -14.80
N VAL A 111 -3.75 -1.02 -16.00
CA VAL A 111 -4.52 -1.32 -17.20
C VAL A 111 -4.21 -2.75 -17.65
N ILE A 112 -5.26 -3.56 -17.72
CA ILE A 112 -5.13 -4.93 -18.13
C ILE A 112 -5.00 -4.99 -19.66
N ALA A 113 -3.92 -5.62 -20.11
CA ALA A 113 -3.69 -5.74 -21.54
C ALA A 113 -3.43 -7.22 -21.87
N ARG A 114 -3.54 -8.06 -20.85
CA ARG A 114 -3.32 -9.48 -21.02
C ARG A 114 -1.93 -9.74 -21.60
N ASP A 115 -1.04 -8.79 -21.36
CA ASP A 115 0.33 -8.90 -21.86
C ASP A 115 1.30 -8.76 -20.68
N GLY A 116 1.97 -9.86 -20.37
CA GLY A 116 2.93 -9.87 -19.28
C GLY A 116 4.33 -9.52 -19.78
N LYS A 117 4.86 -8.45 -19.22
CA LYS A 117 6.19 -7.99 -19.60
C LYS A 117 7.08 -7.98 -18.35
N ILE A 118 8.30 -7.48 -18.55
CA ILE A 118 9.26 -7.41 -17.47
C ILE A 118 9.66 -5.95 -17.24
N TYR A 119 8.90 -5.29 -16.37
CA TYR A 119 9.16 -3.90 -16.05
C TYR A 119 10.13 -3.78 -14.87
N LYS A 120 10.88 -4.84 -14.64
CA LYS A 120 11.84 -4.87 -13.54
C LYS A 120 11.12 -4.49 -12.25
N GLY A 1 30.95 -11.88 4.13
CA GLY A 1 30.87 -10.57 4.75
C GLY A 1 30.09 -10.64 6.07
N SER A 2 29.75 -9.45 6.57
CA SER A 2 29.01 -9.36 7.81
C SER A 2 28.63 -7.90 8.09
N SER A 3 27.69 -7.74 9.00
CA SER A 3 27.23 -6.41 9.36
C SER A 3 26.13 -6.50 10.43
N GLY A 4 25.82 -5.36 11.02
CA GLY A 4 24.80 -5.30 12.05
C GLY A 4 24.86 -3.98 12.81
N SER A 5 24.56 -4.05 14.10
CA SER A 5 24.57 -2.87 14.94
C SER A 5 23.46 -1.92 14.54
N SER A 6 22.85 -1.31 15.54
CA SER A 6 21.75 -0.37 15.30
C SER A 6 21.29 0.23 16.63
N GLY A 7 20.85 -0.65 17.52
CA GLY A 7 20.38 -0.21 18.83
C GLY A 7 19.24 0.79 18.69
N ALA A 8 18.71 1.20 19.83
CA ALA A 8 17.61 2.16 19.85
C ALA A 8 17.62 2.90 21.19
N SER A 9 17.41 2.13 22.25
CA SER A 9 17.38 2.69 23.59
C SER A 9 16.15 3.59 23.75
N ILE A 10 15.79 3.82 25.01
CA ILE A 10 14.64 4.66 25.31
C ILE A 10 15.06 6.13 25.31
N ASP A 11 14.22 6.95 24.72
CA ASP A 11 14.50 8.38 24.64
C ASP A 11 13.40 9.07 23.83
N ILE A 12 12.93 10.19 24.36
CA ILE A 12 11.89 10.95 23.70
C ILE A 12 10.89 9.98 23.05
N GLN A 13 9.90 9.58 23.83
CA GLN A 13 8.89 8.67 23.34
C GLN A 13 7.54 9.39 23.21
N ILE A 14 7.13 9.58 21.95
CA ILE A 14 5.87 10.25 21.68
C ILE A 14 5.03 9.37 20.74
N ILE A 15 4.07 8.69 21.34
CA ILE A 15 3.19 7.82 20.57
C ILE A 15 2.44 8.66 19.53
N ASP A 16 2.36 8.10 18.33
CA ASP A 16 1.68 8.78 17.24
C ASP A 16 1.51 7.82 16.06
N ARG A 17 0.64 8.20 15.15
CA ARG A 17 0.39 7.38 13.97
C ARG A 17 1.65 7.25 13.13
N PRO A 18 1.80 6.07 12.48
CA PRO A 18 2.95 5.81 11.64
C PRO A 18 2.84 6.56 10.30
N GLY A 19 1.61 6.96 9.99
CA GLY A 19 1.36 7.69 8.75
C GLY A 19 1.19 6.72 7.57
N PRO A 20 0.93 7.31 6.38
CA PRO A 20 0.76 6.52 5.17
C PRO A 20 2.10 5.99 4.66
N PRO A 21 2.01 5.14 3.61
CA PRO A 21 3.21 4.55 3.02
C PRO A 21 3.96 5.57 2.17
N GLN A 22 5.28 5.49 2.24
CA GLN A 22 6.12 6.40 1.48
C GLN A 22 5.57 6.58 0.07
N ILE A 23 5.51 5.47 -0.66
CA ILE A 23 5.01 5.49 -2.02
C ILE A 23 4.32 4.16 -2.33
N VAL A 24 3.48 4.19 -3.36
CA VAL A 24 2.76 2.99 -3.76
C VAL A 24 2.83 2.85 -5.28
N LYS A 25 3.49 1.78 -5.71
CA LYS A 25 3.63 1.52 -7.14
C LYS A 25 3.16 0.10 -7.44
N ILE A 26 3.01 -0.18 -8.72
CA ILE A 26 2.55 -1.49 -9.16
C ILE A 26 3.71 -2.22 -9.86
N GLU A 27 4.21 -3.24 -9.19
CA GLU A 27 5.31 -4.03 -9.73
C GLU A 27 5.06 -4.35 -11.20
N ASP A 28 3.83 -4.77 -11.48
CA ASP A 28 3.45 -5.12 -12.85
C ASP A 28 2.02 -5.66 -12.84
N VAL A 29 1.54 -5.98 -14.04
CA VAL A 29 0.20 -6.51 -14.19
C VAL A 29 0.18 -7.50 -15.35
N TRP A 30 -0.25 -8.72 -15.04
CA TRP A 30 -0.32 -9.77 -16.05
C TRP A 30 -1.73 -10.36 -16.01
N GLY A 31 -2.23 -10.72 -17.19
CA GLY A 31 -3.56 -11.30 -17.30
C GLY A 31 -4.52 -10.65 -16.31
N GLU A 32 -5.06 -11.48 -15.43
CA GLU A 32 -5.99 -10.99 -14.43
C GLU A 32 -5.33 -10.95 -13.05
N ASN A 33 -4.07 -10.52 -13.05
CA ASN A 33 -3.31 -10.43 -11.82
C ASN A 33 -2.49 -9.14 -11.83
N VAL A 34 -2.56 -8.41 -10.73
CA VAL A 34 -1.83 -7.16 -10.60
C VAL A 34 -0.81 -7.29 -9.47
N ALA A 35 0.28 -6.56 -9.61
CA ALA A 35 1.34 -6.58 -8.61
C ALA A 35 1.45 -5.19 -7.97
N LEU A 36 1.26 -5.16 -6.67
CA LEU A 36 1.33 -3.90 -5.93
C LEU A 36 2.66 -3.85 -5.17
N THR A 37 3.19 -2.64 -5.04
CA THR A 37 4.44 -2.44 -4.35
C THR A 37 4.47 -1.06 -3.68
N TRP A 38 4.47 -1.07 -2.36
CA TRP A 38 4.51 0.16 -1.60
C TRP A 38 5.77 0.17 -0.75
N THR A 39 6.26 1.36 -0.46
CA THR A 39 7.46 1.53 0.33
C THR A 39 7.10 1.68 1.81
N PRO A 40 8.11 1.44 2.68
CA PRO A 40 7.92 1.55 4.12
C PRO A 40 7.85 3.02 4.54
N PRO A 41 7.29 3.23 5.77
CA PRO A 41 7.17 4.58 6.31
C PRO A 41 8.52 5.11 6.79
N LYS A 42 8.70 6.41 6.62
CA LYS A 42 9.94 7.05 7.03
C LYS A 42 10.00 7.12 8.57
N ASP A 43 8.89 6.72 9.18
CA ASP A 43 8.80 6.73 10.63
C ASP A 43 8.07 5.48 11.10
N ASP A 44 8.84 4.49 11.54
CA ASP A 44 8.28 3.25 12.01
C ASP A 44 7.02 3.54 12.83
N GLY A 45 7.22 4.22 13.95
CA GLY A 45 6.11 4.56 14.83
C GLY A 45 6.12 3.71 16.09
N ASN A 46 5.74 4.33 17.19
CA ASN A 46 5.69 3.64 18.47
C ASN A 46 4.40 2.81 18.55
N ALA A 47 3.64 2.85 17.47
CA ALA A 47 2.39 2.11 17.41
C ALA A 47 2.63 0.75 16.75
N ALA A 48 3.84 0.60 16.24
CA ALA A 48 4.21 -0.65 15.58
C ALA A 48 3.30 -0.87 14.37
N ILE A 49 3.92 -0.96 13.21
CA ILE A 49 3.18 -1.18 11.98
C ILE A 49 2.63 -2.60 11.97
N THR A 50 1.45 -2.76 12.56
CA THR A 50 0.80 -4.06 12.62
C THR A 50 0.78 -4.71 11.25
N GLY A 51 0.34 -3.94 10.27
CA GLY A 51 0.26 -4.42 8.90
C GLY A 51 -0.07 -3.29 7.92
N TYR A 52 -1.01 -3.57 7.03
CA TYR A 52 -1.41 -2.58 6.04
C TYR A 52 -2.70 -3.01 5.34
N THR A 53 -3.65 -2.08 5.32
CA THR A 53 -4.94 -2.35 4.69
C THR A 53 -4.94 -1.84 3.25
N ILE A 54 -5.18 -2.75 2.33
CA ILE A 54 -5.20 -2.40 0.92
C ILE A 54 -6.65 -2.45 0.42
N GLN A 55 -6.97 -1.51 -0.47
CA GLN A 55 -8.31 -1.43 -1.02
C GLN A 55 -8.24 -1.07 -2.51
N LYS A 56 -9.06 -1.75 -3.29
CA LYS A 56 -9.10 -1.51 -4.72
C LYS A 56 -10.47 -0.93 -5.09
N ALA A 57 -10.47 -0.13 -6.16
CA ALA A 57 -11.70 0.48 -6.62
C ALA A 57 -11.60 0.72 -8.13
N ASP A 58 -12.56 0.14 -8.85
CA ASP A 58 -12.59 0.27 -10.29
C ASP A 58 -12.85 1.74 -10.66
N LYS A 59 -12.66 2.04 -11.94
CA LYS A 59 -12.87 3.40 -12.42
C LYS A 59 -14.35 3.58 -12.78
N LYS A 60 -15.15 2.59 -12.38
CA LYS A 60 -16.58 2.65 -12.65
C LYS A 60 -17.24 3.61 -11.66
N SER A 61 -16.92 3.44 -10.39
CA SER A 61 -17.47 4.29 -9.35
C SER A 61 -16.46 4.47 -8.23
N MET A 62 -15.20 4.21 -8.56
CA MET A 62 -14.13 4.34 -7.59
C MET A 62 -14.59 3.90 -6.20
N GLU A 63 -15.23 2.75 -6.16
CA GLU A 63 -15.72 2.21 -4.90
C GLU A 63 -14.65 1.33 -4.25
N TRP A 64 -14.41 1.59 -2.98
CA TRP A 64 -13.43 0.83 -2.23
C TRP A 64 -14.17 -0.14 -1.29
N PHE A 65 -13.76 -1.39 -1.34
CA PHE A 65 -14.38 -2.41 -0.51
C PHE A 65 -13.33 -3.34 0.09
N THR A 66 -12.26 -2.73 0.58
CA THR A 66 -11.18 -3.49 1.18
C THR A 66 -10.65 -4.54 0.20
N VAL A 67 -9.49 -5.09 0.54
CA VAL A 67 -8.88 -6.11 -0.29
C VAL A 67 -8.03 -7.04 0.58
N ILE A 68 -7.28 -6.43 1.49
CA ILE A 68 -6.43 -7.20 2.38
C ILE A 68 -6.34 -6.48 3.73
N GLU A 69 -6.20 -7.28 4.78
CA GLU A 69 -6.10 -6.73 6.12
C GLU A 69 -5.13 -7.57 6.97
N HIS A 70 -4.28 -6.86 7.70
CA HIS A 70 -3.31 -7.53 8.55
C HIS A 70 -2.22 -8.17 7.69
N TYR A 71 -1.52 -7.31 6.96
CA TYR A 71 -0.45 -7.77 6.09
C TYR A 71 0.91 -7.33 6.61
N HIS A 72 1.79 -8.31 6.82
CA HIS A 72 3.13 -8.02 7.30
C HIS A 72 4.01 -7.57 6.15
N ARG A 73 3.86 -8.26 5.02
CA ARG A 73 4.64 -7.94 3.84
C ARG A 73 4.35 -6.50 3.39
N THR A 74 4.80 -6.20 2.17
CA THR A 74 4.59 -4.88 1.61
C THR A 74 4.17 -4.98 0.14
N SER A 75 3.69 -6.16 -0.22
CA SER A 75 3.24 -6.39 -1.58
C SER A 75 1.93 -7.21 -1.57
N ALA A 76 1.18 -7.05 -2.64
CA ALA A 76 -0.09 -7.74 -2.77
C ALA A 76 -0.30 -8.17 -4.23
N THR A 77 -1.20 -9.11 -4.42
CA THR A 77 -1.49 -9.60 -5.76
C THR A 77 -3.00 -9.66 -5.98
N ILE A 78 -3.50 -8.67 -6.71
CA ILE A 78 -4.92 -8.60 -7.01
C ILE A 78 -5.28 -9.65 -8.05
N THR A 79 -6.56 -9.99 -8.08
CA THR A 79 -7.05 -10.98 -9.04
C THR A 79 -8.39 -10.55 -9.61
N GLU A 80 -9.00 -11.47 -10.35
CA GLU A 80 -10.29 -11.20 -10.98
C GLU A 80 -10.34 -9.75 -11.49
N LEU A 81 -9.72 -9.54 -12.64
CA LEU A 81 -9.69 -8.23 -13.24
C LEU A 81 -10.12 -8.33 -14.70
N VAL A 82 -10.75 -7.26 -15.18
CA VAL A 82 -11.22 -7.23 -16.55
C VAL A 82 -10.08 -6.73 -17.46
N ILE A 83 -9.90 -7.44 -18.56
CA ILE A 83 -8.86 -7.08 -19.52
C ILE A 83 -9.35 -5.91 -20.38
N GLY A 84 -8.61 -4.82 -20.31
CA GLY A 84 -8.95 -3.63 -21.08
C GLY A 84 -9.53 -2.54 -20.18
N ASN A 85 -9.46 -2.79 -18.88
CA ASN A 85 -9.97 -1.84 -17.91
C ASN A 85 -8.83 -1.44 -16.96
N GLU A 86 -9.09 -0.39 -16.20
CA GLU A 86 -8.11 0.11 -15.24
C GLU A 86 -8.57 -0.15 -13.81
N TYR A 87 -7.64 0.03 -12.89
CA TYR A 87 -7.94 -0.19 -11.48
C TYR A 87 -7.04 0.68 -10.59
N TYR A 88 -7.60 1.09 -9.46
CA TYR A 88 -6.87 1.93 -8.52
C TYR A 88 -6.74 1.23 -7.16
N PHE A 89 -5.55 1.33 -6.60
CA PHE A 89 -5.29 0.72 -5.30
C PHE A 89 -4.64 1.73 -4.34
N ARG A 90 -4.75 1.43 -3.06
CA ARG A 90 -4.18 2.29 -2.04
C ARG A 90 -3.85 1.48 -0.78
N VAL A 91 -2.75 1.86 -0.14
CA VAL A 91 -2.31 1.18 1.06
C VAL A 91 -2.62 2.06 2.28
N PHE A 92 -2.98 1.40 3.36
CA PHE A 92 -3.31 2.10 4.59
C PHE A 92 -2.42 1.63 5.75
N SER A 93 -2.06 2.57 6.59
CA SER A 93 -1.21 2.28 7.74
C SER A 93 -2.07 1.81 8.92
N GLU A 94 -1.73 0.64 9.42
CA GLU A 94 -2.46 0.07 10.54
C GLU A 94 -1.53 -0.13 11.74
N ASN A 95 -2.13 -0.19 12.92
CA ASN A 95 -1.37 -0.38 14.14
C ASN A 95 -2.33 -0.42 15.33
N MET A 96 -3.12 0.63 15.45
CA MET A 96 -4.08 0.72 16.54
C MET A 96 -4.96 1.97 16.39
N CYS A 97 -4.33 3.04 15.93
CA CYS A 97 -5.03 4.30 15.75
C CYS A 97 -6.24 4.04 14.86
N GLY A 98 -5.99 3.34 13.76
CA GLY A 98 -7.04 3.03 12.82
C GLY A 98 -6.70 3.52 11.42
N LEU A 99 -6.25 2.60 10.58
CA LEU A 99 -5.89 2.93 9.21
C LEU A 99 -5.29 4.34 9.18
N SER A 100 -5.52 5.02 8.07
CA SER A 100 -5.00 6.38 7.90
C SER A 100 -6.06 7.25 7.24
N GLU A 101 -6.00 8.54 7.54
CA GLU A 101 -6.94 9.49 6.99
C GLU A 101 -7.04 9.31 5.47
N ASP A 102 -5.92 8.96 4.87
CA ASP A 102 -5.87 8.75 3.44
C ASP A 102 -4.90 7.60 3.12
N ALA A 103 -4.94 7.17 1.88
CA ALA A 103 -4.09 6.07 1.43
C ALA A 103 -3.37 6.49 0.15
N THR A 104 -2.03 6.43 0.21
CA THR A 104 -1.22 6.80 -0.94
C THR A 104 -1.58 5.93 -2.15
N MET A 105 -2.41 6.49 -3.01
CA MET A 105 -2.84 5.78 -4.21
C MET A 105 -1.70 5.65 -5.21
N THR A 106 -1.74 4.58 -5.98
CA THR A 106 -0.71 4.33 -6.98
C THR A 106 -0.53 5.55 -7.87
N LYS A 107 0.66 6.13 -7.78
CA LYS A 107 0.97 7.31 -8.57
C LYS A 107 0.39 7.15 -9.98
N GLU A 108 0.34 5.90 -10.42
CA GLU A 108 -0.19 5.59 -11.74
C GLU A 108 -1.29 4.53 -11.64
N SER A 109 -1.95 4.29 -12.76
CA SER A 109 -3.02 3.30 -12.81
C SER A 109 -2.48 1.99 -13.37
N ALA A 110 -3.35 0.98 -13.35
CA ALA A 110 -2.97 -0.34 -13.84
C ALA A 110 -3.97 -0.77 -14.91
N VAL A 111 -3.45 -1.05 -16.10
CA VAL A 111 -4.28 -1.49 -17.20
C VAL A 111 -4.09 -2.98 -17.42
N ILE A 112 -5.22 -3.69 -17.48
CA ILE A 112 -5.18 -5.12 -17.68
C ILE A 112 -5.09 -5.41 -19.19
N ALA A 113 -4.40 -6.50 -19.50
CA ALA A 113 -4.24 -6.91 -20.88
C ALA A 113 -3.70 -8.33 -20.94
N ARG A 114 -4.19 -9.08 -21.90
CA ARG A 114 -3.77 -10.46 -22.07
C ARG A 114 -2.34 -10.52 -22.62
N ASP A 115 -1.43 -9.92 -21.89
CA ASP A 115 -0.04 -9.89 -22.29
C ASP A 115 0.82 -9.38 -21.13
N GLY A 116 0.44 -8.20 -20.64
CA GLY A 116 1.16 -7.59 -19.53
C GLY A 116 2.68 -7.80 -19.68
N LYS A 117 3.31 -6.84 -20.32
CA LYS A 117 4.74 -6.89 -20.54
C LYS A 117 5.46 -6.20 -19.37
N ILE A 118 6.69 -5.79 -19.64
CA ILE A 118 7.49 -5.12 -18.63
C ILE A 118 6.80 -3.82 -18.23
N TYR A 119 7.59 -2.75 -18.21
CA TYR A 119 7.07 -1.44 -17.85
C TYR A 119 6.59 -1.42 -16.39
N LYS A 120 6.98 -0.37 -15.68
CA LYS A 120 6.61 -0.23 -14.29
C LYS A 120 5.74 1.02 -14.12
N GLY A 1 20.10 6.78 -10.85
CA GLY A 1 20.43 7.70 -9.76
C GLY A 1 20.36 6.99 -8.41
N SER A 2 20.35 7.80 -7.36
CA SER A 2 20.28 7.28 -6.00
C SER A 2 19.97 8.40 -5.02
N SER A 3 19.62 8.00 -3.80
CA SER A 3 19.30 8.96 -2.77
C SER A 3 19.98 8.57 -1.46
N GLY A 4 20.43 9.59 -0.74
CA GLY A 4 21.11 9.36 0.53
C GLY A 4 20.16 8.72 1.55
N SER A 5 20.74 8.33 2.68
CA SER A 5 19.96 7.70 3.73
C SER A 5 19.80 8.67 4.90
N SER A 6 18.64 8.58 5.54
CA SER A 6 18.34 9.44 6.67
C SER A 6 18.04 8.59 7.91
N GLY A 7 17.96 9.26 9.04
CA GLY A 7 17.68 8.59 10.30
C GLY A 7 16.25 8.86 10.77
N ALA A 8 16.09 8.94 12.08
CA ALA A 8 14.79 9.20 12.67
C ALA A 8 14.77 10.61 13.26
N SER A 9 15.68 10.83 14.19
CA SER A 9 15.77 12.13 14.84
C SER A 9 14.49 12.41 15.63
N ILE A 10 14.68 12.69 16.91
CA ILE A 10 13.55 12.98 17.78
C ILE A 10 13.16 14.45 17.63
N ASP A 11 12.02 14.66 16.99
CA ASP A 11 11.52 16.01 16.77
C ASP A 11 10.09 15.93 16.22
N ILE A 12 9.26 16.84 16.71
CA ILE A 12 7.87 16.89 16.29
C ILE A 12 7.35 15.46 16.11
N GLN A 13 6.88 14.90 17.21
CA GLN A 13 6.34 13.55 17.18
C GLN A 13 4.81 13.57 17.23
N ILE A 14 4.21 12.59 16.57
CA ILE A 14 2.76 12.50 16.52
C ILE A 14 2.34 11.12 17.02
N ILE A 15 1.92 11.07 18.28
CA ILE A 15 1.49 9.83 18.88
C ILE A 15 0.38 9.21 18.02
N ASP A 16 0.33 7.88 18.05
CA ASP A 16 -0.67 7.16 17.28
C ASP A 16 -0.57 7.57 15.80
N ARG A 17 -1.31 6.86 14.97
CA ARG A 17 -1.33 7.14 13.55
C ARG A 17 0.10 7.10 12.99
N PRO A 18 0.45 5.93 12.38
CA PRO A 18 1.76 5.74 11.81
C PRO A 18 1.90 6.52 10.49
N GLY A 19 0.76 6.85 9.92
CA GLY A 19 0.73 7.60 8.66
C GLY A 19 0.77 6.64 7.47
N PRO A 20 0.54 7.22 6.26
CA PRO A 20 0.55 6.44 5.04
C PRO A 20 1.98 6.07 4.62
N PRO A 21 2.07 5.22 3.57
CA PRO A 21 3.36 4.80 3.07
C PRO A 21 4.05 5.92 2.28
N GLN A 22 5.34 5.73 2.04
CA GLN A 22 6.11 6.71 1.31
C GLN A 22 5.57 6.85 -0.12
N ILE A 23 5.40 5.71 -0.77
CA ILE A 23 4.90 5.69 -2.13
C ILE A 23 4.27 4.33 -2.42
N VAL A 24 3.48 4.29 -3.48
CA VAL A 24 2.81 3.06 -3.87
C VAL A 24 2.82 2.94 -5.41
N LYS A 25 3.43 1.87 -5.88
CA LYS A 25 3.52 1.63 -7.31
C LYS A 25 2.97 0.24 -7.62
N ILE A 26 2.64 0.03 -8.89
CA ILE A 26 2.12 -1.25 -9.34
C ILE A 26 3.24 -2.04 -10.01
N GLU A 27 3.78 -3.00 -9.26
CA GLU A 27 4.85 -3.83 -9.78
C GLU A 27 4.60 -4.17 -11.25
N ASP A 28 3.40 -4.66 -11.52
CA ASP A 28 3.03 -5.03 -12.87
C ASP A 28 1.66 -5.71 -12.85
N VAL A 29 1.23 -6.13 -14.03
CA VAL A 29 -0.05 -6.80 -14.16
C VAL A 29 0.08 -7.96 -15.16
N TRP A 30 -0.22 -9.15 -14.68
CA TRP A 30 -0.15 -10.34 -15.50
C TRP A 30 -1.33 -11.25 -15.15
N GLY A 31 -1.81 -11.94 -16.17
CA GLY A 31 -2.94 -12.84 -15.98
C GLY A 31 -4.04 -12.18 -15.15
N GLU A 32 -4.25 -10.90 -15.41
CA GLU A 32 -5.27 -10.14 -14.70
C GLU A 32 -4.85 -9.94 -13.24
N ASN A 33 -3.61 -10.36 -12.94
CA ASN A 33 -3.08 -10.22 -11.60
C ASN A 33 -2.22 -8.96 -11.53
N VAL A 34 -2.63 -8.06 -10.65
CA VAL A 34 -1.91 -6.81 -10.46
C VAL A 34 -0.96 -6.95 -9.27
N ALA A 35 0.28 -6.52 -9.50
CA ALA A 35 1.29 -6.60 -8.46
C ALA A 35 1.45 -5.22 -7.82
N LEU A 36 1.15 -5.16 -6.52
CA LEU A 36 1.26 -3.92 -5.79
C LEU A 36 2.64 -3.82 -5.15
N THR A 37 3.14 -2.59 -5.06
CA THR A 37 4.45 -2.36 -4.48
C THR A 37 4.49 -0.98 -3.81
N TRP A 38 4.53 -1.00 -2.48
CA TRP A 38 4.57 0.24 -1.72
C TRP A 38 5.84 0.21 -0.86
N THR A 39 6.32 1.40 -0.56
CA THR A 39 7.53 1.54 0.25
C THR A 39 7.17 1.61 1.73
N PRO A 40 8.20 1.35 2.58
CA PRO A 40 8.00 1.37 4.02
C PRO A 40 7.92 2.81 4.54
N PRO A 41 7.38 2.95 5.78
CA PRO A 41 7.24 4.26 6.39
C PRO A 41 8.60 4.79 6.87
N LYS A 42 9.01 5.90 6.28
CA LYS A 42 10.28 6.52 6.64
C LYS A 42 10.13 7.21 8.00
N ASP A 43 8.90 7.26 8.47
CA ASP A 43 8.62 7.89 9.75
C ASP A 43 7.46 7.15 10.43
N ASP A 44 7.81 6.19 11.26
CA ASP A 44 6.81 5.41 11.98
C ASP A 44 5.92 6.35 12.78
N GLY A 45 6.54 7.38 13.33
CA GLY A 45 5.81 8.36 14.13
C GLY A 45 5.53 7.82 15.53
N ASN A 46 4.59 6.89 15.59
CA ASN A 46 4.21 6.29 16.87
C ASN A 46 3.24 5.14 16.62
N ALA A 47 3.15 4.25 17.60
CA ALA A 47 2.26 3.12 17.50
C ALA A 47 2.77 2.18 16.39
N ALA A 48 3.56 1.20 16.80
CA ALA A 48 4.10 0.24 15.86
C ALA A 48 3.02 -0.16 14.85
N ILE A 49 3.30 0.09 13.59
CA ILE A 49 2.37 -0.25 12.53
C ILE A 49 1.75 -1.61 12.81
N THR A 50 0.45 -1.59 13.07
CA THR A 50 -0.28 -2.82 13.35
C THR A 50 -0.36 -3.69 12.10
N GLY A 51 -0.72 -3.05 10.99
CA GLY A 51 -0.84 -3.76 9.73
C GLY A 51 -1.15 -2.78 8.59
N TYR A 52 -1.32 -3.35 7.41
CA TYR A 52 -1.63 -2.55 6.23
C TYR A 52 -2.88 -3.06 5.53
N THR A 53 -3.79 -2.14 5.26
CA THR A 53 -5.04 -2.48 4.60
C THR A 53 -4.96 -2.11 3.11
N ILE A 54 -5.30 -3.08 2.27
CA ILE A 54 -5.28 -2.88 0.84
C ILE A 54 -6.72 -2.92 0.30
N GLN A 55 -6.95 -2.10 -0.72
CA GLN A 55 -8.27 -2.04 -1.34
C GLN A 55 -8.16 -1.64 -2.81
N LYS A 56 -9.15 -2.03 -3.57
CA LYS A 56 -9.18 -1.72 -5.00
C LYS A 56 -10.30 -0.72 -5.28
N ALA A 57 -10.16 -0.02 -6.40
CA ALA A 57 -11.14 0.96 -6.80
C ALA A 57 -11.05 1.20 -8.31
N ASP A 58 -12.14 0.85 -8.99
CA ASP A 58 -12.19 1.01 -10.43
C ASP A 58 -12.34 2.50 -10.77
N LYS A 59 -12.37 2.77 -12.06
CA LYS A 59 -12.51 4.14 -12.52
C LYS A 59 -13.99 4.47 -12.69
N LYS A 60 -14.82 3.66 -12.06
CA LYS A 60 -16.26 3.84 -12.14
C LYS A 60 -16.65 5.05 -11.28
N SER A 61 -16.31 4.97 -10.00
CA SER A 61 -16.62 6.04 -9.08
C SER A 61 -15.59 6.06 -7.94
N MET A 62 -14.42 5.54 -8.23
CA MET A 62 -13.36 5.48 -7.25
C MET A 62 -13.85 4.87 -5.93
N GLU A 63 -14.63 3.82 -6.07
CA GLU A 63 -15.18 3.14 -4.90
C GLU A 63 -14.13 2.20 -4.30
N TRP A 64 -14.00 2.29 -2.97
CA TRP A 64 -13.04 1.46 -2.26
C TRP A 64 -13.82 0.48 -1.38
N PHE A 65 -13.45 -0.78 -1.50
CA PHE A 65 -14.11 -1.83 -0.74
C PHE A 65 -13.15 -2.45 0.27
N THR A 66 -12.43 -3.47 -0.19
CA THR A 66 -11.47 -4.15 0.66
C THR A 66 -10.85 -5.33 -0.08
N VAL A 67 -9.59 -5.58 0.22
CA VAL A 67 -8.87 -6.68 -0.41
C VAL A 67 -8.20 -7.53 0.67
N ILE A 68 -7.58 -6.85 1.62
CA ILE A 68 -6.90 -7.53 2.71
C ILE A 68 -6.86 -6.60 3.93
N GLU A 69 -6.90 -7.23 5.09
CA GLU A 69 -6.86 -6.48 6.34
C GLU A 69 -5.92 -7.16 7.34
N HIS A 70 -5.15 -6.33 8.03
CA HIS A 70 -4.20 -6.84 9.02
C HIS A 70 -3.06 -7.56 8.31
N TYR A 71 -2.49 -6.87 7.33
CA TYR A 71 -1.38 -7.44 6.56
C TYR A 71 -0.04 -7.10 7.20
N HIS A 72 1.02 -7.55 6.56
CA HIS A 72 2.36 -7.30 7.06
C HIS A 72 3.29 -6.97 5.89
N ARG A 73 3.32 -7.88 4.92
CA ARG A 73 4.15 -7.70 3.75
C ARG A 73 3.97 -6.29 3.17
N THR A 74 4.82 -5.97 2.21
CA THR A 74 4.76 -4.67 1.57
C THR A 74 4.24 -4.79 0.14
N SER A 75 3.96 -6.03 -0.25
CA SER A 75 3.45 -6.30 -1.58
C SER A 75 2.29 -7.29 -1.51
N ALA A 76 1.37 -7.14 -2.45
CA ALA A 76 0.21 -8.02 -2.51
C ALA A 76 -0.27 -8.12 -3.96
N THR A 77 -0.48 -9.35 -4.39
CA THR A 77 -0.94 -9.60 -5.75
C THR A 77 -2.47 -9.57 -5.80
N ILE A 78 -2.98 -8.93 -6.85
CA ILE A 78 -4.42 -8.82 -7.03
C ILE A 78 -4.89 -9.86 -8.04
N THR A 79 -6.19 -10.08 -8.07
CA THR A 79 -6.77 -11.05 -8.99
C THR A 79 -8.15 -10.58 -9.45
N GLU A 80 -8.77 -11.41 -10.29
CA GLU A 80 -10.09 -11.09 -10.81
C GLU A 80 -10.09 -9.68 -11.42
N LEU A 81 -9.41 -9.55 -12.54
CA LEU A 81 -9.33 -8.27 -13.23
C LEU A 81 -9.70 -8.46 -14.70
N VAL A 82 -10.57 -7.58 -15.17
CA VAL A 82 -11.01 -7.64 -16.56
C VAL A 82 -10.01 -6.88 -17.44
N ILE A 83 -9.62 -7.54 -18.52
CA ILE A 83 -8.67 -6.96 -19.46
C ILE A 83 -9.39 -5.92 -20.33
N GLY A 84 -9.05 -4.67 -20.11
CA GLY A 84 -9.65 -3.58 -20.87
C GLY A 84 -9.95 -2.39 -19.97
N ASN A 85 -10.30 -2.69 -18.72
CA ASN A 85 -10.61 -1.66 -17.76
C ASN A 85 -9.42 -1.47 -16.81
N GLU A 86 -9.36 -0.28 -16.21
CA GLU A 86 -8.29 0.03 -15.29
C GLU A 86 -8.79 -0.05 -13.85
N TYR A 87 -7.84 -0.03 -12.92
CA TYR A 87 -8.17 -0.10 -11.51
C TYR A 87 -7.12 0.62 -10.66
N TYR A 88 -7.59 1.21 -9.57
CA TYR A 88 -6.70 1.93 -8.68
C TYR A 88 -6.55 1.20 -7.34
N PHE A 89 -5.44 1.47 -6.67
CA PHE A 89 -5.17 0.85 -5.39
C PHE A 89 -4.61 1.86 -4.40
N ARG A 90 -4.78 1.55 -3.11
CA ARG A 90 -4.29 2.42 -2.06
C ARG A 90 -3.97 1.61 -0.80
N VAL A 91 -2.81 1.88 -0.23
CA VAL A 91 -2.38 1.19 0.97
C VAL A 91 -2.47 2.14 2.16
N PHE A 92 -2.63 1.55 3.33
CA PHE A 92 -2.73 2.34 4.56
C PHE A 92 -1.80 1.79 5.64
N SER A 93 -1.94 2.33 6.83
CA SER A 93 -1.12 1.91 7.96
C SER A 93 -1.98 1.81 9.22
N GLU A 94 -2.48 0.62 9.46
CA GLU A 94 -3.31 0.38 10.63
C GLU A 94 -2.50 0.57 11.91
N ASN A 95 -3.22 0.73 13.01
CA ASN A 95 -2.58 0.93 14.30
C ASN A 95 -3.65 1.04 15.39
N MET A 96 -3.25 1.66 16.50
CA MET A 96 -4.17 1.84 17.61
C MET A 96 -4.95 3.15 17.47
N CYS A 97 -5.21 3.53 16.23
CA CYS A 97 -5.93 4.75 15.95
C CYS A 97 -6.95 4.46 14.84
N GLY A 98 -6.43 4.01 13.71
CA GLY A 98 -7.28 3.69 12.58
C GLY A 98 -6.65 4.18 11.27
N LEU A 99 -5.99 3.27 10.58
CA LEU A 99 -5.34 3.60 9.32
C LEU A 99 -4.90 5.06 9.34
N SER A 100 -5.06 5.71 8.20
CA SER A 100 -4.68 7.11 8.08
C SER A 100 -5.77 7.88 7.33
N GLU A 101 -6.00 9.11 7.77
CA GLU A 101 -7.01 9.95 7.15
C GLU A 101 -6.86 9.94 5.63
N ASP A 102 -5.61 9.77 5.20
CA ASP A 102 -5.31 9.73 3.78
C ASP A 102 -4.40 8.53 3.48
N ALA A 103 -4.48 8.08 2.23
CA ALA A 103 -3.68 6.94 1.81
C ALA A 103 -2.87 7.33 0.56
N THR A 104 -1.75 6.66 0.38
CA THR A 104 -0.90 6.91 -0.77
C THR A 104 -1.36 6.10 -1.98
N MET A 105 -2.10 6.78 -2.85
CA MET A 105 -2.62 6.13 -4.04
C MET A 105 -1.52 5.98 -5.09
N THR A 106 -1.77 5.09 -6.05
CA THR A 106 -0.82 4.85 -7.11
C THR A 106 -0.83 6.00 -8.12
N LYS A 107 0.36 6.57 -8.32
CA LYS A 107 0.51 7.69 -9.24
C LYS A 107 -0.36 7.43 -10.48
N GLU A 108 -0.48 6.15 -10.82
CA GLU A 108 -1.28 5.77 -11.98
C GLU A 108 -1.98 4.43 -11.70
N SER A 109 -2.93 4.13 -12.57
CA SER A 109 -3.69 2.89 -12.45
C SER A 109 -2.97 1.76 -13.18
N ALA A 110 -3.50 0.56 -13.01
CA ALA A 110 -2.92 -0.62 -13.64
C ALA A 110 -3.84 -1.08 -14.77
N VAL A 111 -3.33 -0.98 -15.99
CA VAL A 111 -4.10 -1.39 -17.15
C VAL A 111 -4.04 -2.91 -17.29
N ILE A 112 -5.18 -3.54 -17.03
CA ILE A 112 -5.28 -4.99 -17.12
C ILE A 112 -4.91 -5.44 -18.53
N ALA A 113 -4.16 -6.52 -18.60
CA ALA A 113 -3.73 -7.07 -19.88
C ALA A 113 -2.98 -8.38 -19.65
N ARG A 114 -3.01 -9.22 -20.67
CA ARG A 114 -2.33 -10.51 -20.59
C ARG A 114 -0.93 -10.41 -21.18
N ASP A 115 -0.13 -9.54 -20.59
CA ASP A 115 1.24 -9.34 -21.06
C ASP A 115 2.21 -9.88 -20.01
N GLY A 116 2.80 -11.02 -20.33
CA GLY A 116 3.76 -11.65 -19.44
C GLY A 116 5.12 -10.95 -19.50
N LYS A 117 5.54 -10.46 -18.35
CA LYS A 117 6.82 -9.77 -18.25
C LYS A 117 7.95 -10.75 -18.52
N ILE A 118 9.16 -10.34 -18.18
CA ILE A 118 10.33 -11.17 -18.37
C ILE A 118 11.36 -10.88 -17.28
N TYR A 119 11.43 -11.80 -16.32
CA TYR A 119 12.37 -11.65 -15.22
C TYR A 119 13.59 -12.55 -15.41
N LYS A 120 14.74 -11.91 -15.60
CA LYS A 120 15.98 -12.64 -15.79
C LYS A 120 15.72 -13.84 -16.69
N GLY A 1 38.99 2.94 13.56
CA GLY A 1 37.76 2.58 14.22
C GLY A 1 36.65 3.59 13.91
N SER A 2 35.48 3.33 14.47
CA SER A 2 34.34 4.20 14.26
C SER A 2 33.12 3.66 14.99
N SER A 3 32.41 4.55 15.67
CA SER A 3 31.22 4.18 16.41
C SER A 3 30.55 5.41 17.01
N GLY A 4 29.34 5.22 17.48
CA GLY A 4 28.58 6.31 18.08
C GLY A 4 27.56 5.78 19.08
N SER A 5 26.96 6.71 19.81
CA SER A 5 25.96 6.36 20.81
C SER A 5 24.84 7.41 20.82
N SER A 6 23.74 7.04 21.46
CA SER A 6 22.60 7.93 21.56
C SER A 6 21.89 7.72 22.89
N GLY A 7 21.53 8.84 23.51
CA GLY A 7 20.84 8.80 24.80
C GLY A 7 19.47 9.46 24.71
N ALA A 8 19.47 10.78 24.85
CA ALA A 8 18.24 11.55 24.79
C ALA A 8 17.33 11.14 25.94
N SER A 9 16.54 12.09 26.41
CA SER A 9 15.62 11.84 27.50
C SER A 9 14.18 11.77 26.97
N ILE A 10 13.84 12.73 26.13
CA ILE A 10 12.51 12.79 25.56
C ILE A 10 12.61 13.03 24.05
N ASP A 11 11.79 12.30 23.31
CA ASP A 11 11.79 12.44 21.86
C ASP A 11 10.81 11.43 21.27
N ILE A 12 10.23 11.79 20.13
CA ILE A 12 9.28 10.94 19.46
C ILE A 12 8.40 10.24 20.50
N GLN A 13 7.35 10.93 20.91
CA GLN A 13 6.44 10.38 21.90
C GLN A 13 5.00 10.41 21.35
N ILE A 14 4.20 9.49 21.87
CA ILE A 14 2.82 9.39 21.45
C ILE A 14 2.71 9.70 19.95
N ILE A 15 2.86 8.64 19.17
CA ILE A 15 2.78 8.77 17.72
C ILE A 15 1.41 8.31 17.24
N ASP A 16 0.50 9.28 17.15
CA ASP A 16 -0.85 8.99 16.70
C ASP A 16 -0.91 9.04 15.18
N ARG A 17 -1.48 8.00 14.60
CA ARG A 17 -1.60 7.90 13.16
C ARG A 17 -0.22 8.00 12.50
N PRO A 18 0.23 6.83 11.96
CA PRO A 18 1.53 6.75 11.31
C PRO A 18 1.48 7.42 9.94
N GLY A 19 0.26 7.63 9.45
CA GLY A 19 0.08 8.25 8.16
C GLY A 19 0.12 7.21 7.03
N PRO A 20 0.09 7.72 5.78
CA PRO A 20 0.12 6.85 4.61
C PRO A 20 1.52 6.28 4.39
N PRO A 21 1.61 5.35 3.40
CA PRO A 21 2.88 4.72 3.08
C PRO A 21 3.78 5.68 2.30
N GLN A 22 5.08 5.42 2.40
CA GLN A 22 6.06 6.25 1.72
C GLN A 22 5.66 6.43 0.24
N ILE A 23 5.48 5.31 -0.43
CA ILE A 23 5.10 5.34 -1.83
C ILE A 23 4.35 4.04 -2.18
N VAL A 24 3.65 4.08 -3.30
CA VAL A 24 2.89 2.93 -3.76
C VAL A 24 3.03 2.80 -5.27
N LYS A 25 3.66 1.69 -5.68
CA LYS A 25 3.86 1.43 -7.10
C LYS A 25 3.30 0.05 -7.44
N ILE A 26 3.23 -0.23 -8.74
CA ILE A 26 2.72 -1.50 -9.21
C ILE A 26 3.86 -2.29 -9.86
N GLU A 27 4.30 -3.31 -9.13
CA GLU A 27 5.38 -4.16 -9.62
C GLU A 27 5.16 -4.51 -11.09
N ASP A 28 3.91 -4.84 -11.41
CA ASP A 28 3.55 -5.19 -12.77
C ASP A 28 2.12 -5.72 -12.79
N VAL A 29 1.66 -6.03 -14.00
CA VAL A 29 0.30 -6.53 -14.18
C VAL A 29 0.28 -7.52 -15.35
N TRP A 30 -0.16 -8.73 -15.06
CA TRP A 30 -0.24 -9.76 -16.07
C TRP A 30 -1.64 -10.38 -16.02
N GLY A 31 -2.11 -10.80 -17.18
CA GLY A 31 -3.43 -11.40 -17.28
C GLY A 31 -4.42 -10.71 -16.34
N GLU A 32 -4.98 -11.51 -15.44
CA GLU A 32 -5.95 -10.99 -14.49
C GLU A 32 -5.32 -10.93 -13.10
N ASN A 33 -4.07 -10.50 -13.06
CA ASN A 33 -3.35 -10.39 -11.80
C ASN A 33 -2.51 -9.12 -11.82
N VAL A 34 -2.62 -8.36 -10.74
CA VAL A 34 -1.87 -7.11 -10.61
C VAL A 34 -0.88 -7.24 -9.46
N ALA A 35 0.26 -6.59 -9.62
CA ALA A 35 1.30 -6.61 -8.61
C ALA A 35 1.46 -5.21 -8.00
N LEU A 36 1.24 -5.13 -6.70
CA LEU A 36 1.36 -3.87 -6.00
C LEU A 36 2.66 -3.86 -5.19
N THR A 37 3.19 -2.65 -5.01
CA THR A 37 4.42 -2.48 -4.27
C THR A 37 4.44 -1.12 -3.56
N TRP A 38 4.30 -1.19 -2.24
CA TRP A 38 4.30 0.02 -1.43
C TRP A 38 5.47 -0.06 -0.46
N THR A 39 5.94 1.12 -0.05
CA THR A 39 7.05 1.19 0.87
C THR A 39 6.54 1.35 2.31
N PRO A 40 7.44 1.03 3.28
CA PRO A 40 7.09 1.13 4.69
C PRO A 40 7.07 2.59 5.15
N PRO A 41 6.53 2.80 6.38
CA PRO A 41 6.44 4.13 6.94
C PRO A 41 7.80 4.62 7.42
N LYS A 42 8.09 5.88 7.11
CA LYS A 42 9.35 6.48 7.51
C LYS A 42 9.40 6.63 9.03
N ASP A 43 8.24 6.39 9.65
CA ASP A 43 8.14 6.49 11.10
C ASP A 43 7.81 5.12 11.67
N ASP A 44 8.27 4.90 12.90
CA ASP A 44 8.04 3.64 13.58
C ASP A 44 8.64 3.69 14.98
N GLY A 45 7.76 3.76 15.97
CA GLY A 45 8.18 3.82 17.35
C GLY A 45 7.01 3.56 18.30
N ASN A 46 5.94 4.29 18.06
CA ASN A 46 4.74 4.15 18.89
C ASN A 46 3.74 3.25 18.17
N ALA A 47 3.65 2.03 18.66
CA ALA A 47 2.73 1.05 18.08
C ALA A 47 3.18 0.72 16.65
N ALA A 48 4.30 0.02 16.57
CA ALA A 48 4.85 -0.37 15.28
C ALA A 48 3.71 -0.84 14.37
N ILE A 49 3.76 -0.38 13.13
CA ILE A 49 2.75 -0.75 12.16
C ILE A 49 2.67 -2.28 12.06
N THR A 50 1.53 -2.80 12.49
CA THR A 50 1.31 -4.24 12.46
C THR A 50 1.19 -4.73 11.02
N GLY A 51 0.20 -4.17 10.32
CA GLY A 51 -0.04 -4.54 8.94
C GLY A 51 -0.54 -3.35 8.13
N TYR A 52 -0.88 -3.62 6.89
CA TYR A 52 -1.38 -2.58 6.00
C TYR A 52 -2.66 -3.03 5.28
N THR A 53 -3.62 -2.12 5.22
CA THR A 53 -4.89 -2.41 4.57
C THR A 53 -4.80 -2.10 3.07
N ILE A 54 -5.43 -2.95 2.29
CA ILE A 54 -5.44 -2.78 0.84
C ILE A 54 -6.89 -2.70 0.35
N GLN A 55 -7.09 -1.82 -0.62
CA GLN A 55 -8.42 -1.64 -1.19
C GLN A 55 -8.33 -1.44 -2.71
N LYS A 56 -9.37 -1.85 -3.39
CA LYS A 56 -9.42 -1.72 -4.84
C LYS A 56 -10.64 -0.89 -5.23
N ALA A 57 -10.57 -0.32 -6.44
CA ALA A 57 -11.66 0.50 -6.93
C ALA A 57 -11.60 0.53 -8.47
N ASP A 58 -12.75 0.82 -9.06
CA ASP A 58 -12.85 0.90 -10.51
C ASP A 58 -12.82 2.36 -10.95
N LYS A 59 -12.76 2.54 -12.26
CA LYS A 59 -12.74 3.88 -12.83
C LYS A 59 -14.15 4.28 -13.27
N LYS A 60 -15.12 3.58 -12.72
CA LYS A 60 -16.51 3.85 -13.05
C LYS A 60 -17.29 4.13 -11.76
N SER A 61 -16.92 3.40 -10.71
CA SER A 61 -17.57 3.57 -9.42
C SER A 61 -16.56 4.06 -8.38
N MET A 62 -15.32 3.66 -8.58
CA MET A 62 -14.25 4.06 -7.67
C MET A 62 -14.50 3.53 -6.27
N GLU A 63 -15.41 2.56 -6.18
CA GLU A 63 -15.76 1.97 -4.91
C GLU A 63 -14.53 1.30 -4.29
N TRP A 64 -14.19 1.75 -3.08
CA TRP A 64 -13.05 1.22 -2.37
C TRP A 64 -13.53 0.04 -1.50
N PHE A 65 -13.01 -1.13 -1.81
CA PHE A 65 -13.38 -2.33 -1.07
C PHE A 65 -12.17 -2.91 -0.34
N THR A 66 -12.40 -3.28 0.91
CA THR A 66 -11.34 -3.85 1.73
C THR A 66 -10.85 -5.16 1.11
N VAL A 67 -9.58 -5.16 0.73
CA VAL A 67 -8.97 -6.34 0.13
C VAL A 67 -8.40 -7.23 1.23
N ILE A 68 -7.65 -6.61 2.12
CA ILE A 68 -7.03 -7.33 3.23
C ILE A 68 -6.81 -6.37 4.39
N GLU A 69 -6.57 -6.95 5.56
CA GLU A 69 -6.33 -6.17 6.76
C GLU A 69 -5.23 -6.79 7.59
N HIS A 70 -4.52 -5.94 8.32
CA HIS A 70 -3.43 -6.39 9.16
C HIS A 70 -2.57 -7.41 8.40
N TYR A 71 -1.91 -6.91 7.36
CA TYR A 71 -1.06 -7.75 6.54
C TYR A 71 0.34 -7.88 7.15
N HIS A 72 1.22 -8.53 6.40
CA HIS A 72 2.58 -8.73 6.86
C HIS A 72 3.55 -8.06 5.87
N ARG A 73 3.71 -8.70 4.72
CA ARG A 73 4.59 -8.19 3.68
C ARG A 73 4.11 -6.82 3.21
N THR A 74 4.77 -6.32 2.17
CA THR A 74 4.43 -5.03 1.62
C THR A 74 3.89 -5.19 0.20
N SER A 75 3.93 -6.42 -0.29
CA SER A 75 3.45 -6.72 -1.63
C SER A 75 2.35 -7.80 -1.57
N ALA A 76 1.37 -7.64 -2.44
CA ALA A 76 0.27 -8.58 -2.50
C ALA A 76 -0.29 -8.61 -3.92
N THR A 77 -0.42 -9.82 -4.44
CA THR A 77 -0.94 -10.01 -5.79
C THR A 77 -2.46 -9.83 -5.80
N ILE A 78 -2.94 -9.14 -6.81
CA ILE A 78 -4.37 -8.90 -6.95
C ILE A 78 -4.95 -9.88 -7.98
N THR A 79 -6.27 -10.03 -7.92
CA THR A 79 -6.96 -10.93 -8.84
C THR A 79 -8.27 -10.31 -9.30
N GLU A 80 -9.02 -11.09 -10.06
CA GLU A 80 -10.30 -10.64 -10.58
C GLU A 80 -10.15 -9.28 -11.27
N LEU A 81 -9.54 -9.32 -12.46
CA LEU A 81 -9.32 -8.11 -13.23
C LEU A 81 -9.62 -8.39 -14.70
N VAL A 82 -10.51 -7.58 -15.25
CA VAL A 82 -10.89 -7.72 -16.64
C VAL A 82 -9.81 -7.10 -17.53
N ILE A 83 -9.61 -7.72 -18.69
CA ILE A 83 -8.61 -7.25 -19.63
C ILE A 83 -9.23 -6.19 -20.54
N GLY A 84 -8.98 -4.94 -20.20
CA GLY A 84 -9.50 -3.82 -20.98
C GLY A 84 -9.87 -2.65 -20.07
N ASN A 85 -10.14 -2.98 -18.81
CA ASN A 85 -10.50 -1.96 -17.84
C ASN A 85 -9.32 -1.70 -16.91
N GLU A 86 -9.40 -0.59 -16.18
CA GLU A 86 -8.35 -0.22 -15.26
C GLU A 86 -8.92 -0.04 -13.85
N TYR A 87 -8.04 -0.16 -12.88
CA TYR A 87 -8.43 0.00 -11.48
C TYR A 87 -7.39 0.79 -10.69
N TYR A 88 -7.77 1.18 -9.49
CA TYR A 88 -6.89 1.95 -8.63
C TYR A 88 -6.61 1.19 -7.32
N PHE A 89 -5.50 1.56 -6.69
CA PHE A 89 -5.12 0.93 -5.44
C PHE A 89 -4.65 1.97 -4.42
N ARG A 90 -4.96 1.71 -3.16
CA ARG A 90 -4.57 2.61 -2.10
C ARG A 90 -4.19 1.83 -0.85
N VAL A 91 -2.94 1.98 -0.44
CA VAL A 91 -2.44 1.30 0.74
C VAL A 91 -2.48 2.25 1.94
N PHE A 92 -2.90 1.71 3.07
CA PHE A 92 -2.97 2.50 4.29
C PHE A 92 -2.04 1.95 5.37
N SER A 93 -1.97 2.67 6.48
CA SER A 93 -1.12 2.26 7.59
C SER A 93 -1.97 1.92 8.81
N GLU A 94 -1.70 0.76 9.37
CA GLU A 94 -2.44 0.31 10.54
C GLU A 94 -1.48 0.07 11.71
N ASN A 95 -2.05 0.07 12.91
CA ASN A 95 -1.26 -0.13 14.12
C ASN A 95 -2.19 -0.22 15.32
N MET A 96 -2.84 0.91 15.61
CA MET A 96 -3.76 0.98 16.73
C MET A 96 -4.88 1.98 16.46
N CYS A 97 -4.48 3.20 16.12
CA CYS A 97 -5.43 4.26 15.82
C CYS A 97 -6.47 3.70 14.85
N GLY A 98 -6.00 3.34 13.67
CA GLY A 98 -6.89 2.79 12.65
C GLY A 98 -6.24 2.86 11.27
N LEU A 99 -7.00 3.38 10.32
CA LEU A 99 -6.50 3.51 8.96
C LEU A 99 -6.05 4.95 8.71
N SER A 100 -4.94 5.08 8.01
CA SER A 100 -4.39 6.39 7.70
C SER A 100 -5.44 7.24 6.98
N GLU A 101 -5.75 8.37 7.60
CA GLU A 101 -6.74 9.28 7.03
C GLU A 101 -6.59 9.33 5.51
N ASP A 102 -5.36 9.53 5.07
CA ASP A 102 -5.07 9.60 3.65
C ASP A 102 -4.27 8.37 3.22
N ALA A 103 -4.48 7.97 1.97
CA ALA A 103 -3.78 6.82 1.44
C ALA A 103 -3.01 7.23 0.18
N THR A 104 -1.81 6.67 0.06
CA THR A 104 -0.96 6.97 -1.08
C THR A 104 -1.35 6.11 -2.28
N MET A 105 -2.06 6.74 -3.21
CA MET A 105 -2.51 6.04 -4.40
C MET A 105 -1.39 5.97 -5.45
N THR A 106 -1.31 4.82 -6.10
CA THR A 106 -0.30 4.61 -7.12
C THR A 106 -0.22 5.83 -8.05
N LYS A 107 0.98 6.38 -8.15
CA LYS A 107 1.20 7.53 -9.00
C LYS A 107 0.46 7.34 -10.32
N GLU A 108 0.42 6.09 -10.77
CA GLU A 108 -0.27 5.76 -12.01
C GLU A 108 -1.27 4.64 -11.77
N SER A 109 -2.15 4.45 -12.76
CA SER A 109 -3.16 3.42 -12.68
C SER A 109 -2.66 2.14 -13.33
N ALA A 110 -3.44 1.08 -13.18
CA ALA A 110 -3.09 -0.21 -13.74
C ALA A 110 -4.09 -0.58 -14.83
N VAL A 111 -3.58 -0.67 -16.05
CA VAL A 111 -4.42 -1.02 -17.18
C VAL A 111 -4.14 -2.46 -17.60
N ILE A 112 -5.12 -3.32 -17.33
CA ILE A 112 -4.99 -4.73 -17.67
C ILE A 112 -4.77 -4.87 -19.17
N ALA A 113 -3.64 -5.47 -19.52
CA ALA A 113 -3.29 -5.67 -20.91
C ALA A 113 -2.88 -7.14 -21.12
N ARG A 114 -3.06 -7.92 -20.07
CA ARG A 114 -2.71 -9.33 -20.13
C ARG A 114 -1.22 -9.50 -20.44
N ASP A 115 -0.48 -8.43 -20.20
CA ASP A 115 0.96 -8.45 -20.45
C ASP A 115 1.61 -7.31 -19.68
N GLY A 116 2.75 -7.62 -19.07
CA GLY A 116 3.49 -6.63 -18.31
C GLY A 116 4.86 -6.38 -18.92
N LYS A 117 5.43 -5.23 -18.56
CA LYS A 117 6.74 -4.86 -19.08
C LYS A 117 7.76 -4.92 -17.93
N ILE A 118 9.02 -4.73 -18.30
CA ILE A 118 10.10 -4.77 -17.33
C ILE A 118 10.96 -3.52 -17.49
N TYR A 119 10.86 -2.64 -16.51
CA TYR A 119 11.62 -1.40 -16.52
C TYR A 119 12.35 -1.19 -15.19
N LYS A 120 13.58 -0.71 -15.30
CA LYS A 120 14.39 -0.46 -14.13
C LYS A 120 13.63 0.46 -13.17
N GLY A 1 10.69 -12.22 8.81
CA GLY A 1 10.70 -11.00 9.59
C GLY A 1 12.11 -10.46 9.77
N SER A 2 12.37 -9.32 9.16
CA SER A 2 13.67 -8.69 9.24
C SER A 2 13.56 -7.20 8.91
N SER A 3 14.40 -6.42 9.57
CA SER A 3 14.41 -4.98 9.36
C SER A 3 15.69 -4.37 9.94
N GLY A 4 15.89 -3.10 9.64
CA GLY A 4 17.06 -2.39 10.13
C GLY A 4 17.22 -1.03 9.42
N SER A 5 18.47 -0.65 9.22
CA SER A 5 18.76 0.61 8.57
C SER A 5 18.22 1.78 9.41
N SER A 6 19.03 2.82 9.51
CA SER A 6 18.65 4.00 10.27
C SER A 6 19.69 5.09 10.12
N GLY A 7 19.27 6.32 10.37
CA GLY A 7 20.15 7.46 10.26
C GLY A 7 19.58 8.68 10.99
N ALA A 8 20.48 9.43 11.61
CA ALA A 8 20.08 10.61 12.36
C ALA A 8 19.10 10.22 13.46
N SER A 9 18.95 11.10 14.42
CA SER A 9 18.04 10.87 15.54
C SER A 9 17.94 12.11 16.41
N ILE A 10 16.97 12.96 16.07
CA ILE A 10 16.75 14.18 16.81
C ILE A 10 15.62 13.98 17.82
N ASP A 11 15.85 13.05 18.75
CA ASP A 11 14.86 12.76 19.76
C ASP A 11 13.47 12.74 19.13
N ILE A 12 13.27 11.76 18.26
CA ILE A 12 11.99 11.63 17.58
C ILE A 12 11.01 10.85 18.48
N GLN A 13 10.35 11.59 19.36
CA GLN A 13 9.40 11.00 20.27
C GLN A 13 7.96 11.20 19.76
N ILE A 14 7.03 10.52 20.42
CA ILE A 14 5.64 10.62 20.04
C ILE A 14 5.53 10.68 18.51
N ILE A 15 5.72 9.53 17.89
CA ILE A 15 5.65 9.45 16.44
C ILE A 15 4.19 9.51 16.00
N ASP A 16 3.32 8.99 16.86
CA ASP A 16 1.90 8.99 16.58
C ASP A 16 1.65 8.32 15.22
N ARG A 17 0.42 8.43 14.76
CA ARG A 17 0.05 7.84 13.48
C ARG A 17 1.18 8.00 12.48
N PRO A 18 1.53 6.86 11.81
CA PRO A 18 2.59 6.85 10.82
C PRO A 18 2.15 7.52 9.52
N GLY A 19 0.83 7.69 9.41
CA GLY A 19 0.26 8.32 8.22
C GLY A 19 0.35 7.37 7.02
N PRO A 20 0.41 7.99 5.81
CA PRO A 20 0.49 7.23 4.58
C PRO A 20 1.89 6.64 4.39
N PRO A 21 1.98 5.69 3.42
CA PRO A 21 3.25 5.05 3.13
C PRO A 21 4.18 5.99 2.35
N GLN A 22 5.43 5.58 2.25
CA GLN A 22 6.42 6.37 1.54
C GLN A 22 6.02 6.54 0.08
N ILE A 23 5.56 5.44 -0.50
CA ILE A 23 5.14 5.45 -1.90
C ILE A 23 4.40 4.15 -2.21
N VAL A 24 3.63 4.18 -3.29
CA VAL A 24 2.86 3.03 -3.70
C VAL A 24 2.98 2.86 -5.22
N LYS A 25 3.64 1.79 -5.62
CA LYS A 25 3.82 1.51 -7.04
C LYS A 25 3.22 0.14 -7.36
N ILE A 26 3.19 -0.16 -8.65
CA ILE A 26 2.65 -1.43 -9.11
C ILE A 26 3.76 -2.26 -9.74
N GLU A 27 4.13 -3.32 -9.03
CA GLU A 27 5.19 -4.21 -9.52
C GLU A 27 4.94 -4.57 -10.98
N ASP A 28 3.70 -4.92 -11.28
CA ASP A 28 3.34 -5.29 -12.63
C ASP A 28 1.88 -5.79 -12.64
N VAL A 29 1.43 -6.15 -13.84
CA VAL A 29 0.08 -6.64 -14.00
C VAL A 29 0.04 -7.68 -15.13
N TRP A 30 -0.56 -8.81 -14.82
CA TRP A 30 -0.66 -9.90 -15.79
C TRP A 30 -2.09 -10.44 -15.74
N GLY A 31 -2.53 -10.95 -16.88
CA GLY A 31 -3.87 -11.50 -16.99
C GLY A 31 -4.87 -10.67 -16.18
N GLU A 32 -5.48 -11.32 -15.20
CA GLU A 32 -6.46 -10.66 -14.35
C GLU A 32 -5.89 -10.48 -12.94
N ASN A 33 -4.59 -10.26 -12.87
CA ASN A 33 -3.92 -10.08 -11.60
C ASN A 33 -3.04 -8.84 -11.67
N VAL A 34 -2.86 -8.21 -10.51
CA VAL A 34 -2.05 -7.01 -10.43
C VAL A 34 -1.04 -7.15 -9.28
N ALA A 35 0.08 -6.47 -9.43
CA ALA A 35 1.13 -6.52 -8.42
C ALA A 35 1.36 -5.11 -7.85
N LEU A 36 1.12 -4.98 -6.56
CA LEU A 36 1.30 -3.71 -5.89
C LEU A 36 2.62 -3.71 -5.13
N THR A 37 3.19 -2.53 -4.97
CA THR A 37 4.45 -2.38 -4.26
C THR A 37 4.51 -1.01 -3.57
N TRP A 38 4.40 -1.06 -2.24
CA TRP A 38 4.44 0.15 -1.45
C TRP A 38 5.69 0.11 -0.58
N THR A 39 6.10 1.27 -0.10
CA THR A 39 7.27 1.37 0.75
C THR A 39 6.87 1.55 2.22
N PRO A 40 7.82 1.21 3.12
CA PRO A 40 7.57 1.34 4.55
C PRO A 40 7.61 2.79 5.00
N PRO A 41 7.16 3.03 6.26
CA PRO A 41 7.14 4.37 6.81
C PRO A 41 8.55 4.83 7.19
N LYS A 42 8.76 6.13 7.08
CA LYS A 42 10.06 6.71 7.40
C LYS A 42 10.20 6.81 8.92
N ASP A 43 9.10 6.51 9.61
CA ASP A 43 9.10 6.56 11.06
C ASP A 43 8.59 5.22 11.61
N ASP A 44 8.84 5.01 12.89
CA ASP A 44 8.42 3.79 13.55
C ASP A 44 8.94 3.77 14.98
N GLY A 45 8.01 3.95 15.91
CA GLY A 45 8.37 3.95 17.32
C GLY A 45 7.11 3.90 18.20
N ASN A 46 6.24 4.88 18.01
CA ASN A 46 5.01 4.95 18.77
C ASN A 46 3.92 4.14 18.05
N ALA A 47 3.68 2.95 18.57
CA ALA A 47 2.67 2.08 17.99
C ALA A 47 3.20 1.51 16.68
N ALA A 48 3.74 0.30 16.75
CA ALA A 48 4.27 -0.36 15.57
C ALA A 48 3.17 -0.52 14.53
N ILE A 49 3.56 -0.43 13.28
CA ILE A 49 2.62 -0.57 12.18
C ILE A 49 1.95 -1.94 12.25
N THR A 50 0.76 -1.96 12.83
CA THR A 50 0.01 -3.19 12.97
C THR A 50 0.06 -3.99 11.67
N GLY A 51 -0.14 -3.28 10.57
CA GLY A 51 -0.12 -3.90 9.25
C GLY A 51 -0.38 -2.87 8.16
N TYR A 52 -0.86 -3.36 7.03
CA TYR A 52 -1.16 -2.49 5.90
C TYR A 52 -2.41 -2.96 5.17
N THR A 53 -3.44 -2.12 5.22
CA THR A 53 -4.70 -2.44 4.56
C THR A 53 -4.63 -2.09 3.07
N ILE A 54 -5.10 -3.02 2.26
CA ILE A 54 -5.10 -2.82 0.82
C ILE A 54 -6.54 -2.79 0.31
N GLN A 55 -6.78 -1.91 -0.66
CA GLN A 55 -8.10 -1.77 -1.23
C GLN A 55 -8.00 -1.51 -2.74
N LYS A 56 -8.92 -2.12 -3.48
CA LYS A 56 -8.94 -1.97 -4.92
C LYS A 56 -10.22 -1.22 -5.33
N ALA A 57 -10.16 -0.62 -6.51
CA ALA A 57 -11.30 0.12 -7.03
C ALA A 57 -11.20 0.21 -8.55
N ASP A 58 -12.33 0.52 -9.17
CA ASP A 58 -12.38 0.63 -10.62
C ASP A 58 -12.76 2.07 -10.99
N LYS A 59 -12.79 2.32 -12.30
CA LYS A 59 -13.12 3.63 -12.80
C LYS A 59 -14.64 3.72 -13.02
N LYS A 60 -15.34 2.81 -12.38
CA LYS A 60 -16.80 2.77 -12.49
C LYS A 60 -17.40 3.86 -11.59
N SER A 61 -17.09 3.77 -10.31
CA SER A 61 -17.58 4.74 -9.35
C SER A 61 -16.59 4.93 -8.21
N MET A 62 -15.34 4.54 -8.49
CA MET A 62 -14.29 4.65 -7.50
C MET A 62 -14.64 3.88 -6.22
N GLU A 63 -15.30 2.75 -6.41
CA GLU A 63 -15.71 1.93 -5.29
C GLU A 63 -14.50 1.19 -4.71
N TRP A 64 -14.34 1.30 -3.40
CA TRP A 64 -13.24 0.66 -2.72
C TRP A 64 -13.80 -0.51 -1.91
N PHE A 65 -13.15 -1.65 -2.04
CA PHE A 65 -13.58 -2.84 -1.32
C PHE A 65 -12.40 -3.51 -0.62
N THR A 66 -12.49 -3.57 0.70
CA THR A 66 -11.44 -4.18 1.50
C THR A 66 -10.88 -5.41 0.79
N VAL A 67 -9.57 -5.39 0.58
CA VAL A 67 -8.91 -6.48 -0.09
C VAL A 67 -8.18 -7.35 0.96
N ILE A 68 -7.50 -6.68 1.86
CA ILE A 68 -6.76 -7.36 2.91
C ILE A 68 -6.60 -6.42 4.10
N GLU A 69 -6.83 -6.97 5.29
CA GLU A 69 -6.70 -6.19 6.51
C GLU A 69 -5.76 -6.89 7.49
N HIS A 70 -4.93 -6.09 8.13
CA HIS A 70 -3.98 -6.62 9.10
C HIS A 70 -2.96 -7.50 8.37
N TYR A 71 -2.32 -6.92 7.37
CA TYR A 71 -1.33 -7.64 6.60
C TYR A 71 0.04 -7.57 7.26
N HIS A 72 1.06 -7.92 6.49
CA HIS A 72 2.43 -7.91 7.00
C HIS A 72 3.37 -7.40 5.90
N ARG A 73 3.54 -8.24 4.89
CA ARG A 73 4.41 -7.89 3.77
C ARG A 73 4.06 -6.50 3.25
N THR A 74 4.88 -6.03 2.31
CA THR A 74 4.67 -4.72 1.72
C THR A 74 4.15 -4.87 0.28
N SER A 75 3.87 -6.11 -0.09
CA SER A 75 3.37 -6.39 -1.42
C SER A 75 2.26 -7.44 -1.35
N ALA A 76 1.31 -7.30 -2.26
CA ALA A 76 0.18 -8.23 -2.30
C ALA A 76 -0.35 -8.30 -3.74
N THR A 77 -0.57 -9.52 -4.19
CA THR A 77 -1.08 -9.74 -5.53
C THR A 77 -2.60 -9.58 -5.56
N ILE A 78 -3.05 -8.78 -6.51
CA ILE A 78 -4.49 -8.53 -6.66
C ILE A 78 -5.04 -9.42 -7.78
N THR A 79 -6.36 -9.50 -7.83
CA THR A 79 -7.03 -10.31 -8.83
C THR A 79 -8.44 -9.79 -9.07
N GLU A 80 -9.31 -10.70 -9.49
CA GLU A 80 -10.69 -10.35 -9.77
C GLU A 80 -10.76 -9.10 -10.65
N LEU A 81 -9.90 -9.07 -11.65
CA LEU A 81 -9.85 -7.95 -12.57
C LEU A 81 -10.43 -8.38 -13.92
N VAL A 82 -11.14 -7.45 -14.54
CA VAL A 82 -11.75 -7.71 -15.83
C VAL A 82 -10.95 -7.00 -16.92
N ILE A 83 -10.25 -7.81 -17.71
CA ILE A 83 -9.44 -7.27 -18.80
C ILE A 83 -10.23 -6.16 -19.51
N GLY A 84 -9.48 -5.19 -20.03
CA GLY A 84 -10.09 -4.08 -20.73
C GLY A 84 -10.70 -3.08 -19.76
N ASN A 85 -9.89 -2.65 -18.80
CA ASN A 85 -10.34 -1.70 -17.80
C ASN A 85 -9.16 -1.30 -16.92
N GLU A 86 -9.35 -0.20 -16.20
CA GLU A 86 -8.32 0.30 -15.31
C GLU A 86 -8.83 0.35 -13.86
N TYR A 87 -7.95 -0.01 -12.94
CA TYR A 87 -8.29 -0.01 -11.53
C TYR A 87 -7.26 0.76 -10.72
N TYR A 88 -7.71 1.24 -9.56
CA TYR A 88 -6.83 2.00 -8.68
C TYR A 88 -6.51 1.20 -7.41
N PHE A 89 -5.63 1.76 -6.60
CA PHE A 89 -5.23 1.11 -5.36
C PHE A 89 -4.63 2.13 -4.38
N ARG A 90 -4.94 1.92 -3.11
CA ARG A 90 -4.44 2.80 -2.07
C ARG A 90 -4.08 2.00 -0.81
N VAL A 91 -2.83 2.11 -0.42
CA VAL A 91 -2.35 1.40 0.75
C VAL A 91 -2.35 2.34 1.95
N PHE A 92 -2.90 1.84 3.05
CA PHE A 92 -2.98 2.63 4.27
C PHE A 92 -1.93 2.18 5.28
N SER A 93 -2.04 2.73 6.49
CA SER A 93 -1.10 2.41 7.54
C SER A 93 -1.87 2.02 8.82
N GLU A 94 -2.03 0.72 9.01
CA GLU A 94 -2.73 0.22 10.18
C GLU A 94 -1.89 0.43 11.44
N ASN A 95 -2.58 0.46 12.58
CA ASN A 95 -1.91 0.65 13.85
C ASN A 95 -2.96 0.81 14.95
N MET A 96 -2.47 1.10 16.15
CA MET A 96 -3.34 1.29 17.29
C MET A 96 -4.49 2.23 16.94
N CYS A 97 -4.15 3.31 16.25
CA CYS A 97 -5.14 4.30 15.85
C CYS A 97 -6.13 3.62 14.90
N GLY A 98 -5.69 3.44 13.66
CA GLY A 98 -6.52 2.82 12.65
C GLY A 98 -5.89 2.96 11.26
N LEU A 99 -6.67 3.53 10.36
CA LEU A 99 -6.21 3.73 9.00
C LEU A 99 -5.71 5.17 8.83
N SER A 100 -4.51 5.29 8.30
CA SER A 100 -3.91 6.60 8.10
C SER A 100 -4.93 7.55 7.49
N GLU A 101 -4.79 8.82 7.86
CA GLU A 101 -5.70 9.84 7.35
C GLU A 101 -6.00 9.61 5.87
N ASP A 102 -5.03 9.03 5.19
CA ASP A 102 -5.18 8.73 3.78
C ASP A 102 -4.13 7.71 3.35
N ALA A 103 -4.27 7.24 2.12
CA ALA A 103 -3.35 6.25 1.59
C ALA A 103 -2.75 6.77 0.27
N THR A 104 -1.50 6.40 0.04
CA THR A 104 -0.82 6.82 -1.17
C THR A 104 -1.34 6.03 -2.38
N MET A 105 -2.14 6.72 -3.18
CA MET A 105 -2.72 6.10 -4.36
C MET A 105 -1.72 6.12 -5.53
N THR A 106 -1.69 5.00 -6.24
CA THR A 106 -0.78 4.87 -7.38
C THR A 106 -0.92 6.07 -8.31
N LYS A 107 0.19 6.75 -8.51
CA LYS A 107 0.22 7.92 -9.38
C LYS A 107 -0.65 7.65 -10.60
N GLU A 108 -0.65 6.40 -11.03
CA GLU A 108 -1.42 5.99 -12.19
C GLU A 108 -2.24 4.74 -11.88
N SER A 109 -2.97 4.28 -12.89
CA SER A 109 -3.80 3.10 -12.73
C SER A 109 -3.18 1.92 -13.48
N ALA A 110 -3.69 0.73 -13.16
CA ALA A 110 -3.18 -0.47 -13.80
C ALA A 110 -4.12 -0.86 -14.95
N VAL A 111 -3.57 -0.84 -16.15
CA VAL A 111 -4.34 -1.17 -17.33
C VAL A 111 -4.06 -2.63 -17.71
N ILE A 112 -5.13 -3.41 -17.76
CA ILE A 112 -5.02 -4.82 -18.11
C ILE A 112 -4.79 -4.94 -19.62
N ALA A 113 -3.90 -5.86 -19.98
CA ALA A 113 -3.59 -6.08 -21.37
C ALA A 113 -3.61 -7.59 -21.65
N ARG A 114 -4.07 -8.34 -20.66
CA ARG A 114 -4.14 -9.79 -20.78
C ARG A 114 -2.96 -10.30 -21.61
N ASP A 115 -1.79 -10.27 -20.99
CA ASP A 115 -0.58 -10.73 -21.65
C ASP A 115 0.56 -10.81 -20.63
N GLY A 116 1.64 -11.44 -21.04
CA GLY A 116 2.80 -11.60 -20.18
C GLY A 116 3.95 -10.71 -20.64
N LYS A 117 3.84 -9.43 -20.33
CA LYS A 117 4.86 -8.47 -20.71
C LYS A 117 6.17 -8.81 -19.99
N ILE A 118 7.18 -8.01 -20.27
CA ILE A 118 8.49 -8.22 -19.66
C ILE A 118 8.51 -7.57 -18.28
N TYR A 119 9.70 -7.45 -17.72
CA TYR A 119 9.87 -6.84 -16.42
C TYR A 119 10.05 -5.32 -16.53
N LYS A 120 9.36 -4.75 -17.52
CA LYS A 120 9.43 -3.32 -17.74
C LYS A 120 8.30 -2.89 -18.67
N GLY A 1 15.09 -10.17 40.49
CA GLY A 1 15.59 -9.11 39.63
C GLY A 1 15.95 -7.86 40.45
N SER A 2 17.18 -7.41 40.27
CA SER A 2 17.67 -6.25 40.98
C SER A 2 18.66 -5.48 40.10
N SER A 3 18.23 -4.31 39.65
CA SER A 3 19.08 -3.48 38.81
C SER A 3 18.39 -2.12 38.57
N GLY A 4 19.22 -1.08 38.57
CA GLY A 4 18.71 0.26 38.36
C GLY A 4 19.73 1.11 37.59
N SER A 5 19.49 1.21 36.28
CA SER A 5 20.37 1.99 35.44
C SER A 5 19.81 2.04 34.01
N SER A 6 18.82 2.90 33.82
CA SER A 6 18.20 3.05 32.53
C SER A 6 17.14 4.16 32.57
N GLY A 7 16.81 4.67 31.40
CA GLY A 7 15.81 5.73 31.30
C GLY A 7 16.42 6.99 30.69
N ALA A 8 15.86 7.40 29.56
CA ALA A 8 16.33 8.58 28.88
C ALA A 8 15.44 8.84 27.66
N SER A 9 14.98 10.09 27.56
CA SER A 9 14.12 10.48 26.46
C SER A 9 14.97 11.12 25.35
N ILE A 10 14.86 10.55 24.16
CA ILE A 10 15.60 11.05 23.02
C ILE A 10 14.66 11.89 22.14
N ASP A 11 14.79 13.20 22.29
CA ASP A 11 13.95 14.11 21.52
C ASP A 11 12.48 13.85 21.84
N ILE A 12 11.67 14.88 21.66
CA ILE A 12 10.25 14.78 21.91
C ILE A 12 9.62 13.86 20.86
N GLN A 13 9.74 12.56 21.11
CA GLN A 13 9.20 11.57 20.20
C GLN A 13 8.36 10.55 20.97
N ILE A 14 7.05 10.62 20.74
CA ILE A 14 6.13 9.71 21.41
C ILE A 14 5.30 8.97 20.35
N ILE A 15 4.07 8.65 20.74
CA ILE A 15 3.18 7.94 19.84
C ILE A 15 2.50 8.95 18.91
N ASP A 16 2.05 8.44 17.77
CA ASP A 16 1.39 9.27 16.78
C ASP A 16 1.11 8.45 15.53
N ARG A 17 -0.04 8.72 14.92
CA ARG A 17 -0.43 8.02 13.72
C ARG A 17 0.77 7.79 12.80
N PRO A 18 0.85 6.57 12.22
CA PRO A 18 1.94 6.22 11.33
C PRO A 18 1.78 6.89 9.97
N GLY A 19 0.56 7.37 9.72
CA GLY A 19 0.27 8.03 8.47
C GLY A 19 0.27 7.04 7.30
N PRO A 20 0.17 7.60 6.07
CA PRO A 20 0.16 6.77 4.87
C PRO A 20 1.56 6.25 4.55
N PRO A 21 1.62 5.36 3.52
CA PRO A 21 2.88 4.78 3.12
C PRO A 21 3.73 5.79 2.34
N GLN A 22 5.01 5.47 2.21
CA GLN A 22 5.93 6.34 1.50
C GLN A 22 5.48 6.51 0.05
N ILE A 23 5.35 5.38 -0.64
CA ILE A 23 4.93 5.39 -2.03
C ILE A 23 4.22 4.08 -2.35
N VAL A 24 3.41 4.11 -3.40
CA VAL A 24 2.67 2.95 -3.82
C VAL A 24 2.70 2.84 -5.35
N LYS A 25 3.34 1.78 -5.83
CA LYS A 25 3.45 1.56 -7.26
C LYS A 25 2.95 0.15 -7.60
N ILE A 26 2.91 -0.14 -8.89
CA ILE A 26 2.46 -1.44 -9.34
C ILE A 26 3.62 -2.16 -10.02
N GLU A 27 4.12 -3.18 -9.33
CA GLU A 27 5.23 -3.96 -9.85
C GLU A 27 5.00 -4.31 -11.32
N ASP A 28 3.80 -4.79 -11.60
CA ASP A 28 3.43 -5.16 -12.95
C ASP A 28 2.00 -5.73 -12.96
N VAL A 29 1.54 -6.06 -14.15
CA VAL A 29 0.21 -6.61 -14.31
C VAL A 29 0.21 -7.64 -15.43
N TRP A 30 -0.20 -8.86 -15.09
CA TRP A 30 -0.25 -9.93 -16.07
C TRP A 30 -1.65 -10.54 -16.03
N GLY A 31 -2.22 -10.70 -17.22
CA GLY A 31 -3.56 -11.25 -17.33
C GLY A 31 -4.52 -10.62 -16.33
N GLU A 32 -4.99 -11.45 -15.41
CA GLU A 32 -5.90 -10.99 -14.39
C GLU A 32 -5.20 -10.95 -13.03
N ASN A 33 -3.92 -10.63 -13.07
CA ASN A 33 -3.13 -10.55 -11.86
C ASN A 33 -2.30 -9.25 -11.88
N VAL A 34 -2.39 -8.53 -10.78
CA VAL A 34 -1.67 -7.27 -10.65
C VAL A 34 -0.65 -7.38 -9.49
N ALA A 35 0.45 -6.66 -9.65
CA ALA A 35 1.48 -6.67 -8.64
C ALA A 35 1.63 -5.26 -8.06
N LEU A 36 1.32 -5.14 -6.78
CA LEU A 36 1.43 -3.86 -6.10
C LEU A 36 2.74 -3.80 -5.31
N THR A 37 3.22 -2.58 -5.13
CA THR A 37 4.46 -2.37 -4.41
C THR A 37 4.45 -1.02 -3.70
N TRP A 38 4.30 -1.08 -2.38
CA TRP A 38 4.27 0.13 -1.57
C TRP A 38 5.45 0.10 -0.61
N THR A 39 5.94 1.28 -0.27
CA THR A 39 7.08 1.40 0.63
C THR A 39 6.59 1.64 2.06
N PRO A 40 7.47 1.28 3.02
CA PRO A 40 7.16 1.45 4.43
C PRO A 40 7.24 2.93 4.85
N PRO A 41 6.81 3.20 6.10
CA PRO A 41 6.83 4.55 6.63
C PRO A 41 8.26 4.98 6.99
N LYS A 42 8.49 6.28 6.94
CA LYS A 42 9.80 6.82 7.27
C LYS A 42 9.94 6.92 8.79
N ASP A 43 8.84 6.68 9.47
CA ASP A 43 8.83 6.73 10.93
C ASP A 43 8.97 5.32 11.49
N ASP A 44 7.88 4.58 11.43
CA ASP A 44 7.86 3.22 11.93
C ASP A 44 8.55 3.18 13.30
N GLY A 45 7.82 3.61 14.31
CA GLY A 45 8.34 3.63 15.66
C GLY A 45 7.27 4.10 16.65
N ASN A 46 6.60 5.19 16.29
CA ASN A 46 5.56 5.75 17.13
C ASN A 46 4.46 4.71 17.33
N ALA A 47 3.88 4.29 16.23
CA ALA A 47 2.82 3.30 16.27
C ALA A 47 3.24 2.05 15.49
N ALA A 48 3.61 1.02 16.23
CA ALA A 48 4.04 -0.23 15.61
C ALA A 48 3.09 -0.58 14.47
N ILE A 49 3.64 -0.55 13.25
CA ILE A 49 2.86 -0.87 12.07
C ILE A 49 2.51 -2.36 12.09
N THR A 50 1.33 -2.64 12.63
CA THR A 50 0.86 -4.02 12.70
C THR A 50 0.87 -4.66 11.31
N GLY A 51 0.29 -3.94 10.36
CA GLY A 51 0.22 -4.43 8.99
C GLY A 51 -0.10 -3.30 8.02
N TYR A 52 -0.80 -3.65 6.96
CA TYR A 52 -1.18 -2.68 5.95
C TYR A 52 -2.44 -3.13 5.20
N THR A 53 -3.45 -2.27 5.24
CA THR A 53 -4.71 -2.57 4.58
C THR A 53 -4.66 -2.10 3.12
N ILE A 54 -5.06 -3.00 2.23
CA ILE A 54 -5.06 -2.70 0.81
C ILE A 54 -6.50 -2.69 0.31
N GLN A 55 -6.78 -1.74 -0.58
CA GLN A 55 -8.11 -1.61 -1.15
C GLN A 55 -8.03 -1.11 -2.59
N LYS A 56 -8.88 -1.66 -3.43
CA LYS A 56 -8.91 -1.28 -4.83
C LYS A 56 -10.25 -0.60 -5.13
N ALA A 57 -10.31 0.01 -6.30
CA ALA A 57 -11.53 0.71 -6.72
C ALA A 57 -11.52 0.83 -8.25
N ASP A 58 -12.60 0.35 -8.85
CA ASP A 58 -12.74 0.40 -10.30
C ASP A 58 -12.85 1.86 -10.74
N LYS A 59 -12.67 2.06 -12.04
CA LYS A 59 -12.76 3.41 -12.61
C LYS A 59 -14.18 3.67 -13.09
N LYS A 60 -15.11 2.95 -12.48
CA LYS A 60 -16.52 3.10 -12.83
C LYS A 60 -17.21 3.98 -11.80
N SER A 61 -16.92 3.70 -10.54
CA SER A 61 -17.50 4.45 -9.44
C SER A 61 -16.43 4.82 -8.43
N MET A 62 -15.19 4.55 -8.80
CA MET A 62 -14.06 4.85 -7.93
C MET A 62 -14.42 4.61 -6.46
N GLU A 63 -15.04 3.46 -6.23
CA GLU A 63 -15.44 3.10 -4.88
C GLU A 63 -14.40 2.18 -4.25
N TRP A 64 -14.17 2.39 -2.96
CA TRP A 64 -13.20 1.59 -2.22
C TRP A 64 -13.97 0.64 -1.31
N PHE A 65 -13.50 -0.59 -1.26
CA PHE A 65 -14.13 -1.60 -0.43
C PHE A 65 -13.14 -2.19 0.59
N THR A 66 -12.41 -3.20 0.14
CA THR A 66 -11.42 -3.84 1.00
C THR A 66 -10.82 -5.06 0.30
N VAL A 67 -9.55 -4.95 -0.03
CA VAL A 67 -8.85 -6.03 -0.70
C VAL A 67 -8.26 -6.98 0.35
N ILE A 68 -7.61 -6.38 1.33
CA ILE A 68 -7.00 -7.16 2.40
C ILE A 68 -6.94 -6.31 3.68
N GLU A 69 -6.87 -7.00 4.81
CA GLU A 69 -6.81 -6.33 6.09
C GLU A 69 -5.72 -6.95 6.97
N HIS A 70 -5.05 -6.10 7.72
CA HIS A 70 -3.98 -6.55 8.59
C HIS A 70 -3.10 -7.56 7.86
N TYR A 71 -2.32 -7.05 6.92
CA TYR A 71 -1.43 -7.89 6.14
C TYR A 71 -0.08 -8.06 6.85
N HIS A 72 0.93 -8.36 6.04
CA HIS A 72 2.27 -8.56 6.58
C HIS A 72 3.29 -8.00 5.60
N ARG A 73 3.45 -8.69 4.48
CA ARG A 73 4.39 -8.27 3.46
C ARG A 73 4.08 -6.84 3.00
N THR A 74 4.77 -6.42 1.95
CA THR A 74 4.59 -5.09 1.42
C THR A 74 4.05 -5.17 -0.02
N SER A 75 3.86 -6.39 -0.49
CA SER A 75 3.35 -6.61 -1.82
C SER A 75 2.23 -7.66 -1.79
N ALA A 76 1.24 -7.43 -2.64
CA ALA A 76 0.11 -8.35 -2.72
C ALA A 76 -0.40 -8.40 -4.17
N THR A 77 -0.84 -9.59 -4.55
CA THR A 77 -1.35 -9.79 -5.90
C THR A 77 -2.87 -9.63 -5.92
N ILE A 78 -3.34 -8.92 -6.93
CA ILE A 78 -4.78 -8.70 -7.09
C ILE A 78 -5.34 -9.71 -8.08
N THR A 79 -6.55 -10.16 -7.79
CA THR A 79 -7.22 -11.13 -8.65
C THR A 79 -8.57 -10.58 -9.11
N GLU A 80 -9.18 -11.32 -10.04
CA GLU A 80 -10.47 -10.92 -10.57
C GLU A 80 -10.36 -9.55 -11.24
N LEU A 81 -9.61 -9.49 -12.32
CA LEU A 81 -9.41 -8.26 -13.05
C LEU A 81 -9.68 -8.50 -14.54
N VAL A 82 -10.55 -7.67 -15.09
CA VAL A 82 -10.90 -7.78 -16.50
C VAL A 82 -9.80 -7.14 -17.35
N ILE A 83 -9.49 -7.79 -18.46
CA ILE A 83 -8.46 -7.29 -19.36
C ILE A 83 -9.06 -6.21 -20.27
N GLY A 84 -8.79 -4.97 -19.91
CA GLY A 84 -9.28 -3.84 -20.69
C GLY A 84 -9.67 -2.69 -19.77
N ASN A 85 -10.04 -3.04 -18.55
CA ASN A 85 -10.44 -2.05 -17.57
C ASN A 85 -9.26 -1.74 -16.63
N GLU A 86 -9.28 -0.55 -16.07
CA GLU A 86 -8.23 -0.13 -15.15
C GLU A 86 -8.76 -0.09 -13.73
N TYR A 87 -7.84 -0.27 -12.79
CA TYR A 87 -8.18 -0.26 -11.38
C TYR A 87 -7.13 0.50 -10.55
N TYR A 88 -7.57 1.02 -9.42
CA TYR A 88 -6.69 1.76 -8.55
C TYR A 88 -6.39 0.97 -7.28
N PHE A 89 -5.46 1.50 -6.49
CA PHE A 89 -5.07 0.85 -5.25
C PHE A 89 -4.52 1.87 -4.24
N ARG A 90 -4.86 1.65 -2.98
CA ARG A 90 -4.41 2.53 -1.93
C ARG A 90 -4.05 1.73 -0.67
N VAL A 91 -2.80 1.84 -0.27
CA VAL A 91 -2.32 1.13 0.91
C VAL A 91 -2.35 2.07 2.11
N PHE A 92 -2.72 1.50 3.25
CA PHE A 92 -2.80 2.28 4.48
C PHE A 92 -1.74 1.82 5.49
N SER A 93 -1.86 2.36 6.70
CA SER A 93 -0.92 2.01 7.74
C SER A 93 -1.68 1.58 9.01
N GLU A 94 -1.80 0.27 9.17
CA GLU A 94 -2.50 -0.28 10.32
C GLU A 94 -1.66 -0.09 11.59
N ASN A 95 -2.36 -0.08 12.71
CA ASN A 95 -1.69 0.10 13.99
C ASN A 95 -2.74 0.15 15.11
N MET A 96 -2.26 0.38 16.32
CA MET A 96 -3.15 0.46 17.47
C MET A 96 -4.19 1.57 17.29
N CYS A 97 -3.81 2.56 16.48
CA CYS A 97 -4.70 3.69 16.22
C CYS A 97 -5.81 3.21 15.27
N GLY A 98 -5.40 2.89 14.06
CA GLY A 98 -6.35 2.42 13.05
C GLY A 98 -5.73 2.47 11.65
N LEU A 99 -6.49 3.03 10.73
CA LEU A 99 -6.03 3.14 9.35
C LEU A 99 -5.59 4.58 9.09
N SER A 100 -4.44 4.70 8.43
CA SER A 100 -3.90 6.01 8.11
C SER A 100 -5.01 6.92 7.59
N GLU A 101 -4.99 8.16 8.08
CA GLU A 101 -5.99 9.14 7.67
C GLU A 101 -6.29 9.00 6.18
N ASP A 102 -5.25 8.77 5.41
CA ASP A 102 -5.39 8.61 3.97
C ASP A 102 -4.50 7.47 3.49
N ALA A 103 -4.66 7.12 2.22
CA ALA A 103 -3.87 6.05 1.64
C ALA A 103 -3.28 6.53 0.31
N THR A 104 -1.98 6.31 0.17
CA THR A 104 -1.27 6.72 -1.04
C THR A 104 -1.75 5.88 -2.23
N MET A 105 -2.62 6.50 -3.02
CA MET A 105 -3.17 5.83 -4.20
C MET A 105 -2.18 5.89 -5.36
N THR A 106 -2.26 4.88 -6.22
CA THR A 106 -1.39 4.81 -7.38
C THR A 106 -1.92 5.69 -8.50
N LYS A 107 -1.29 6.85 -8.64
CA LYS A 107 -1.69 7.79 -9.68
C LYS A 107 -1.45 7.16 -11.06
N GLU A 108 -0.56 6.19 -11.08
CA GLU A 108 -0.23 5.50 -12.31
C GLU A 108 -1.32 4.48 -12.66
N SER A 109 -1.86 3.87 -11.61
CA SER A 109 -2.91 2.88 -11.79
C SER A 109 -2.35 1.65 -12.52
N ALA A 110 -3.17 0.61 -12.58
CA ALA A 110 -2.76 -0.62 -13.24
C ALA A 110 -3.74 -0.91 -14.38
N VAL A 111 -3.21 -0.89 -15.59
CA VAL A 111 -4.01 -1.15 -16.77
C VAL A 111 -3.91 -2.63 -17.14
N ILE A 112 -4.95 -3.37 -16.79
CA ILE A 112 -5.00 -4.78 -17.08
C ILE A 112 -4.70 -5.02 -18.57
N ALA A 113 -4.06 -6.13 -18.84
CA ALA A 113 -3.70 -6.49 -20.20
C ALA A 113 -2.89 -7.78 -20.21
N ARG A 114 -3.18 -8.62 -21.18
CA ARG A 114 -2.48 -9.90 -21.31
C ARG A 114 -1.11 -9.69 -21.94
N ASP A 115 -0.34 -8.80 -21.33
CA ASP A 115 1.00 -8.50 -21.82
C ASP A 115 2.03 -9.27 -20.98
N GLY A 116 3.29 -9.09 -21.35
CA GLY A 116 4.37 -9.76 -20.65
C GLY A 116 5.37 -10.37 -21.64
N LYS A 117 5.72 -9.58 -22.64
CA LYS A 117 6.67 -10.02 -23.66
C LYS A 117 7.59 -8.86 -24.03
N ILE A 118 8.82 -8.95 -23.56
CA ILE A 118 9.81 -7.92 -23.84
C ILE A 118 9.30 -6.58 -23.32
N TYR A 119 10.23 -5.79 -22.79
CA TYR A 119 9.89 -4.49 -22.25
C TYR A 119 10.89 -3.43 -22.71
N LYS A 120 10.36 -2.40 -23.35
CA LYS A 120 11.18 -1.31 -23.85
C LYS A 120 12.26 -1.88 -24.78
N GLY A 1 27.52 9.08 -0.68
CA GLY A 1 26.66 8.07 -0.10
C GLY A 1 25.80 8.65 1.02
N SER A 2 24.89 7.83 1.50
CA SER A 2 23.99 8.25 2.57
C SER A 2 23.62 7.05 3.45
N SER A 3 24.45 6.83 4.47
CA SER A 3 24.23 5.72 5.38
C SER A 3 25.22 5.79 6.53
N GLY A 4 24.78 5.31 7.69
CA GLY A 4 25.62 5.30 8.87
C GLY A 4 24.81 5.68 10.12
N SER A 5 23.95 4.76 10.52
CA SER A 5 23.11 4.99 11.70
C SER A 5 22.98 3.69 12.49
N SER A 6 22.44 3.84 13.70
CA SER A 6 22.25 2.69 14.57
C SER A 6 21.56 3.12 15.87
N GLY A 7 20.77 2.21 16.41
CA GLY A 7 20.05 2.49 17.64
C GLY A 7 18.56 2.71 17.37
N ALA A 8 18.03 3.76 17.98
CA ALA A 8 16.62 4.09 17.81
C ALA A 8 16.49 5.61 17.64
N SER A 9 15.35 6.00 17.09
CA SER A 9 15.08 7.41 16.85
C SER A 9 13.82 7.83 17.63
N ILE A 10 14.06 8.61 18.68
CA ILE A 10 12.96 9.09 19.50
C ILE A 10 12.84 10.61 19.35
N ASP A 11 12.37 11.03 18.19
CA ASP A 11 12.20 12.45 17.92
C ASP A 11 10.90 12.66 17.13
N ILE A 12 10.21 13.74 17.48
CA ILE A 12 8.97 14.07 16.82
C ILE A 12 8.18 12.79 16.54
N GLN A 13 7.54 12.29 17.60
CA GLN A 13 6.75 11.07 17.49
C GLN A 13 5.26 11.41 17.41
N ILE A 14 4.68 11.09 16.26
CA ILE A 14 3.27 11.36 16.03
C ILE A 14 2.44 10.26 16.73
N ILE A 15 2.22 10.47 18.02
CA ILE A 15 1.45 9.51 18.81
C ILE A 15 0.09 9.30 18.15
N ASP A 16 -0.45 10.39 17.60
CA ASP A 16 -1.74 10.33 16.94
C ASP A 16 -1.67 9.34 15.78
N ARG A 17 -2.80 9.19 15.10
CA ARG A 17 -2.89 8.28 13.98
C ARG A 17 -1.70 8.50 13.02
N PRO A 18 -1.24 7.37 12.41
CA PRO A 18 -0.13 7.43 11.49
C PRO A 18 -0.55 8.03 10.15
N GLY A 19 0.44 8.23 9.29
CA GLY A 19 0.17 8.80 7.97
C GLY A 19 0.20 7.71 6.90
N PRO A 20 0.27 8.17 5.62
CA PRO A 20 0.31 7.25 4.49
C PRO A 20 1.69 6.59 4.36
N PRO A 21 1.76 5.60 3.43
CA PRO A 21 3.01 4.89 3.21
C PRO A 21 4.00 5.75 2.43
N GLN A 22 5.28 5.42 2.59
CA GLN A 22 6.33 6.15 1.92
C GLN A 22 5.98 6.36 0.44
N ILE A 23 5.47 5.29 -0.16
CA ILE A 23 5.08 5.34 -1.57
C ILE A 23 4.33 4.05 -1.92
N VAL A 24 3.64 4.10 -3.05
CA VAL A 24 2.89 2.94 -3.52
C VAL A 24 3.05 2.84 -5.05
N LYS A 25 3.61 1.70 -5.47
CA LYS A 25 3.81 1.45 -6.88
C LYS A 25 3.22 0.09 -7.25
N ILE A 26 3.17 -0.17 -8.55
CA ILE A 26 2.63 -1.43 -9.04
C ILE A 26 3.75 -2.21 -9.74
N GLU A 27 4.24 -3.22 -9.04
CA GLU A 27 5.31 -4.05 -9.58
C GLU A 27 5.08 -4.30 -11.07
N ASP A 28 3.85 -4.66 -11.40
CA ASP A 28 3.48 -4.94 -12.77
C ASP A 28 2.06 -5.52 -12.82
N VAL A 29 1.60 -5.79 -14.04
CA VAL A 29 0.27 -6.35 -14.22
C VAL A 29 0.29 -7.25 -15.46
N TRP A 30 -0.08 -8.51 -15.24
CA TRP A 30 -0.12 -9.48 -16.32
C TRP A 30 -1.48 -10.17 -16.29
N GLY A 31 -1.90 -10.65 -17.45
CA GLY A 31 -3.17 -11.33 -17.56
C GLY A 31 -4.22 -10.70 -16.64
N GLU A 32 -4.73 -11.52 -15.73
CA GLU A 32 -5.74 -11.06 -14.79
C GLU A 32 -5.17 -11.00 -13.38
N ASN A 33 -3.95 -10.46 -13.29
CA ASN A 33 -3.28 -10.35 -12.01
C ASN A 33 -2.48 -9.05 -11.98
N VAL A 34 -2.57 -8.37 -10.83
CA VAL A 34 -1.86 -7.11 -10.65
C VAL A 34 -0.84 -7.26 -9.52
N ALA A 35 0.26 -6.55 -9.66
CA ALA A 35 1.31 -6.59 -8.66
C ALA A 35 1.48 -5.20 -8.04
N LEU A 36 1.22 -5.13 -6.74
CA LEU A 36 1.33 -3.88 -6.02
C LEU A 36 2.61 -3.89 -5.19
N THR A 37 3.13 -2.69 -4.94
CA THR A 37 4.36 -2.55 -4.17
C THR A 37 4.35 -1.22 -3.42
N TRP A 38 4.23 -1.30 -2.11
CA TRP A 38 4.21 -0.12 -1.27
C TRP A 38 5.41 -0.20 -0.31
N THR A 39 5.91 0.97 0.06
CA THR A 39 7.03 1.04 0.97
C THR A 39 6.55 1.24 2.40
N PRO A 40 7.45 0.92 3.37
CA PRO A 40 7.12 1.05 4.78
C PRO A 40 7.16 2.53 5.21
N PRO A 41 6.58 2.78 6.41
CA PRO A 41 6.54 4.14 6.94
C PRO A 41 7.90 4.56 7.47
N LYS A 42 8.26 5.80 7.17
CA LYS A 42 9.53 6.35 7.61
C LYS A 42 9.40 6.84 9.06
N ASP A 43 8.17 6.86 9.54
CA ASP A 43 7.90 7.30 10.89
C ASP A 43 8.14 6.14 11.86
N ASP A 44 7.11 5.33 12.02
CA ASP A 44 7.19 4.19 12.92
C ASP A 44 7.87 4.60 14.21
N GLY A 45 7.23 5.51 14.93
CA GLY A 45 7.77 5.99 16.19
C GLY A 45 6.68 6.08 17.25
N ASN A 46 6.00 4.95 17.46
CA ASN A 46 4.93 4.88 18.44
C ASN A 46 4.28 3.51 18.39
N ALA A 47 4.17 2.99 17.17
CA ALA A 47 3.56 1.69 16.96
C ALA A 47 4.53 0.80 16.16
N ALA A 48 4.07 -0.40 15.87
CA ALA A 48 4.87 -1.35 15.11
C ALA A 48 4.16 -1.69 13.80
N ILE A 49 3.18 -0.85 13.47
CA ILE A 49 2.41 -1.05 12.24
C ILE A 49 2.01 -2.51 12.14
N THR A 50 0.96 -2.86 12.87
CA THR A 50 0.46 -4.22 12.87
C THR A 50 0.52 -4.82 11.46
N GLY A 51 0.07 -4.02 10.49
CA GLY A 51 0.07 -4.44 9.10
C GLY A 51 -0.26 -3.29 8.17
N TYR A 52 -0.69 -3.63 6.97
CA TYR A 52 -1.05 -2.63 5.98
C TYR A 52 -2.34 -3.00 5.25
N THR A 53 -3.30 -2.10 5.34
CA THR A 53 -4.59 -2.33 4.70
C THR A 53 -4.52 -1.97 3.21
N ILE A 54 -5.42 -2.57 2.45
CA ILE A 54 -5.48 -2.33 1.02
C ILE A 54 -6.93 -2.09 0.60
N GLN A 55 -7.08 -1.40 -0.52
CA GLN A 55 -8.40 -1.11 -1.05
C GLN A 55 -8.33 -0.85 -2.55
N LYS A 56 -9.22 -1.51 -3.28
CA LYS A 56 -9.27 -1.37 -4.72
C LYS A 56 -10.63 -0.79 -5.12
N ALA A 57 -10.65 -0.16 -6.30
CA ALA A 57 -11.87 0.44 -6.79
C ALA A 57 -11.80 0.51 -8.32
N ASP A 58 -12.95 0.32 -8.95
CA ASP A 58 -13.03 0.36 -10.40
C ASP A 58 -13.22 1.81 -10.85
N LYS A 59 -13.00 2.03 -12.13
CA LYS A 59 -13.13 3.36 -12.71
C LYS A 59 -14.56 3.53 -13.25
N LYS A 60 -15.47 2.78 -12.65
CA LYS A 60 -16.87 2.85 -13.05
C LYS A 60 -17.72 3.30 -11.87
N SER A 61 -17.38 2.78 -10.70
CA SER A 61 -18.10 3.11 -9.49
C SER A 61 -17.16 3.80 -8.49
N MET A 62 -15.87 3.54 -8.66
CA MET A 62 -14.87 4.12 -7.79
C MET A 62 -15.08 3.69 -6.34
N GLU A 63 -15.73 2.54 -6.18
CA GLU A 63 -16.01 2.01 -4.86
C GLU A 63 -14.77 1.33 -4.29
N TRP A 64 -14.53 1.56 -3.02
CA TRP A 64 -13.38 0.97 -2.34
C TRP A 64 -13.90 -0.12 -1.40
N PHE A 65 -13.30 -1.30 -1.52
CA PHE A 65 -13.69 -2.42 -0.69
C PHE A 65 -12.45 -3.14 -0.13
N THR A 66 -12.37 -3.16 1.20
CA THR A 66 -11.26 -3.81 1.86
C THR A 66 -10.86 -5.09 1.13
N VAL A 67 -9.63 -5.10 0.64
CA VAL A 67 -9.12 -6.25 -0.07
C VAL A 67 -8.36 -7.16 0.90
N ILE A 68 -7.68 -6.53 1.84
CA ILE A 68 -6.92 -7.26 2.84
C ILE A 68 -6.72 -6.39 4.07
N GLU A 69 -6.47 -7.05 5.20
CA GLU A 69 -6.26 -6.35 6.45
C GLU A 69 -5.21 -7.07 7.29
N HIS A 70 -4.55 -6.31 8.14
CA HIS A 70 -3.51 -6.85 9.00
C HIS A 70 -2.51 -7.65 8.16
N TYR A 71 -1.87 -6.96 7.24
CA TYR A 71 -0.88 -7.58 6.38
C TYR A 71 0.54 -7.25 6.82
N HIS A 72 1.30 -8.30 7.09
CA HIS A 72 2.68 -8.14 7.54
C HIS A 72 3.54 -7.67 6.35
N ARG A 73 3.54 -8.48 5.31
CA ARG A 73 4.32 -8.17 4.12
C ARG A 73 3.96 -6.77 3.61
N THR A 74 4.47 -6.45 2.43
CA THR A 74 4.22 -5.16 1.83
C THR A 74 3.91 -5.32 0.33
N SER A 75 3.38 -6.49 0.00
CA SER A 75 3.03 -6.79 -1.38
C SER A 75 1.89 -7.80 -1.42
N ALA A 76 1.15 -7.76 -2.52
CA ALA A 76 0.02 -8.67 -2.71
C ALA A 76 -0.23 -8.86 -4.19
N THR A 77 -0.88 -9.98 -4.52
CA THR A 77 -1.19 -10.29 -5.89
C THR A 77 -2.71 -10.28 -6.11
N ILE A 78 -3.16 -9.24 -6.80
CA ILE A 78 -4.58 -9.09 -7.08
C ILE A 78 -4.96 -9.98 -8.27
N THR A 79 -6.24 -10.27 -8.36
CA THR A 79 -6.73 -11.12 -9.45
C THR A 79 -8.11 -10.62 -9.91
N GLU A 80 -8.86 -11.56 -10.49
CA GLU A 80 -10.20 -11.23 -10.98
C GLU A 80 -10.18 -9.89 -11.71
N LEU A 81 -9.19 -9.73 -12.58
CA LEU A 81 -9.06 -8.50 -13.35
C LEU A 81 -9.47 -8.76 -14.79
N VAL A 82 -10.17 -7.78 -15.36
CA VAL A 82 -10.63 -7.89 -16.73
C VAL A 82 -9.65 -7.16 -17.66
N ILE A 83 -9.40 -7.76 -18.80
CA ILE A 83 -8.49 -7.18 -19.77
C ILE A 83 -9.26 -6.18 -20.65
N GLY A 84 -9.06 -4.90 -20.33
CA GLY A 84 -9.73 -3.85 -21.06
C GLY A 84 -10.21 -2.75 -20.12
N ASN A 85 -10.20 -3.06 -18.84
CA ASN A 85 -10.63 -2.11 -17.83
C ASN A 85 -9.45 -1.76 -16.92
N GLU A 86 -9.54 -0.58 -16.31
CA GLU A 86 -8.49 -0.12 -15.43
C GLU A 86 -8.95 -0.21 -13.97
N TYR A 87 -7.98 -0.06 -13.07
CA TYR A 87 -8.27 -0.12 -11.65
C TYR A 87 -7.24 0.67 -10.84
N TYR A 88 -7.66 1.10 -9.66
CA TYR A 88 -6.79 1.88 -8.80
C TYR A 88 -6.40 1.06 -7.55
N PHE A 89 -5.48 1.62 -6.79
CA PHE A 89 -5.01 0.97 -5.58
C PHE A 89 -4.37 1.97 -4.62
N ARG A 90 -4.49 1.67 -3.33
CA ARG A 90 -3.95 2.54 -2.31
C ARG A 90 -3.71 1.76 -1.02
N VAL A 91 -2.51 1.93 -0.47
CA VAL A 91 -2.15 1.26 0.76
C VAL A 91 -2.20 2.23 1.93
N PHE A 92 -2.71 1.76 3.06
CA PHE A 92 -2.82 2.58 4.24
C PHE A 92 -1.72 2.23 5.25
N SER A 93 -1.88 2.78 6.45
CA SER A 93 -0.91 2.54 7.51
C SER A 93 -1.64 2.03 8.77
N GLU A 94 -1.80 0.72 8.83
CA GLU A 94 -2.46 0.10 9.96
C GLU A 94 -1.60 0.23 11.22
N ASN A 95 -2.28 0.45 12.34
CA ASN A 95 -1.60 0.59 13.61
C ASN A 95 -2.60 0.45 14.76
N MET A 96 -2.16 0.82 15.94
CA MET A 96 -3.01 0.74 17.12
C MET A 96 -4.29 1.55 16.93
N CYS A 97 -4.11 2.77 16.42
CA CYS A 97 -5.23 3.65 16.19
C CYS A 97 -6.18 2.98 15.18
N GLY A 98 -5.81 3.10 13.91
CA GLY A 98 -6.60 2.51 12.85
C GLY A 98 -5.92 2.70 11.48
N LEU A 99 -6.66 3.29 10.57
CA LEU A 99 -6.13 3.53 9.23
C LEU A 99 -5.73 5.00 9.09
N SER A 100 -4.94 5.28 8.07
CA SER A 100 -4.47 6.62 7.82
C SER A 100 -5.56 7.44 7.13
N GLU A 101 -5.72 8.67 7.59
CA GLU A 101 -6.72 9.56 7.04
C GLU A 101 -6.68 9.51 5.51
N ASP A 102 -5.47 9.33 4.99
CA ASP A 102 -5.28 9.27 3.55
C ASP A 102 -4.29 8.15 3.22
N ALA A 103 -4.38 7.67 1.99
CA ALA A 103 -3.50 6.60 1.53
C ALA A 103 -2.82 7.02 0.23
N THR A 104 -1.62 6.50 0.04
CA THR A 104 -0.85 6.81 -1.15
C THR A 104 -1.36 6.00 -2.34
N MET A 105 -2.12 6.65 -3.19
CA MET A 105 -2.68 6.00 -4.37
C MET A 105 -1.71 6.08 -5.54
N THR A 106 -1.54 4.95 -6.21
CA THR A 106 -0.64 4.89 -7.36
C THR A 106 -0.87 6.08 -8.28
N LYS A 107 0.20 6.84 -8.47
CA LYS A 107 0.14 8.03 -9.31
C LYS A 107 -0.72 7.71 -10.54
N GLU A 108 -0.69 6.46 -10.95
CA GLU A 108 -1.47 6.02 -12.10
C GLU A 108 -2.21 4.73 -11.78
N SER A 109 -3.03 4.30 -12.73
CA SER A 109 -3.80 3.08 -12.57
C SER A 109 -3.10 1.92 -13.28
N ALA A 110 -3.61 0.72 -13.03
CA ALA A 110 -3.05 -0.48 -13.63
C ALA A 110 -3.92 -0.90 -14.82
N VAL A 111 -3.33 -0.82 -16.01
CA VAL A 111 -4.04 -1.20 -17.21
C VAL A 111 -3.89 -2.69 -17.45
N ILE A 112 -5.00 -3.40 -17.27
CA ILE A 112 -5.01 -4.85 -17.45
C ILE A 112 -4.69 -5.16 -18.92
N ALA A 113 -3.94 -6.24 -19.10
CA ALA A 113 -3.56 -6.66 -20.44
C ALA A 113 -2.94 -8.07 -20.37
N ARG A 114 -2.71 -8.63 -21.54
CA ARG A 114 -2.14 -9.96 -21.63
C ARG A 114 -0.76 -9.91 -22.28
N ASP A 115 0.26 -9.96 -21.43
CA ASP A 115 1.64 -9.91 -21.91
C ASP A 115 2.54 -10.63 -20.91
N GLY A 116 3.48 -11.40 -21.45
CA GLY A 116 4.41 -12.14 -20.61
C GLY A 116 5.31 -11.19 -19.82
N LYS A 117 5.89 -11.72 -18.75
CA LYS A 117 6.77 -10.94 -17.91
C LYS A 117 8.18 -11.53 -17.96
N ILE A 118 9.15 -10.63 -18.03
CA ILE A 118 10.54 -11.03 -18.09
C ILE A 118 10.72 -12.09 -19.18
N TYR A 119 11.15 -11.62 -20.34
CA TYR A 119 11.36 -12.51 -21.48
C TYR A 119 12.81 -12.46 -21.95
N LYS A 120 13.60 -11.65 -21.27
CA LYS A 120 15.00 -11.49 -21.61
C LYS A 120 15.85 -12.31 -20.64
N GLY A 1 0.18 30.61 36.60
CA GLY A 1 0.14 29.87 35.36
C GLY A 1 1.11 28.70 35.38
N SER A 2 0.88 27.80 36.33
CA SER A 2 1.73 26.63 36.48
C SER A 2 3.17 27.07 36.77
N SER A 3 3.45 27.25 38.05
CA SER A 3 4.77 27.65 38.48
C SER A 3 5.80 26.58 38.12
N GLY A 4 6.54 26.84 37.06
CA GLY A 4 7.56 25.91 36.60
C GLY A 4 6.91 24.64 36.02
N SER A 5 6.85 23.62 36.87
CA SER A 5 6.27 22.35 36.45
C SER A 5 6.95 21.85 35.19
N SER A 6 8.09 21.18 35.39
CA SER A 6 8.84 20.64 34.28
C SER A 6 8.53 19.16 34.10
N GLY A 7 8.02 18.83 32.93
CA GLY A 7 7.67 17.45 32.62
C GLY A 7 6.34 17.37 31.86
N ALA A 8 5.29 17.08 32.62
CA ALA A 8 3.95 16.98 32.03
C ALA A 8 3.87 15.70 31.20
N SER A 9 4.39 15.79 29.98
CA SER A 9 4.38 14.65 29.07
C SER A 9 5.66 13.84 29.24
N ILE A 10 6.78 14.52 29.03
CA ILE A 10 8.08 13.87 29.16
C ILE A 10 8.25 12.87 28.01
N ASP A 11 9.12 13.24 27.07
CA ASP A 11 9.39 12.39 25.92
C ASP A 11 8.11 12.26 25.08
N ILE A 12 8.32 12.10 23.78
CA ILE A 12 7.20 11.97 22.86
C ILE A 12 6.66 10.55 22.93
N GLN A 13 5.79 10.32 23.91
CA GLN A 13 5.18 9.02 24.09
C GLN A 13 3.80 8.97 23.43
N ILE A 14 3.31 7.75 23.25
CA ILE A 14 2.01 7.55 22.63
C ILE A 14 1.83 8.57 21.50
N ILE A 15 2.26 8.18 20.31
CA ILE A 15 2.14 9.05 19.15
C ILE A 15 0.84 8.75 18.41
N ASP A 16 0.14 9.81 18.06
CA ASP A 16 -1.12 9.68 17.35
C ASP A 16 -0.97 8.69 16.21
N ARG A 17 -2.09 8.38 15.57
CA ARG A 17 -2.08 7.45 14.46
C ARG A 17 -0.91 7.75 13.52
N PRO A 18 -0.49 6.69 12.76
CA PRO A 18 0.61 6.84 11.83
C PRO A 18 0.17 7.61 10.57
N GLY A 19 0.97 7.48 9.53
CA GLY A 19 0.68 8.15 8.28
C GLY A 19 0.61 7.16 7.12
N PRO A 20 0.52 7.72 5.88
CA PRO A 20 0.45 6.88 4.69
C PRO A 20 1.81 6.27 4.37
N PRO A 21 1.80 5.37 3.34
CA PRO A 21 3.03 4.70 2.92
C PRO A 21 3.93 5.65 2.13
N GLN A 22 5.22 5.55 2.40
CA GLN A 22 6.19 6.39 1.72
C GLN A 22 5.80 6.58 0.26
N ILE A 23 5.55 5.45 -0.40
CA ILE A 23 5.17 5.48 -1.80
C ILE A 23 4.43 4.17 -2.14
N VAL A 24 3.70 4.22 -3.25
CA VAL A 24 2.95 3.07 -3.70
C VAL A 24 3.10 2.91 -5.21
N LYS A 25 3.68 1.78 -5.61
CA LYS A 25 3.89 1.51 -7.02
C LYS A 25 3.28 0.14 -7.36
N ILE A 26 3.24 -0.14 -8.66
CA ILE A 26 2.70 -1.40 -9.13
C ILE A 26 3.81 -2.23 -9.78
N GLU A 27 4.18 -3.29 -9.10
CA GLU A 27 5.22 -4.17 -9.59
C GLU A 27 4.99 -4.48 -11.07
N ASP A 28 3.73 -4.75 -11.40
CA ASP A 28 3.38 -5.06 -12.77
C ASP A 28 1.93 -5.57 -12.81
N VAL A 29 1.48 -5.89 -14.02
CA VAL A 29 0.13 -6.40 -14.20
C VAL A 29 0.12 -7.38 -15.37
N TRP A 30 -0.33 -8.60 -15.07
CA TRP A 30 -0.40 -9.64 -16.08
C TRP A 30 -1.76 -10.33 -15.97
N GLY A 31 -2.17 -10.95 -17.05
CA GLY A 31 -3.45 -11.65 -17.09
C GLY A 31 -4.52 -10.86 -16.33
N GLU A 32 -5.10 -11.51 -15.32
CA GLU A 32 -6.13 -10.89 -14.52
C GLU A 32 -5.64 -10.69 -13.08
N ASN A 33 -4.39 -10.24 -12.98
CA ASN A 33 -3.79 -10.00 -11.67
C ASN A 33 -2.93 -8.75 -11.73
N VAL A 34 -2.89 -8.04 -10.61
CA VAL A 34 -2.10 -6.82 -10.52
C VAL A 34 -1.10 -6.95 -9.37
N ALA A 35 0.11 -6.46 -9.64
CA ALA A 35 1.17 -6.52 -8.64
C ALA A 35 1.37 -5.12 -8.05
N LEU A 36 1.13 -5.03 -6.75
CA LEU A 36 1.28 -3.77 -6.05
C LEU A 36 2.58 -3.79 -5.24
N THR A 37 3.13 -2.60 -5.04
CA THR A 37 4.36 -2.47 -4.29
C THR A 37 4.41 -1.12 -3.56
N TRP A 38 4.29 -1.20 -2.24
CA TRP A 38 4.31 0.00 -1.41
C TRP A 38 5.51 -0.10 -0.48
N THR A 39 6.07 1.07 -0.16
CA THR A 39 7.22 1.12 0.72
C THR A 39 6.78 1.30 2.17
N PRO A 40 7.71 0.98 3.10
CA PRO A 40 7.42 1.08 4.51
C PRO A 40 7.45 2.55 4.97
N PRO A 41 6.74 2.81 6.09
CA PRO A 41 6.66 4.16 6.64
C PRO A 41 7.98 4.53 7.33
N LYS A 42 8.23 5.83 7.37
CA LYS A 42 9.44 6.34 8.01
C LYS A 42 9.14 6.69 9.47
N ASP A 43 7.89 7.07 9.71
CA ASP A 43 7.47 7.42 11.05
C ASP A 43 6.51 6.36 11.59
N ASP A 44 7.10 5.25 12.04
CA ASP A 44 6.32 4.15 12.57
C ASP A 44 5.18 4.71 13.43
N GLY A 45 5.51 5.72 14.23
CA GLY A 45 4.53 6.34 15.09
C GLY A 45 4.71 5.91 16.54
N ASN A 46 4.01 4.85 16.91
CA ASN A 46 4.09 4.33 18.26
C ASN A 46 3.22 3.08 18.38
N ALA A 47 3.22 2.30 17.30
CA ALA A 47 2.44 1.08 17.26
C ALA A 47 3.26 -0.03 16.61
N ALA A 48 4.55 0.24 16.46
CA ALA A 48 5.46 -0.72 15.85
C ALA A 48 4.91 -1.13 14.48
N ILE A 49 4.03 -0.29 13.95
CA ILE A 49 3.44 -0.55 12.66
C ILE A 49 2.87 -1.97 12.64
N THR A 50 1.65 -2.10 13.16
CA THR A 50 1.00 -3.40 13.21
C THR A 50 1.06 -4.08 11.84
N GLY A 51 0.45 -3.43 10.87
CA GLY A 51 0.43 -3.96 9.51
C GLY A 51 -0.02 -2.90 8.51
N TYR A 52 -0.53 -3.37 7.38
CA TYR A 52 -1.00 -2.47 6.33
C TYR A 52 -2.30 -2.98 5.72
N THR A 53 -3.11 -2.04 5.26
CA THR A 53 -4.38 -2.39 4.64
C THR A 53 -4.34 -2.10 3.14
N ILE A 54 -4.96 -3.00 2.39
CA ILE A 54 -5.00 -2.85 0.94
C ILE A 54 -6.45 -2.67 0.49
N GLN A 55 -6.62 -1.90 -0.58
CA GLN A 55 -7.94 -1.64 -1.11
C GLN A 55 -7.88 -1.46 -2.63
N LYS A 56 -8.78 -2.15 -3.32
CA LYS A 56 -8.83 -2.06 -4.77
C LYS A 56 -10.10 -1.33 -5.19
N ALA A 57 -10.04 -0.73 -6.37
CA ALA A 57 -11.18 0.01 -6.90
C ALA A 57 -11.16 -0.07 -8.43
N ASP A 58 -12.27 0.35 -9.02
CA ASP A 58 -12.39 0.33 -10.47
C ASP A 58 -12.76 1.74 -10.95
N LYS A 59 -12.83 1.88 -12.27
CA LYS A 59 -13.16 3.15 -12.88
C LYS A 59 -14.68 3.24 -13.07
N LYS A 60 -15.38 2.39 -12.33
CA LYS A 60 -16.84 2.37 -12.40
C LYS A 60 -17.40 3.51 -11.55
N SER A 61 -16.96 3.56 -10.31
CA SER A 61 -17.42 4.59 -9.39
C SER A 61 -16.38 4.81 -8.29
N MET A 62 -15.14 4.48 -8.62
CA MET A 62 -14.05 4.63 -7.67
C MET A 62 -14.40 3.97 -6.32
N GLU A 63 -15.08 2.85 -6.41
CA GLU A 63 -15.48 2.12 -5.22
C GLU A 63 -14.29 1.37 -4.63
N TRP A 64 -14.10 1.54 -3.34
CA TRP A 64 -13.00 0.88 -2.64
C TRP A 64 -13.57 -0.30 -1.85
N PHE A 65 -12.93 -1.45 -2.03
CA PHE A 65 -13.36 -2.66 -1.34
C PHE A 65 -12.21 -3.29 -0.57
N THR A 66 -12.28 -3.17 0.74
CA THR A 66 -11.26 -3.73 1.61
C THR A 66 -10.79 -5.09 1.08
N VAL A 67 -9.53 -5.11 0.64
CA VAL A 67 -8.96 -6.33 0.11
C VAL A 67 -8.43 -7.19 1.26
N ILE A 68 -7.79 -6.52 2.21
CA ILE A 68 -7.24 -7.21 3.37
C ILE A 68 -7.03 -6.21 4.49
N GLU A 69 -6.79 -6.74 5.68
CA GLU A 69 -6.56 -5.91 6.86
C GLU A 69 -5.44 -6.49 7.72
N HIS A 70 -4.68 -5.59 8.34
CA HIS A 70 -3.58 -5.99 9.19
C HIS A 70 -2.73 -7.03 8.46
N TYR A 71 -2.06 -6.57 7.41
CA TYR A 71 -1.21 -7.45 6.62
C TYR A 71 0.22 -7.43 7.14
N HIS A 72 1.06 -8.24 6.50
CA HIS A 72 2.45 -8.32 6.90
C HIS A 72 3.34 -7.80 5.77
N ARG A 73 3.35 -8.55 4.67
CA ARG A 73 4.15 -8.17 3.52
C ARG A 73 3.75 -6.77 3.04
N THR A 74 4.54 -6.27 2.09
CA THR A 74 4.29 -4.95 1.55
C THR A 74 3.81 -5.06 0.09
N SER A 75 3.51 -6.29 -0.30
CA SER A 75 3.05 -6.54 -1.65
C SER A 75 1.93 -7.59 -1.64
N ALA A 76 0.97 -7.41 -2.54
CA ALA A 76 -0.15 -8.32 -2.62
C ALA A 76 -0.69 -8.32 -4.05
N THR A 77 -0.95 -9.51 -4.57
CA THR A 77 -1.46 -9.65 -5.92
C THR A 77 -2.99 -9.60 -5.91
N ILE A 78 -3.52 -8.76 -6.79
CA ILE A 78 -4.97 -8.60 -6.89
C ILE A 78 -5.51 -9.57 -7.94
N THR A 79 -6.81 -9.79 -7.90
CA THR A 79 -7.45 -10.68 -8.84
C THR A 79 -8.76 -10.06 -9.35
N GLU A 80 -9.50 -10.86 -10.12
CA GLU A 80 -10.76 -10.40 -10.67
C GLU A 80 -10.56 -9.11 -11.46
N LEU A 81 -9.64 -9.18 -12.41
CA LEU A 81 -9.33 -8.02 -13.24
C LEU A 81 -9.65 -8.35 -14.70
N VAL A 82 -10.36 -7.44 -15.35
CA VAL A 82 -10.73 -7.62 -16.74
C VAL A 82 -9.68 -6.97 -17.63
N ILE A 83 -9.39 -7.65 -18.73
CA ILE A 83 -8.40 -7.15 -19.68
C ILE A 83 -9.06 -6.11 -20.59
N GLY A 84 -8.81 -4.85 -20.27
CA GLY A 84 -9.36 -3.76 -21.04
C GLY A 84 -9.74 -2.58 -20.14
N ASN A 85 -10.18 -2.91 -18.94
CA ASN A 85 -10.57 -1.89 -17.97
C ASN A 85 -9.39 -1.60 -17.05
N GLU A 86 -9.46 -0.45 -16.40
CA GLU A 86 -8.41 -0.03 -15.50
C GLU A 86 -8.87 -0.18 -14.05
N TYR A 87 -7.91 -0.07 -13.14
CA TYR A 87 -8.21 -0.19 -11.71
C TYR A 87 -7.21 0.60 -10.88
N TYR A 88 -7.68 1.05 -9.73
CA TYR A 88 -6.84 1.82 -8.82
C TYR A 88 -6.51 1.01 -7.56
N PHE A 89 -5.70 1.62 -6.70
CA PHE A 89 -5.31 0.99 -5.46
C PHE A 89 -4.82 2.01 -4.44
N ARG A 90 -4.91 1.63 -3.18
CA ARG A 90 -4.47 2.51 -2.10
C ARG A 90 -4.14 1.69 -0.85
N VAL A 91 -2.93 1.90 -0.35
CA VAL A 91 -2.48 1.18 0.84
C VAL A 91 -2.56 2.12 2.04
N PHE A 92 -3.20 1.61 3.09
CA PHE A 92 -3.36 2.39 4.31
C PHE A 92 -2.63 1.73 5.48
N SER A 93 -1.81 2.53 6.16
CA SER A 93 -1.05 2.04 7.29
C SER A 93 -1.99 1.71 8.45
N GLU A 94 -1.59 0.73 9.25
CA GLU A 94 -2.37 0.31 10.39
C GLU A 94 -1.51 0.25 11.64
N ASN A 95 -2.17 0.17 12.79
CA ASN A 95 -1.47 0.10 14.05
C ASN A 95 -2.41 -0.47 15.12
N MET A 96 -3.43 0.31 15.44
CA MET A 96 -4.40 -0.09 16.44
C MET A 96 -5.58 0.89 16.49
N CYS A 97 -5.25 2.17 16.35
CA CYS A 97 -6.26 3.21 16.38
C CYS A 97 -7.25 2.94 15.26
N GLY A 98 -6.72 2.82 14.05
CA GLY A 98 -7.55 2.56 12.89
C GLY A 98 -6.74 2.64 11.59
N LEU A 99 -7.35 3.21 10.57
CA LEU A 99 -6.70 3.34 9.28
C LEU A 99 -6.00 4.71 9.22
N SER A 100 -5.22 4.89 8.17
CA SER A 100 -4.50 6.14 7.97
C SER A 100 -5.43 7.21 7.41
N GLU A 101 -5.40 8.37 8.04
CA GLU A 101 -6.23 9.48 7.60
C GLU A 101 -6.11 9.68 6.09
N ASP A 102 -4.88 9.58 5.61
CA ASP A 102 -4.61 9.73 4.19
C ASP A 102 -3.95 8.47 3.65
N ALA A 103 -4.15 8.23 2.37
CA ALA A 103 -3.59 7.07 1.72
C ALA A 103 -2.86 7.50 0.44
N THR A 104 -1.78 6.79 0.15
CA THR A 104 -0.98 7.09 -1.03
C THR A 104 -1.41 6.19 -2.20
N MET A 105 -2.11 6.78 -3.15
CA MET A 105 -2.58 6.05 -4.31
C MET A 105 -1.54 6.08 -5.43
N THR A 106 -1.50 4.99 -6.18
CA THR A 106 -0.55 4.87 -7.28
C THR A 106 -0.67 6.08 -8.21
N LYS A 107 0.46 6.74 -8.41
CA LYS A 107 0.50 7.91 -9.27
C LYS A 107 -0.36 7.66 -10.51
N GLU A 108 -0.43 6.39 -10.88
CA GLU A 108 -1.22 6.00 -12.05
C GLU A 108 -1.94 4.68 -11.78
N SER A 109 -2.93 4.40 -12.62
CA SER A 109 -3.70 3.17 -12.49
C SER A 109 -2.99 2.02 -13.21
N ALA A 110 -3.53 0.83 -13.03
CA ALA A 110 -2.95 -0.35 -13.64
C ALA A 110 -3.86 -0.80 -14.81
N VAL A 111 -3.29 -0.76 -16.00
CA VAL A 111 -4.02 -1.15 -17.19
C VAL A 111 -3.87 -2.65 -17.40
N ILE A 112 -5.00 -3.34 -17.33
CA ILE A 112 -5.01 -4.79 -17.51
C ILE A 112 -4.73 -5.11 -18.98
N ALA A 113 -4.02 -6.21 -19.18
CA ALA A 113 -3.68 -6.65 -20.53
C ALA A 113 -2.94 -7.98 -20.45
N ARG A 114 -3.05 -8.74 -21.54
CA ARG A 114 -2.41 -10.04 -21.60
C ARG A 114 -1.17 -9.97 -22.50
N ASP A 115 -0.02 -9.77 -21.87
CA ASP A 115 1.24 -9.68 -22.59
C ASP A 115 2.40 -9.62 -21.59
N GLY A 116 3.60 -9.76 -22.12
CA GLY A 116 4.79 -9.73 -21.29
C GLY A 116 5.42 -8.33 -21.29
N LYS A 117 6.73 -8.31 -21.09
CA LYS A 117 7.45 -7.06 -21.05
C LYS A 117 8.69 -7.17 -21.96
N ILE A 118 9.10 -6.02 -22.49
CA ILE A 118 10.25 -5.98 -23.37
C ILE A 118 9.81 -6.24 -24.80
N TYR A 119 10.45 -5.52 -25.72
CA TYR A 119 10.12 -5.68 -27.13
C TYR A 119 11.24 -6.41 -27.88
N LYS A 120 12.05 -7.11 -27.11
CA LYS A 120 13.16 -7.86 -27.68
C LYS A 120 12.90 -9.35 -27.49
#